data_2FMB
# 
_entry.id   2FMB 
# 
_audit_conform.dict_name       mmcif_pdbx.dic 
_audit_conform.dict_version    5.392 
_audit_conform.dict_location   http://mmcif.pdb.org/dictionaries/ascii/mmcif_pdbx.dic 
# 
loop_
_database_2.database_id 
_database_2.database_code 
_database_2.pdbx_database_accession 
_database_2.pdbx_DOI 
PDB   2FMB         pdb_00002fmb 10.2210/pdb2fmb/pdb 
WWPDB D_1000178097 ?            ?                   
# 
loop_
_pdbx_audit_revision_history.ordinal 
_pdbx_audit_revision_history.data_content_type 
_pdbx_audit_revision_history.major_revision 
_pdbx_audit_revision_history.minor_revision 
_pdbx_audit_revision_history.revision_date 
1 'Structure model' 1 0 1999-01-13 
2 'Structure model' 1 1 2008-03-24 
3 'Structure model' 1 2 2011-07-13 
4 'Structure model' 1 3 2017-11-29 
5 'Structure model' 1 4 2021-11-03 
6 'Structure model' 1 5 2023-08-09 
7 'Structure model' 1 6 2024-05-29 
# 
_pdbx_audit_revision_details.ordinal             1 
_pdbx_audit_revision_details.revision_ordinal    1 
_pdbx_audit_revision_details.data_content_type   'Structure model' 
_pdbx_audit_revision_details.provider            repository 
_pdbx_audit_revision_details.type                'Initial release' 
_pdbx_audit_revision_details.description         ? 
_pdbx_audit_revision_details.details             ? 
# 
loop_
_pdbx_audit_revision_group.ordinal 
_pdbx_audit_revision_group.revision_ordinal 
_pdbx_audit_revision_group.data_content_type 
_pdbx_audit_revision_group.group 
1  2 'Structure model' 'Version format compliance' 
2  3 'Structure model' 'Atomic model'              
3  3 'Structure model' 'Derived calculations'      
4  3 'Structure model' 'Version format compliance' 
5  4 'Structure model' 'Derived calculations'      
6  4 'Structure model' Other                       
7  5 'Structure model' 'Database references'       
8  5 'Structure model' 'Derived calculations'      
9  6 'Structure model' 'Refinement description'    
10 7 'Structure model' 'Data collection'           
# 
loop_
_pdbx_audit_revision_category.ordinal 
_pdbx_audit_revision_category.revision_ordinal 
_pdbx_audit_revision_category.data_content_type 
_pdbx_audit_revision_category.category 
1 4 'Structure model' pdbx_database_status          
2 4 'Structure model' struct_conf                   
3 4 'Structure model' struct_conf_type              
4 5 'Structure model' database_2                    
5 5 'Structure model' struct_ref_seq_dif            
6 5 'Structure model' struct_site                   
7 6 'Structure model' pdbx_initial_refinement_model 
8 7 'Structure model' chem_comp_atom                
9 7 'Structure model' chem_comp_bond                
# 
loop_
_pdbx_audit_revision_item.ordinal 
_pdbx_audit_revision_item.revision_ordinal 
_pdbx_audit_revision_item.data_content_type 
_pdbx_audit_revision_item.item 
1 4 'Structure model' '_pdbx_database_status.process_site'  
2 5 'Structure model' '_database_2.pdbx_DOI'                
3 5 'Structure model' '_database_2.pdbx_database_accession' 
4 5 'Structure model' '_struct_ref_seq_dif.details'         
5 5 'Structure model' '_struct_site.pdbx_auth_asym_id'      
6 5 'Structure model' '_struct_site.pdbx_auth_comp_id'      
7 5 'Structure model' '_struct_site.pdbx_auth_seq_id'       
# 
_pdbx_database_status.status_code                     REL 
_pdbx_database_status.entry_id                        2FMB 
_pdbx_database_status.recvd_initial_deposition_date   1998-07-13 
_pdbx_database_status.deposit_site                    ? 
_pdbx_database_status.process_site                    BNL 
_pdbx_database_status.status_code_sf                  REL 
_pdbx_database_status.status_code_mr                  ? 
_pdbx_database_status.SG_entry                        ? 
_pdbx_database_status.pdb_format_compatible           Y 
_pdbx_database_status.status_code_cs                  ? 
_pdbx_database_status.methods_development_category    ? 
_pdbx_database_status.status_code_nmr_data            ? 
# 
loop_
_audit_author.name 
_audit_author.pdbx_ordinal 
'Kervinen, J.'  1 
'Lubkowski, J.' 2 
'Zdanov, A.'    3 
'Wlodawer, A.'  4 
'Gustchina, A.' 5 
# 
_citation.id                        primary 
_citation.title                     
;Toward a universal inhibitor of retroviral proteases: comparative analysis of the interactions of LP-130 complexed with proteases from HIV-1, FIV, and EIAV.
;
_citation.journal_abbrev            'Protein Sci.' 
_citation.journal_volume            7 
_citation.page_first                2314 
_citation.page_last                 2323 
_citation.year                      1998 
_citation.journal_id_ASTM           PRCIEI 
_citation.country                   US 
_citation.journal_id_ISSN           0961-8368 
_citation.journal_id_CSD            0795 
_citation.book_publisher            ? 
_citation.pdbx_database_id_PubMed   9827997 
_citation.pdbx_database_id_DOI      ? 
# 
loop_
_citation_author.citation_id 
_citation_author.name 
_citation_author.ordinal 
_citation_author.identifier_ORCID 
primary 'Kervinen, J.'  1  ? 
primary 'Lubkowski, J.' 2  ? 
primary 'Zdanov, A.'    3  ? 
primary 'Bhatt, D.'     4  ? 
primary 'Dunn, B.M.'    5  ? 
primary 'Hui, K.Y.'     6  ? 
primary 'Powell, D.J.'  7  ? 
primary 'Kay, J.'       8  ? 
primary 'Wlodawer, A.'  9  ? 
primary 'Gustchina, A.' 10 ? 
# 
loop_
_entity.id 
_entity.type 
_entity.src_method 
_entity.pdbx_description 
_entity.formula_weight 
_entity.pdbx_number_of_molecules 
_entity.pdbx_ec 
_entity.pdbx_mutation 
_entity.pdbx_fragment 
_entity.details 
1 polymer     man 'EQUINE INFECTIOUS ANEMIA VIRUS PROTEASE' 11392.265 1   3.4.23.16 I54G ? ? 
2 non-polymer syn 
;4-[2-(2-ACETYLAMINO-3-NAPHTALEN-1-YL-PROPIONYLAMINO)-4-METHYL-PENTANOYLAMINO]-3-HYDROXY-6-METHYL-HEPTANOIC ACID [1-(1-CARBAMOYL-2-NAPHTHALEN-1-YL-ETHYLCARBAMOYL)-PROPYL]-AMIDE
;
794.978   1   ?         ?    ? ? 
3 water       nat water 18.015    100 ?         ?    ? ? 
# 
_entity_name_com.entity_id   1 
_entity_name_com.name        'EIAV PR, RETROPEPSIN' 
# 
_entity_poly.entity_id                      1 
_entity_poly.type                           'polypeptide(L)' 
_entity_poly.nstd_linkage                   no 
_entity_poly.nstd_monomer                   no 
_entity_poly.pdbx_seq_one_letter_code       
;VTYNLEKRPTTIVLINDTPLNVLLDTGADTSVLTTAHYNRLKYRGRKYQGTGIGGVGGNVETFSTPVTIKKKGRHIKTRM
LVADIPVTILGRDILQDLGAKLVL
;
_entity_poly.pdbx_seq_one_letter_code_can   
;VTYNLEKRPTTIVLINDTPLNVLLDTGADTSVLTTAHYNRLKYRGRKYQGTGIGGVGGNVETFSTPVTIKKKGRHIKTRM
LVADIPVTILGRDILQDLGAKLVL
;
_entity_poly.pdbx_strand_id                 A 
_entity_poly.pdbx_target_identifier         ? 
# 
loop_
_pdbx_entity_nonpoly.entity_id 
_pdbx_entity_nonpoly.name 
_pdbx_entity_nonpoly.comp_id 
2 
;4-[2-(2-ACETYLAMINO-3-NAPHTALEN-1-YL-PROPIONYLAMINO)-4-METHYL-PENTANOYLAMINO]-3-HYDROXY-6-METHYL-HEPTANOIC ACID [1-(1-CARBAMOYL-2-NAPHTHALEN-1-YL-ETHYLCARBAMOYL)-PROPYL]-AMIDE
;
LP1 
3 water HOH 
# 
loop_
_entity_poly_seq.entity_id 
_entity_poly_seq.num 
_entity_poly_seq.mon_id 
_entity_poly_seq.hetero 
1 1   VAL n 
1 2   THR n 
1 3   TYR n 
1 4   ASN n 
1 5   LEU n 
1 6   GLU n 
1 7   LYS n 
1 8   ARG n 
1 9   PRO n 
1 10  THR n 
1 11  THR n 
1 12  ILE n 
1 13  VAL n 
1 14  LEU n 
1 15  ILE n 
1 16  ASN n 
1 17  ASP n 
1 18  THR n 
1 19  PRO n 
1 20  LEU n 
1 21  ASN n 
1 22  VAL n 
1 23  LEU n 
1 24  LEU n 
1 25  ASP n 
1 26  THR n 
1 27  GLY n 
1 28  ALA n 
1 29  ASP n 
1 30  THR n 
1 31  SER n 
1 32  VAL n 
1 33  LEU n 
1 34  THR n 
1 35  THR n 
1 36  ALA n 
1 37  HIS n 
1 38  TYR n 
1 39  ASN n 
1 40  ARG n 
1 41  LEU n 
1 42  LYS n 
1 43  TYR n 
1 44  ARG n 
1 45  GLY n 
1 46  ARG n 
1 47  LYS n 
1 48  TYR n 
1 49  GLN n 
1 50  GLY n 
1 51  THR n 
1 52  GLY n 
1 53  ILE n 
1 54  GLY n 
1 55  GLY n 
1 56  VAL n 
1 57  GLY n 
1 58  GLY n 
1 59  ASN n 
1 60  VAL n 
1 61  GLU n 
1 62  THR n 
1 63  PHE n 
1 64  SER n 
1 65  THR n 
1 66  PRO n 
1 67  VAL n 
1 68  THR n 
1 69  ILE n 
1 70  LYS n 
1 71  LYS n 
1 72  LYS n 
1 73  GLY n 
1 74  ARG n 
1 75  HIS n 
1 76  ILE n 
1 77  LYS n 
1 78  THR n 
1 79  ARG n 
1 80  MET n 
1 81  LEU n 
1 82  VAL n 
1 83  ALA n 
1 84  ASP n 
1 85  ILE n 
1 86  PRO n 
1 87  VAL n 
1 88  THR n 
1 89  ILE n 
1 90  LEU n 
1 91  GLY n 
1 92  ARG n 
1 93  ASP n 
1 94  ILE n 
1 95  LEU n 
1 96  GLN n 
1 97  ASP n 
1 98  LEU n 
1 99  GLY n 
1 100 ALA n 
1 101 LYS n 
1 102 LEU n 
1 103 VAL n 
1 104 LEU n 
# 
_entity_src_gen.entity_id                          1 
_entity_src_gen.pdbx_src_id                        1 
_entity_src_gen.pdbx_alt_source_flag               sample 
_entity_src_gen.pdbx_seq_type                      ? 
_entity_src_gen.pdbx_beg_seq_num                   ? 
_entity_src_gen.pdbx_end_seq_num                   ? 
_entity_src_gen.gene_src_common_name               ? 
_entity_src_gen.gene_src_genus                     Lentivirus 
_entity_src_gen.pdbx_gene_src_gene                 ? 
_entity_src_gen.gene_src_species                   ? 
_entity_src_gen.gene_src_strain                    ? 
_entity_src_gen.gene_src_tissue                    ? 
_entity_src_gen.gene_src_tissue_fraction           ? 
_entity_src_gen.gene_src_details                   ? 
_entity_src_gen.pdbx_gene_src_fragment             ? 
_entity_src_gen.pdbx_gene_src_scientific_name      'Equine infectious anemia virus' 
_entity_src_gen.pdbx_gene_src_ncbi_taxonomy_id     11665 
_entity_src_gen.pdbx_gene_src_variant              ? 
_entity_src_gen.pdbx_gene_src_cell_line            ? 
_entity_src_gen.pdbx_gene_src_atcc                 ? 
_entity_src_gen.pdbx_gene_src_organ                ? 
_entity_src_gen.pdbx_gene_src_organelle            ? 
_entity_src_gen.pdbx_gene_src_cell                 ? 
_entity_src_gen.pdbx_gene_src_cellular_location    ? 
_entity_src_gen.host_org_common_name               ? 
_entity_src_gen.pdbx_host_org_scientific_name      'Escherichia coli' 
_entity_src_gen.pdbx_host_org_ncbi_taxonomy_id     562 
_entity_src_gen.host_org_genus                     Escherichia 
_entity_src_gen.pdbx_host_org_gene                 ? 
_entity_src_gen.pdbx_host_org_organ                ? 
_entity_src_gen.host_org_species                   ? 
_entity_src_gen.pdbx_host_org_tissue               ? 
_entity_src_gen.pdbx_host_org_tissue_fraction      ? 
_entity_src_gen.pdbx_host_org_strain               PV 
_entity_src_gen.pdbx_host_org_variant              ? 
_entity_src_gen.pdbx_host_org_cell_line            ? 
_entity_src_gen.pdbx_host_org_atcc                 ? 
_entity_src_gen.pdbx_host_org_culture_collection   ? 
_entity_src_gen.pdbx_host_org_cell                 ? 
_entity_src_gen.pdbx_host_org_organelle            ? 
_entity_src_gen.pdbx_host_org_cellular_location    ? 
_entity_src_gen.pdbx_host_org_vector_type          ? 
_entity_src_gen.pdbx_host_org_vector               ? 
_entity_src_gen.host_org_details                   ? 
_entity_src_gen.expression_system_id               ? 
_entity_src_gen.plasmid_name                       ? 
_entity_src_gen.plasmid_details                    ? 
_entity_src_gen.pdbx_description                   ? 
# 
loop_
_chem_comp.id 
_chem_comp.type 
_chem_comp.mon_nstd_flag 
_chem_comp.name 
_chem_comp.pdbx_synonyms 
_chem_comp.formula 
_chem_comp.formula_weight 
ALA 'L-peptide linking' y ALANINE ? 'C3 H7 N O2'     89.093  
ARG 'L-peptide linking' y ARGININE ? 'C6 H15 N4 O2 1' 175.209 
ASN 'L-peptide linking' y ASPARAGINE ? 'C4 H8 N2 O3'    132.118 
ASP 'L-peptide linking' y 'ASPARTIC ACID' ? 'C4 H7 N O4'     133.103 
GLN 'L-peptide linking' y GLUTAMINE ? 'C5 H10 N2 O3'   146.144 
GLU 'L-peptide linking' y 'GLUTAMIC ACID' ? 'C5 H9 N O4'     147.129 
GLY 'peptide linking'   y GLYCINE ? 'C2 H5 N O2'     75.067  
HIS 'L-peptide linking' y HISTIDINE ? 'C6 H10 N3 O2 1' 156.162 
HOH non-polymer         . WATER ? 'H2 O'           18.015  
ILE 'L-peptide linking' y ISOLEUCINE ? 'C6 H13 N O2'    131.173 
LEU 'L-peptide linking' y LEUCINE ? 'C6 H13 N O2'    131.173 
LP1 non-polymer         . 
;4-[2-(2-ACETYLAMINO-3-NAPHTALEN-1-YL-PROPIONYLAMINO)-4-METHYL-PENTANOYLAMINO]-3-HYDROXY-6-METHYL-HEPTANOIC ACID [1-(1-CARBAMOYL-2-NAPHTHALEN-1-YL-ETHYLCARBAMOYL)-PROPYL]-AMIDE
;
? 'C45 H58 N6 O7'  794.978 
LYS 'L-peptide linking' y LYSINE ? 'C6 H15 N2 O2 1' 147.195 
MET 'L-peptide linking' y METHIONINE ? 'C5 H11 N O2 S'  149.211 
PHE 'L-peptide linking' y PHENYLALANINE ? 'C9 H11 N O2'    165.189 
PRO 'L-peptide linking' y PROLINE ? 'C5 H9 N O2'     115.130 
SER 'L-peptide linking' y SERINE ? 'C3 H7 N O3'     105.093 
THR 'L-peptide linking' y THREONINE ? 'C4 H9 N O3'     119.119 
TYR 'L-peptide linking' y TYROSINE ? 'C9 H11 N O3'    181.189 
VAL 'L-peptide linking' y VALINE ? 'C5 H11 N O2'    117.146 
# 
loop_
_pdbx_poly_seq_scheme.asym_id 
_pdbx_poly_seq_scheme.entity_id 
_pdbx_poly_seq_scheme.seq_id 
_pdbx_poly_seq_scheme.mon_id 
_pdbx_poly_seq_scheme.ndb_seq_num 
_pdbx_poly_seq_scheme.pdb_seq_num 
_pdbx_poly_seq_scheme.auth_seq_num 
_pdbx_poly_seq_scheme.pdb_mon_id 
_pdbx_poly_seq_scheme.auth_mon_id 
_pdbx_poly_seq_scheme.pdb_strand_id 
_pdbx_poly_seq_scheme.pdb_ins_code 
_pdbx_poly_seq_scheme.hetero 
A 1 1   VAL 1   1   1   VAL VAL A . n 
A 1 2   THR 2   2   2   THR THR A . n 
A 1 3   TYR 3   3   3   TYR TYR A . n 
A 1 4   ASN 4   4   4   ASN ASN A . n 
A 1 5   LEU 5   5   5   LEU LEU A . n 
A 1 6   GLU 6   6   6   GLU GLU A . n 
A 1 7   LYS 7   7   7   LYS LYS A . n 
A 1 8   ARG 8   8   8   ARG ARG A . n 
A 1 9   PRO 9   9   9   PRO PRO A . n 
A 1 10  THR 10  10  10  THR THR A . n 
A 1 11  THR 11  11  11  THR THR A . n 
A 1 12  ILE 12  12  12  ILE ILE A . n 
A 1 13  VAL 13  13  13  VAL VAL A . n 
A 1 14  LEU 14  14  14  LEU LEU A . n 
A 1 15  ILE 15  15  15  ILE ILE A . n 
A 1 16  ASN 16  16  16  ASN ASN A . n 
A 1 17  ASP 17  17  17  ASP ASP A . n 
A 1 18  THR 18  18  18  THR THR A . n 
A 1 19  PRO 19  19  19  PRO PRO A . n 
A 1 20  LEU 20  20  20  LEU LEU A . n 
A 1 21  ASN 21  21  21  ASN ASN A . n 
A 1 22  VAL 22  22  22  VAL VAL A . n 
A 1 23  LEU 23  23  23  LEU LEU A . n 
A 1 24  LEU 24  24  24  LEU LEU A . n 
A 1 25  ASP 25  25  25  ASP ASP A . n 
A 1 26  THR 26  26  26  THR THR A . n 
A 1 27  GLY 27  27  27  GLY GLY A . n 
A 1 28  ALA 28  28  28  ALA ALA A . n 
A 1 29  ASP 29  29  29  ASP ASP A . n 
A 1 30  THR 30  30  30  THR THR A . n 
A 1 31  SER 31  31  31  SER SER A . n 
A 1 32  VAL 32  32  32  VAL VAL A . n 
A 1 33  LEU 33  33  33  LEU LEU A . n 
A 1 34  THR 34  34  34  THR THR A . n 
A 1 35  THR 35  35  35  THR THR A . n 
A 1 36  ALA 36  36  36  ALA ALA A . n 
A 1 37  HIS 37  37  37  HIS HIS A . n 
A 1 38  TYR 38  38  38  TYR TYR A . n 
A 1 39  ASN 39  39  39  ASN ASN A . n 
A 1 40  ARG 40  40  40  ARG ARG A . n 
A 1 41  LEU 41  41  41  LEU LEU A . n 
A 1 42  LYS 42  42  42  LYS LYS A . n 
A 1 43  TYR 43  43  43  TYR TYR A . n 
A 1 44  ARG 44  44  44  ARG ARG A . n 
A 1 45  GLY 45  45  45  GLY GLY A . n 
A 1 46  ARG 46  46  46  ARG ARG A . n 
A 1 47  LYS 47  47  47  LYS LYS A . n 
A 1 48  TYR 48  48  48  TYR TYR A . n 
A 1 49  GLN 49  49  49  GLN GLN A . n 
A 1 50  GLY 50  50  50  GLY GLY A . n 
A 1 51  THR 51  51  51  THR THR A . n 
A 1 52  GLY 52  52  52  GLY GLY A . n 
A 1 53  ILE 53  53  53  ILE ILE A . n 
A 1 54  GLY 54  54  54  GLY GLY A . n 
A 1 55  GLY 55  55  55  GLY GLY A . n 
A 1 56  VAL 56  56  56  VAL VAL A . n 
A 1 57  GLY 57  57  57  GLY GLY A . n 
A 1 58  GLY 58  58  58  GLY GLY A . n 
A 1 59  ASN 59  59  59  ASN ASN A . n 
A 1 60  VAL 60  60  60  VAL VAL A . n 
A 1 61  GLU 61  61  61  GLU GLU A . n 
A 1 62  THR 62  62  62  THR THR A . n 
A 1 63  PHE 63  63  63  PHE PHE A . n 
A 1 64  SER 64  64  64  SER SER A . n 
A 1 65  THR 65  65  65  THR THR A . n 
A 1 66  PRO 66  66  66  PRO PRO A . n 
A 1 67  VAL 67  67  67  VAL VAL A . n 
A 1 68  THR 68  68  68  THR THR A . n 
A 1 69  ILE 69  69  69  ILE ILE A . n 
A 1 70  LYS 70  70  70  LYS LYS A . n 
A 1 71  LYS 71  71  71  LYS LYS A . n 
A 1 72  LYS 72  72  72  LYS LYS A . n 
A 1 73  GLY 73  73  73  GLY GLY A . n 
A 1 74  ARG 74  74  74  ARG ARG A . n 
A 1 75  HIS 75  75  75  HIS HIS A . n 
A 1 76  ILE 76  76  76  ILE ILE A . n 
A 1 77  LYS 77  77  77  LYS LYS A . n 
A 1 78  THR 78  78  78  THR THR A . n 
A 1 79  ARG 79  79  79  ARG ARG A . n 
A 1 80  MET 80  80  80  MET MET A . n 
A 1 81  LEU 81  81  81  LEU LEU A . n 
A 1 82  VAL 82  82  82  VAL VAL A . n 
A 1 83  ALA 83  83  83  ALA ALA A . n 
A 1 84  ASP 84  84  84  ASP ASP A . n 
A 1 85  ILE 85  85  85  ILE ILE A . n 
A 1 86  PRO 86  86  86  PRO PRO A . n 
A 1 87  VAL 87  87  87  VAL VAL A . n 
A 1 88  THR 88  88  88  THR THR A . n 
A 1 89  ILE 89  89  89  ILE ILE A . n 
A 1 90  LEU 90  90  90  LEU LEU A . n 
A 1 91  GLY 91  91  91  GLY GLY A . n 
A 1 92  ARG 92  92  92  ARG ARG A . n 
A 1 93  ASP 93  93  93  ASP ASP A . n 
A 1 94  ILE 94  94  94  ILE ILE A . n 
A 1 95  LEU 95  95  95  LEU LEU A . n 
A 1 96  GLN 96  96  96  GLN GLN A . n 
A 1 97  ASP 97  97  97  ASP ASP A . n 
A 1 98  LEU 98  98  98  LEU LEU A . n 
A 1 99  GLY 99  99  99  GLY GLY A . n 
A 1 100 ALA 100 100 100 ALA ALA A . n 
A 1 101 LYS 101 101 101 LYS LYS A . n 
A 1 102 LEU 102 102 102 LEU LEU A . n 
A 1 103 VAL 103 103 103 VAL VAL A . n 
A 1 104 LEU 104 104 104 LEU LEU A . n 
# 
loop_
_pdbx_nonpoly_scheme.asym_id 
_pdbx_nonpoly_scheme.entity_id 
_pdbx_nonpoly_scheme.mon_id 
_pdbx_nonpoly_scheme.ndb_seq_num 
_pdbx_nonpoly_scheme.pdb_seq_num 
_pdbx_nonpoly_scheme.auth_seq_num 
_pdbx_nonpoly_scheme.pdb_mon_id 
_pdbx_nonpoly_scheme.auth_mon_id 
_pdbx_nonpoly_scheme.pdb_strand_id 
_pdbx_nonpoly_scheme.pdb_ins_code 
B 2 LP1 1   201 201 LP1 LP2 A . 
C 3 HOH 1   301 301 HOH HOH A . 
C 3 HOH 2   302 302 HOH HOH A . 
C 3 HOH 3   303 303 HOH HOH A . 
C 3 HOH 4   304 304 HOH HOH A . 
C 3 HOH 5   305 305 HOH HOH A . 
C 3 HOH 6   306 306 HOH HOH A . 
C 3 HOH 7   307 307 HOH HOH A . 
C 3 HOH 8   308 308 HOH HOH A . 
C 3 HOH 9   309 309 HOH HOH A . 
C 3 HOH 10  310 310 HOH HOH A . 
C 3 HOH 11  311 311 HOH HOH A . 
C 3 HOH 12  312 312 HOH HOH A . 
C 3 HOH 13  313 313 HOH HOH A . 
C 3 HOH 14  314 314 HOH HOH A . 
C 3 HOH 15  315 315 HOH HOH A . 
C 3 HOH 16  316 316 HOH HOH A . 
C 3 HOH 17  317 317 HOH HOH A . 
C 3 HOH 18  318 318 HOH HOH A . 
C 3 HOH 19  319 319 HOH HOH A . 
C 3 HOH 20  320 320 HOH HOH A . 
C 3 HOH 21  321 321 HOH HOH A . 
C 3 HOH 22  322 322 HOH HOH A . 
C 3 HOH 23  323 323 HOH HOH A . 
C 3 HOH 24  324 324 HOH HOH A . 
C 3 HOH 25  325 325 HOH HOH A . 
C 3 HOH 26  326 326 HOH HOH A . 
C 3 HOH 27  327 327 HOH HOH A . 
C 3 HOH 28  328 328 HOH HOH A . 
C 3 HOH 29  329 329 HOH HOH A . 
C 3 HOH 30  330 330 HOH HOH A . 
C 3 HOH 31  331 331 HOH HOH A . 
C 3 HOH 32  332 332 HOH HOH A . 
C 3 HOH 33  333 333 HOH HOH A . 
C 3 HOH 34  334 334 HOH HOH A . 
C 3 HOH 35  335 335 HOH HOH A . 
C 3 HOH 36  336 336 HOH HOH A . 
C 3 HOH 37  337 337 HOH HOH A . 
C 3 HOH 38  338 338 HOH HOH A . 
C 3 HOH 39  339 339 HOH HOH A . 
C 3 HOH 40  340 340 HOH HOH A . 
C 3 HOH 41  341 341 HOH HOH A . 
C 3 HOH 42  342 342 HOH HOH A . 
C 3 HOH 43  343 343 HOH HOH A . 
C 3 HOH 44  344 344 HOH HOH A . 
C 3 HOH 45  345 345 HOH HOH A . 
C 3 HOH 46  346 346 HOH HOH A . 
C 3 HOH 47  347 347 HOH HOH A . 
C 3 HOH 48  348 348 HOH HOH A . 
C 3 HOH 49  349 349 HOH HOH A . 
C 3 HOH 50  350 350 HOH HOH A . 
C 3 HOH 51  351 351 HOH HOH A . 
C 3 HOH 52  352 352 HOH HOH A . 
C 3 HOH 53  353 353 HOH HOH A . 
C 3 HOH 54  354 354 HOH HOH A . 
C 3 HOH 55  355 355 HOH HOH A . 
C 3 HOH 56  356 356 HOH HOH A . 
C 3 HOH 57  357 357 HOH HOH A . 
C 3 HOH 58  358 358 HOH HOH A . 
C 3 HOH 59  359 359 HOH HOH A . 
C 3 HOH 60  360 360 HOH HOH A . 
C 3 HOH 61  361 361 HOH HOH A . 
C 3 HOH 62  362 362 HOH HOH A . 
C 3 HOH 63  363 363 HOH HOH A . 
C 3 HOH 64  364 364 HOH HOH A . 
C 3 HOH 65  365 365 HOH HOH A . 
C 3 HOH 66  366 366 HOH HOH A . 
C 3 HOH 67  367 367 HOH HOH A . 
C 3 HOH 68  368 368 HOH HOH A . 
C 3 HOH 69  369 369 HOH HOH A . 
C 3 HOH 70  370 370 HOH HOH A . 
C 3 HOH 71  371 371 HOH HOH A . 
C 3 HOH 72  372 372 HOH HOH A . 
C 3 HOH 73  373 373 HOH HOH A . 
C 3 HOH 74  374 374 HOH HOH A . 
C 3 HOH 75  375 375 HOH HOH A . 
C 3 HOH 76  376 376 HOH HOH A . 
C 3 HOH 77  377 377 HOH HOH A . 
C 3 HOH 78  378 378 HOH HOH A . 
C 3 HOH 79  379 379 HOH HOH A . 
C 3 HOH 80  380 380 HOH HOH A . 
C 3 HOH 81  381 381 HOH HOH A . 
C 3 HOH 82  382 382 HOH HOH A . 
C 3 HOH 83  383 383 HOH HOH A . 
C 3 HOH 84  384 384 HOH HOH A . 
C 3 HOH 85  385 385 HOH HOH A . 
C 3 HOH 86  386 386 HOH HOH A . 
C 3 HOH 87  387 387 HOH HOH A . 
C 3 HOH 88  388 388 HOH HOH A . 
C 3 HOH 89  389 389 HOH HOH A . 
C 3 HOH 90  390 390 HOH HOH A . 
C 3 HOH 91  391 391 HOH HOH A . 
C 3 HOH 92  392 392 HOH HOH A . 
C 3 HOH 93  393 393 HOH HOH A . 
C 3 HOH 94  394 394 HOH HOH A . 
C 3 HOH 95  395 395 HOH HOH A . 
C 3 HOH 96  396 396 HOH HOH A . 
C 3 HOH 97  397 397 HOH HOH A . 
C 3 HOH 98  400 400 HOH HOH A . 
C 3 HOH 99  498 498 HOH HOH A . 
C 3 HOH 100 499 499 HOH HOH A . 
# 
loop_
_pdbx_unobs_or_zero_occ_atoms.id 
_pdbx_unobs_or_zero_occ_atoms.PDB_model_num 
_pdbx_unobs_or_zero_occ_atoms.polymer_flag 
_pdbx_unobs_or_zero_occ_atoms.occupancy_flag 
_pdbx_unobs_or_zero_occ_atoms.auth_asym_id 
_pdbx_unobs_or_zero_occ_atoms.auth_comp_id 
_pdbx_unobs_or_zero_occ_atoms.auth_seq_id 
_pdbx_unobs_or_zero_occ_atoms.PDB_ins_code 
_pdbx_unobs_or_zero_occ_atoms.auth_atom_id 
_pdbx_unobs_or_zero_occ_atoms.label_alt_id 
_pdbx_unobs_or_zero_occ_atoms.label_asym_id 
_pdbx_unobs_or_zero_occ_atoms.label_comp_id 
_pdbx_unobs_or_zero_occ_atoms.label_seq_id 
_pdbx_unobs_or_zero_occ_atoms.label_atom_id 
1  1 Y 1 A ARG 46 ? CG  ? A ARG 46 CG  
2  1 Y 1 A ARG 46 ? CD  ? A ARG 46 CD  
3  1 Y 1 A ARG 46 ? NE  ? A ARG 46 NE  
4  1 Y 1 A ARG 46 ? CZ  ? A ARG 46 CZ  
5  1 Y 1 A ARG 46 ? NH1 ? A ARG 46 NH1 
6  1 Y 1 A ARG 46 ? NH2 ? A ARG 46 NH2 
7  1 Y 1 A LYS 70 ? CG  ? A LYS 70 CG  
8  1 Y 1 A LYS 70 ? CD  ? A LYS 70 CD  
9  1 Y 1 A LYS 70 ? CE  ? A LYS 70 CE  
10 1 Y 1 A LYS 70 ? NZ  ? A LYS 70 NZ  
# 
loop_
_software.name 
_software.classification 
_software.version 
_software.citation_id 
_software.pdbx_ordinal 
X-PLOR    'model building' . ? 1 
PROFFT    refinement       . ? 2 
X-PLOR    refinement       . ? 3 
DENZO     'data reduction' . ? 4 
SCALEPACK 'data scaling'   . ? 5 
X-PLOR    phasing          . ? 6 
# 
_cell.entry_id           2FMB 
_cell.length_a           42.650 
_cell.length_b           45.360 
_cell.length_c           56.760 
_cell.angle_alpha        90.00 
_cell.angle_beta         110.36 
_cell.angle_gamma        90.00 
_cell.Z_PDB              4 
_cell.pdbx_unique_axis   ? 
# 
_symmetry.entry_id                         2FMB 
_symmetry.space_group_name_H-M             'C 1 2 1' 
_symmetry.pdbx_full_space_group_name_H-M   ? 
_symmetry.cell_setting                     ? 
_symmetry.Int_Tables_number                5 
# 
_exptl.entry_id          2FMB 
_exptl.method            'X-RAY DIFFRACTION' 
_exptl.crystals_number   1 
# 
_exptl_crystal.id                    1 
_exptl_crystal.density_meas          ? 
_exptl_crystal.density_Matthews      2.26 
_exptl_crystal.density_percent_sol   45.54 
_exptl_crystal.description           ? 
# 
_exptl_crystal_grow.crystal_id      1 
_exptl_crystal_grow.method          ? 
_exptl_crystal_grow.temp            ? 
_exptl_crystal_grow.temp_details    ? 
_exptl_crystal_grow.pH              4.6 
_exptl_crystal_grow.pdbx_pH_range   ? 
_exptl_crystal_grow.pdbx_details    'pH 4.6' 
# 
_diffrn.id                     1 
_diffrn.ambient_temp           293 
_diffrn.ambient_temp_details   ? 
_diffrn.crystal_id             1 
# 
_diffrn_detector.diffrn_id              1 
_diffrn_detector.detector               'IMAGE PLATE' 
_diffrn_detector.type                   MACSCIENCE 
_diffrn_detector.pdbx_collection_date   1996-09-18 
_diffrn_detector.details                MIRRORS 
# 
_diffrn_radiation.diffrn_id                        1 
_diffrn_radiation.wavelength_id                    1 
_diffrn_radiation.pdbx_monochromatic_or_laue_m_l   M 
_diffrn_radiation.monochromator                    'NI FILTER' 
_diffrn_radiation.pdbx_diffrn_protocol             ? 
_diffrn_radiation.pdbx_scattering_type             x-ray 
# 
_diffrn_radiation_wavelength.id           1 
_diffrn_radiation_wavelength.wavelength   1.5418 
_diffrn_radiation_wavelength.wt           1.0 
# 
_diffrn_source.diffrn_id                   1 
_diffrn_source.source                      'ROTATING ANODE' 
_diffrn_source.type                        'ENRAF-NONIUS FR591' 
_diffrn_source.pdbx_synchrotron_site       ? 
_diffrn_source.pdbx_synchrotron_beamline   ? 
_diffrn_source.pdbx_wavelength             1.5418 
_diffrn_source.pdbx_wavelength_list        ? 
# 
_reflns.entry_id                     2FMB 
_reflns.observed_criterion_sigma_I   1. 
_reflns.observed_criterion_sigma_F   ? 
_reflns.d_resolution_low             20.0 
_reflns.d_resolution_high            1.8 
_reflns.number_obs                   8666 
_reflns.number_all                   ? 
_reflns.percent_possible_obs         90.9 
_reflns.pdbx_Rmerge_I_obs            0.0490000 
_reflns.pdbx_Rsym_value              ? 
_reflns.pdbx_netI_over_sigmaI        ? 
_reflns.B_iso_Wilson_estimate        ? 
_reflns.pdbx_redundancy              ? 
_reflns.pdbx_ordinal                 1 
_reflns.pdbx_diffrn_id               1 
# 
_reflns_shell.d_res_high             1.8 
_reflns_shell.d_res_low              1.83 
_reflns_shell.percent_possible_all   81.4 
_reflns_shell.Rmerge_I_obs           0.3000000 
_reflns_shell.pdbx_Rsym_value        ? 
_reflns_shell.meanI_over_sigI_obs    ? 
_reflns_shell.pdbx_redundancy        ? 
_reflns_shell.pdbx_ordinal           1 
_reflns_shell.pdbx_diffrn_id         1 
# 
_refine.entry_id                                 2FMB 
_refine.ls_number_reflns_obs                     8460 
_refine.ls_number_reflns_all                     ? 
_refine.pdbx_ls_sigma_I                          ? 
_refine.pdbx_ls_sigma_F                          3. 
_refine.pdbx_data_cutoff_high_absF               ? 
_refine.pdbx_data_cutoff_low_absF                ? 
_refine.pdbx_data_cutoff_high_rms_absF           ? 
_refine.ls_d_res_low                             10.0 
_refine.ls_d_res_high                            1.8 
_refine.ls_percent_reflns_obs                    90.9 
_refine.ls_R_factor_obs                          ? 
_refine.ls_R_factor_all                          ? 
_refine.ls_R_factor_R_work                       0.1430000 
_refine.ls_R_factor_R_free                       ? 
_refine.ls_R_factor_R_free_error                 ? 
_refine.ls_R_factor_R_free_error_details         ? 
_refine.ls_percent_reflns_R_free                 ? 
_refine.ls_number_reflns_R_free                  ? 
_refine.ls_number_parameters                     ? 
_refine.ls_number_restraints                     ? 
_refine.occupancy_min                            ? 
_refine.occupancy_max                            ? 
_refine.B_iso_mean                               ? 
_refine.aniso_B[1][1]                            ? 
_refine.aniso_B[2][2]                            ? 
_refine.aniso_B[3][3]                            ? 
_refine.aniso_B[1][2]                            ? 
_refine.aniso_B[1][3]                            ? 
_refine.aniso_B[2][3]                            ? 
_refine.solvent_model_details                    ? 
_refine.solvent_model_param_ksol                 ? 
_refine.solvent_model_param_bsol                 ? 
_refine.pdbx_ls_cross_valid_method               ? 
_refine.details                                  ? 
_refine.pdbx_starting_model                      'PDB ENTRY 1FMB' 
_refine.pdbx_method_to_determine_struct          'RIGID BODY REFINEMENT' 
_refine.pdbx_isotropic_thermal_model             ? 
_refine.pdbx_stereochemistry_target_values       ? 
_refine.pdbx_stereochem_target_val_spec_case     ? 
_refine.pdbx_R_Free_selection_details            ? 
_refine.pdbx_overall_ESU_R                       ? 
_refine.pdbx_overall_ESU_R_Free                  ? 
_refine.overall_SU_ML                            ? 
_refine.overall_SU_B                             ? 
_refine.pdbx_refine_id                           'X-RAY DIFFRACTION' 
_refine.pdbx_diffrn_id                           1 
_refine.pdbx_TLS_residual_ADP_flag               ? 
_refine.correlation_coeff_Fo_to_Fc               ? 
_refine.correlation_coeff_Fo_to_Fc_free          ? 
_refine.pdbx_solvent_vdw_probe_radii             ? 
_refine.pdbx_solvent_ion_probe_radii             ? 
_refine.pdbx_solvent_shrinkage_radii             ? 
_refine.pdbx_overall_phase_error                 ? 
_refine.overall_SU_R_Cruickshank_DPI             ? 
_refine.pdbx_overall_SU_R_free_Cruickshank_DPI   ? 
_refine.pdbx_overall_SU_R_Blow_DPI               ? 
_refine.pdbx_overall_SU_R_free_Blow_DPI          ? 
# 
_refine_hist.pdbx_refine_id                   'X-RAY DIFFRACTION' 
_refine_hist.cycle_id                         LAST 
_refine_hist.pdbx_number_atoms_protein        791 
_refine_hist.pdbx_number_atoms_nucleic_acid   0 
_refine_hist.pdbx_number_atoms_ligand         58 
_refine_hist.number_atoms_solvent             100 
_refine_hist.number_atoms_total               949 
_refine_hist.d_res_high                       1.8 
_refine_hist.d_res_low                        10.0 
# 
loop_
_refine_ls_restr.type 
_refine_ls_restr.dev_ideal 
_refine_ls_restr.dev_ideal_target 
_refine_ls_restr.weight 
_refine_ls_restr.number 
_refine_ls_restr.pdbx_refine_id 
_refine_ls_restr.pdbx_restraint_function 
p_bond_d            0.013 0.017 ? ? 'X-RAY DIFFRACTION' ? 
p_angle_d           0.045 0.044 ? ? 'X-RAY DIFFRACTION' ? 
p_angle_deg         ?     ?     ? ? 'X-RAY DIFFRACTION' ? 
p_planar_d          0.044 0.059 ? ? 'X-RAY DIFFRACTION' ? 
p_hb_or_metal_coord ?     ?     ? ? 'X-RAY DIFFRACTION' ? 
p_mcbond_it         1.916 2.500 ? ? 'X-RAY DIFFRACTION' ? 
p_mcangle_it        2.567 3.500 ? ? 'X-RAY DIFFRACTION' ? 
p_scbond_it         3.720 4.000 ? ? 'X-RAY DIFFRACTION' ? 
p_scangle_it        5.328 7.000 ? ? 'X-RAY DIFFRACTION' ? 
p_plane_restr       0.018 0.022 ? ? 'X-RAY DIFFRACTION' ? 
p_chiral_restr      0.177 0.180 ? ? 'X-RAY DIFFRACTION' ? 
p_singtor_nbd       0.207 0.500 ? ? 'X-RAY DIFFRACTION' ? 
p_multtor_nbd       0.450 0.500 ? ? 'X-RAY DIFFRACTION' ? 
p_xhyhbond_nbd      ?     ?     ? ? 'X-RAY DIFFRACTION' ? 
p_xyhbond_nbd       0.382 0.500 ? ? 'X-RAY DIFFRACTION' ? 
p_planar_tor        3.4   3.5   ? ? 'X-RAY DIFFRACTION' ? 
p_staggered_tor     19.1  14.0  ? ? 'X-RAY DIFFRACTION' ? 
p_orthonormal_tor   ?     ?     ? ? 'X-RAY DIFFRACTION' ? 
p_transverse_tor    32.4  12.0  ? ? 'X-RAY DIFFRACTION' ? 
p_special_tor       ?     ?     ? ? 'X-RAY DIFFRACTION' ? 
# 
_struct.entry_id                  2FMB 
_struct.title                     'EIAV PROTEASE COMPLEXED WITH AN INHIBITOR LP-130' 
_struct.pdbx_model_details        ? 
_struct.pdbx_CASP_flag            ? 
_struct.pdbx_model_type_details   ? 
# 
_struct_keywords.entry_id        2FMB 
_struct_keywords.pdbx_keywords   'ASPARTIC PROTEASE' 
_struct_keywords.text            'ASPARTIC PROTEASE, RETROPEPSIN, RETROVIRUS, EIAV, HORSE' 
# 
loop_
_struct_asym.id 
_struct_asym.pdbx_blank_PDB_chainid_flag 
_struct_asym.pdbx_modified 
_struct_asym.entity_id 
_struct_asym.details 
A N N 1 ? 
B N N 2 ? 
C N N 3 ? 
# 
_struct_ref.id                         1 
_struct_ref.db_name                    UNP 
_struct_ref.db_code                    POL_EIAVC 
_struct_ref.entity_id                  1 
_struct_ref.pdbx_db_accession          P32542 
_struct_ref.pdbx_align_begin           1 
_struct_ref.pdbx_seq_one_letter_code   
;RSERNKKGIQCQGEGSSRGSQPGQFVGVTYNLEKRPTTIVLINDTPLNVLLDTGADTSVLTTAHYNRLKYRGRKYQGTGI
IGVGGNVETFSTPVTIKKKGRHIKTRMLVADIPVTILGRDILQDLGAKLVLAQLSKEIKFRKIELKEGTMGPKIPQWPLT
KEKLEGAKEIVQRLLSEGKISEASDNNPYNSPIFVIKKKSGKWRLLQDL
;
_struct_ref.pdbx_db_isoform            ? 
# 
_struct_ref_seq.align_id                      1 
_struct_ref_seq.ref_id                        1 
_struct_ref_seq.pdbx_PDB_id_code              2FMB 
_struct_ref_seq.pdbx_strand_id                A 
_struct_ref_seq.seq_align_beg                 1 
_struct_ref_seq.pdbx_seq_align_beg_ins_code   ? 
_struct_ref_seq.seq_align_end                 104 
_struct_ref_seq.pdbx_seq_align_end_ins_code   ? 
_struct_ref_seq.pdbx_db_accession             P32542 
_struct_ref_seq.db_align_beg                  28 
_struct_ref_seq.pdbx_db_align_beg_ins_code    ? 
_struct_ref_seq.db_align_end                  131 
_struct_ref_seq.pdbx_db_align_end_ins_code    ? 
_struct_ref_seq.pdbx_auth_seq_align_beg       1 
_struct_ref_seq.pdbx_auth_seq_align_end       104 
# 
_struct_ref_seq_dif.align_id                     1 
_struct_ref_seq_dif.pdbx_pdb_id_code             2FMB 
_struct_ref_seq_dif.mon_id                       GLY 
_struct_ref_seq_dif.pdbx_pdb_strand_id           A 
_struct_ref_seq_dif.seq_num                      54 
_struct_ref_seq_dif.pdbx_pdb_ins_code            ? 
_struct_ref_seq_dif.pdbx_seq_db_name             UNP 
_struct_ref_seq_dif.pdbx_seq_db_accession_code   P32542 
_struct_ref_seq_dif.db_mon_id                    ILE 
_struct_ref_seq_dif.pdbx_seq_db_seq_num          81 
_struct_ref_seq_dif.details                      'engineered mutation' 
_struct_ref_seq_dif.pdbx_auth_seq_num            54 
_struct_ref_seq_dif.pdbx_ordinal                 1 
# 
_pdbx_struct_assembly.id                   1 
_pdbx_struct_assembly.details              author_and_software_defined_assembly 
_pdbx_struct_assembly.method_details       PISA,PQS 
_pdbx_struct_assembly.oligomeric_details   dimeric 
_pdbx_struct_assembly.oligomeric_count     2 
# 
loop_
_pdbx_struct_assembly_prop.biol_id 
_pdbx_struct_assembly_prop.type 
_pdbx_struct_assembly_prop.value 
_pdbx_struct_assembly_prop.details 
1 'ABSA (A^2)' 6500 ? 
1 MORE         -45  ? 
1 'SSA (A^2)'  9370 ? 
# 
_pdbx_struct_assembly_gen.assembly_id       1 
_pdbx_struct_assembly_gen.oper_expression   1,2 
_pdbx_struct_assembly_gen.asym_id_list      A,B,C 
# 
loop_
_pdbx_struct_oper_list.id 
_pdbx_struct_oper_list.type 
_pdbx_struct_oper_list.name 
_pdbx_struct_oper_list.symmetry_operation 
_pdbx_struct_oper_list.matrix[1][1] 
_pdbx_struct_oper_list.matrix[1][2] 
_pdbx_struct_oper_list.matrix[1][3] 
_pdbx_struct_oper_list.vector[1] 
_pdbx_struct_oper_list.matrix[2][1] 
_pdbx_struct_oper_list.matrix[2][2] 
_pdbx_struct_oper_list.matrix[2][3] 
_pdbx_struct_oper_list.vector[2] 
_pdbx_struct_oper_list.matrix[3][1] 
_pdbx_struct_oper_list.matrix[3][2] 
_pdbx_struct_oper_list.matrix[3][3] 
_pdbx_struct_oper_list.vector[3] 
1 'identity operation'         1_555 x,y,z   1.0000000000  0.0000000000 0.0000000000 0.0000000000  0.0000000000 1.0000000000  0.0000000000 0.0000000000   0.0000000000 0.0000000000 1.0000000000 0.0000000000  
2 'crystal symmetry operation' 2_555 -x,y,-z -0.4788400706 0.4097590024 0.7764082345 18.3209789253 0.4097590024 -0.6778293368 0.6104465170 -12.1976266544 0.7764082345 0.6104465170 0.1566694074 -5.8604127957 
# 
_struct_biol.id                    1 
_struct_biol.details               
;THIS FILE CONTAINS ONLY A MONOMER, WHILE THE ACTIVE ENZYME
IS A DIMER.  IN ORDER TO CREATE A DIMERIC MOLECULE,
CRYSTALLOGRAPHIC COORDINATES NEED TO BE TRANSFORMED TO
(-X), Y, (-Z).  THE TWO ORIENTATIONS OF THE INHIBITOR
CREATED IN THAT MANNER OVERLAP, WITH COMPLETE SUPERPOSITION
AT THE PERIPHERY AND SOME DEVIATION IN THE CENTER.

RESIDUES 56 - 58 HAVE BEEN MODELED WITH TWO ORIENTATIONS
OF THEIR MAIN CHAINS, SINCE THEY FORM ALTERNATE HYDROGEN
BONDS, DUE TO THE SAME DISORDER PHENOMENON.
;
_struct_biol.pdbx_parent_biol_id   ? 
# 
loop_
_struct_conf.conf_type_id 
_struct_conf.id 
_struct_conf.pdbx_PDB_helix_id 
_struct_conf.beg_label_comp_id 
_struct_conf.beg_label_asym_id 
_struct_conf.beg_label_seq_id 
_struct_conf.pdbx_beg_PDB_ins_code 
_struct_conf.end_label_comp_id 
_struct_conf.end_label_asym_id 
_struct_conf.end_label_seq_id 
_struct_conf.pdbx_end_PDB_ins_code 
_struct_conf.beg_auth_comp_id 
_struct_conf.beg_auth_asym_id 
_struct_conf.beg_auth_seq_id 
_struct_conf.end_auth_comp_id 
_struct_conf.end_auth_asym_id 
_struct_conf.end_auth_seq_id 
_struct_conf.pdbx_PDB_helix_class 
_struct_conf.details 
_struct_conf.pdbx_PDB_helix_length 
HELX_P HELX_P1 1 THR A 35 ? ARG A 40 ? THR A 35 ARG A 40 1 ? 6 
HELX_P HELX_P2 2 ARG A 92 ? LEU A 98 ? ARG A 92 LEU A 98 1 ? 7 
# 
_struct_conf_type.id          HELX_P 
_struct_conf_type.criteria    ? 
_struct_conf_type.reference   ? 
# 
loop_
_struct_sheet.id 
_struct_sheet.type 
_struct_sheet.number_strands 
_struct_sheet.details 
A ? 2 ? 
B ? 4 ? 
C ? 2 ? 
# 
loop_
_struct_sheet_order.sheet_id 
_struct_sheet_order.range_id_1 
_struct_sheet_order.range_id_2 
_struct_sheet_order.offset 
_struct_sheet_order.sense 
A 1 2 ? anti-parallel 
B 1 2 ? parallel      
B 2 3 ? anti-parallel 
B 3 4 ? anti-parallel 
C 1 2 ? anti-parallel 
# 
loop_
_struct_sheet_range.sheet_id 
_struct_sheet_range.id 
_struct_sheet_range.beg_label_comp_id 
_struct_sheet_range.beg_label_asym_id 
_struct_sheet_range.beg_label_seq_id 
_struct_sheet_range.pdbx_beg_PDB_ins_code 
_struct_sheet_range.end_label_comp_id 
_struct_sheet_range.end_label_asym_id 
_struct_sheet_range.end_label_seq_id 
_struct_sheet_range.pdbx_end_PDB_ins_code 
_struct_sheet_range.beg_auth_comp_id 
_struct_sheet_range.beg_auth_asym_id 
_struct_sheet_range.beg_auth_seq_id 
_struct_sheet_range.end_auth_comp_id 
_struct_sheet_range.end_auth_asym_id 
_struct_sheet_range.end_auth_seq_id 
A 1 THR A 10 ? ILE A 15 ? THR A 10 ILE A 15 
A 2 THR A 18 ? LEU A 23 ? THR A 18 LEU A 23 
B 1 VAL A 32 ? THR A 34 ? VAL A 32 THR A 34 
B 2 ARG A 74 ? ALA A 83 ? ARG A 74 ALA A 83 
B 3 PHE A 63 ? LYS A 71 ? PHE A 63 LYS A 71 
B 4 LYS A 47 ? GLN A 49 ? LYS A 47 GLN A 49 
C 1 ILE A 53 ? GLY A 55 ? ILE A 53 GLY A 55 
C 2 GLY A 58 ? VAL A 60 ? GLY A 58 VAL A 60 
# 
loop_
_pdbx_struct_sheet_hbond.sheet_id 
_pdbx_struct_sheet_hbond.range_id_1 
_pdbx_struct_sheet_hbond.range_id_2 
_pdbx_struct_sheet_hbond.range_1_label_atom_id 
_pdbx_struct_sheet_hbond.range_1_label_comp_id 
_pdbx_struct_sheet_hbond.range_1_label_asym_id 
_pdbx_struct_sheet_hbond.range_1_label_seq_id 
_pdbx_struct_sheet_hbond.range_1_PDB_ins_code 
_pdbx_struct_sheet_hbond.range_1_auth_atom_id 
_pdbx_struct_sheet_hbond.range_1_auth_comp_id 
_pdbx_struct_sheet_hbond.range_1_auth_asym_id 
_pdbx_struct_sheet_hbond.range_1_auth_seq_id 
_pdbx_struct_sheet_hbond.range_2_label_atom_id 
_pdbx_struct_sheet_hbond.range_2_label_comp_id 
_pdbx_struct_sheet_hbond.range_2_label_asym_id 
_pdbx_struct_sheet_hbond.range_2_label_seq_id 
_pdbx_struct_sheet_hbond.range_2_PDB_ins_code 
_pdbx_struct_sheet_hbond.range_2_auth_atom_id 
_pdbx_struct_sheet_hbond.range_2_auth_comp_id 
_pdbx_struct_sheet_hbond.range_2_auth_asym_id 
_pdbx_struct_sheet_hbond.range_2_auth_seq_id 
A 1 2 O THR A 11 ? O THR A 11 N VAL A 22 ? N VAL A 22 
B 1 2 O LEU A 33 ? O LEU A 33 N LEU A 81 ? N LEU A 81 
B 2 3 O ARG A 74 ? O ARG A 74 N LYS A 71 ? N LYS A 71 
B 3 4 O SER A 64 ? O SER A 64 N TYR A 48 ? N TYR A 48 
C 1 2 O ILE A 53 ? O ILE A 53 N VAL A 60 ? N VAL A 60 
# 
_struct_site.id                   AC1 
_struct_site.pdbx_evidence_code   Software 
_struct_site.pdbx_auth_asym_id    A 
_struct_site.pdbx_auth_comp_id    LP1 
_struct_site.pdbx_auth_seq_id     201 
_struct_site.pdbx_auth_ins_code   ? 
_struct_site.pdbx_num_residues    27 
_struct_site.details              'BINDING SITE FOR RESIDUE LP1 A 201' 
# 
loop_
_struct_site_gen.id 
_struct_site_gen.site_id 
_struct_site_gen.pdbx_num_res 
_struct_site_gen.label_comp_id 
_struct_site_gen.label_asym_id 
_struct_site_gen.label_seq_id 
_struct_site_gen.pdbx_auth_ins_code 
_struct_site_gen.auth_comp_id 
_struct_site_gen.auth_asym_id 
_struct_site_gen.auth_seq_id 
_struct_site_gen.label_atom_id 
_struct_site_gen.label_alt_id 
_struct_site_gen.symmetry 
_struct_site_gen.details 
1  AC1 27 VAL A 1  ? VAL A 1   . ? 3_555 ? 
2  AC1 27 THR A 2  ? THR A 2   . ? 4_455 ? 
3  AC1 27 ARG A 8  ? ARG A 8   . ? 2_555 ? 
4  AC1 27 ARG A 8  ? ARG A 8   . ? 1_555 ? 
5  AC1 27 LEU A 23 ? LEU A 23  . ? 2_555 ? 
6  AC1 27 ASP A 25 ? ASP A 25  . ? 2_555 ? 
7  AC1 27 ASP A 25 ? ASP A 25  . ? 1_555 ? 
8  AC1 27 GLY A 27 ? GLY A 27  . ? 2_555 ? 
9  AC1 27 GLY A 27 ? GLY A 27  . ? 1_555 ? 
10 AC1 27 ALA A 28 ? ALA A 28  . ? 1_555 ? 
11 AC1 27 ALA A 28 ? ALA A 28  . ? 2_555 ? 
12 AC1 27 ASP A 29 ? ASP A 29  . ? 1_555 ? 
13 AC1 27 ASP A 29 ? ASP A 29  . ? 2_555 ? 
14 AC1 27 ILE A 53 ? ILE A 53  . ? 2_555 ? 
15 AC1 27 GLY A 54 ? GLY A 54  . ? 1_555 ? 
16 AC1 27 GLY A 54 ? GLY A 54  . ? 2_555 ? 
17 AC1 27 GLY A 55 ? GLY A 55  . ? 2_555 ? 
18 AC1 27 GLY A 55 ? GLY A 55  . ? 1_555 ? 
19 AC1 27 PRO A 86 ? PRO A 86  . ? 1_555 ? 
20 AC1 27 PRO A 86 ? PRO A 86  . ? 2_555 ? 
21 AC1 27 ILE A 89 ? ILE A 89  . ? 2_555 ? 
22 AC1 27 ILE A 89 ? ILE A 89  . ? 1_555 ? 
23 AC1 27 HOH C .  ? HOH A 301 . ? 2_555 ? 
24 AC1 27 HOH C .  ? HOH A 301 . ? 1_555 ? 
25 AC1 27 HOH C .  ? HOH A 321 . ? 4_455 ? 
26 AC1 27 HOH C .  ? HOH A 322 . ? 2_555 ? 
27 AC1 27 HOH C .  ? HOH A 322 . ? 1_555 ? 
# 
_pdbx_validate_close_contact.id               1 
_pdbx_validate_close_contact.PDB_model_num    1 
_pdbx_validate_close_contact.auth_atom_id_1   O 
_pdbx_validate_close_contact.auth_asym_id_1   A 
_pdbx_validate_close_contact.auth_comp_id_1   VAL 
_pdbx_validate_close_contact.auth_seq_id_1    56 
_pdbx_validate_close_contact.PDB_ins_code_1   ? 
_pdbx_validate_close_contact.label_alt_id_1   A 
_pdbx_validate_close_contact.auth_atom_id_2   O 
_pdbx_validate_close_contact.auth_asym_id_2   A 
_pdbx_validate_close_contact.auth_comp_id_2   HOH 
_pdbx_validate_close_contact.auth_seq_id_2    351 
_pdbx_validate_close_contact.PDB_ins_code_2   ? 
_pdbx_validate_close_contact.label_alt_id_2   ? 
_pdbx_validate_close_contact.dist             2.03 
# 
loop_
_pdbx_validate_rmsd_angle.id 
_pdbx_validate_rmsd_angle.PDB_model_num 
_pdbx_validate_rmsd_angle.auth_atom_id_1 
_pdbx_validate_rmsd_angle.auth_asym_id_1 
_pdbx_validate_rmsd_angle.auth_comp_id_1 
_pdbx_validate_rmsd_angle.auth_seq_id_1 
_pdbx_validate_rmsd_angle.PDB_ins_code_1 
_pdbx_validate_rmsd_angle.label_alt_id_1 
_pdbx_validate_rmsd_angle.auth_atom_id_2 
_pdbx_validate_rmsd_angle.auth_asym_id_2 
_pdbx_validate_rmsd_angle.auth_comp_id_2 
_pdbx_validate_rmsd_angle.auth_seq_id_2 
_pdbx_validate_rmsd_angle.PDB_ins_code_2 
_pdbx_validate_rmsd_angle.label_alt_id_2 
_pdbx_validate_rmsd_angle.auth_atom_id_3 
_pdbx_validate_rmsd_angle.auth_asym_id_3 
_pdbx_validate_rmsd_angle.auth_comp_id_3 
_pdbx_validate_rmsd_angle.auth_seq_id_3 
_pdbx_validate_rmsd_angle.PDB_ins_code_3 
_pdbx_validate_rmsd_angle.label_alt_id_3 
_pdbx_validate_rmsd_angle.angle_value 
_pdbx_validate_rmsd_angle.angle_target_value 
_pdbx_validate_rmsd_angle.angle_deviation 
_pdbx_validate_rmsd_angle.angle_standard_deviation 
_pdbx_validate_rmsd_angle.linker_flag 
1  1 CB  A TYR 3  ? ? CG  A TYR 3  ? ? CD2 A TYR 3  ? ? 114.65 121.00 -6.35  0.60 N 
2  1 CG  A TYR 3  ? ? CD2 A TYR 3  ? ? CE2 A TYR 3  ? ? 116.41 121.30 -4.89  0.80 N 
3  1 OE1 A GLU 6  ? ? CD  A GLU 6  ? ? OE2 A GLU 6  ? ? 130.72 123.30 7.42   1.20 N 
4  1 NE  A ARG 8  ? ? CZ  A ARG 8  ? ? NH1 A ARG 8  ? ? 125.84 120.30 5.54   0.50 N 
5  1 NE  A ARG 8  ? ? CZ  A ARG 8  ? ? NH2 A ARG 8  ? ? 116.00 120.30 -4.30  0.50 N 
6  1 CB  A ASP 29 ? ? CG  A ASP 29 ? ? OD1 A ASP 29 ? ? 125.64 118.30 7.34   0.90 N 
7  1 CA  A LEU 33 ? ? CB  A LEU 33 ? ? CG  A LEU 33 ? ? 132.01 115.30 16.71  2.30 N 
8  1 O   A ASN 59 ? ? C   A ASN 59 ? ? N   A VAL 60 ? ? 133.17 122.70 10.47  1.60 Y 
9  1 NE  A ARG 92 ? ? CZ  A ARG 92 ? ? NH1 A ARG 92 ? ? 124.47 120.30 4.17   0.50 N 
10 1 OD1 A ASP 93 ? ? CG  A ASP 93 ? ? OD2 A ASP 93 ? ? 110.54 123.30 -12.76 1.90 N 
11 1 CB  A ASP 93 ? ? CG  A ASP 93 ? ? OD1 A ASP 93 ? ? 123.83 118.30 5.53   0.90 N 
12 1 CB  A ASP 93 ? ? CG  A ASP 93 ? ? OD2 A ASP 93 ? ? 125.11 118.30 6.81   0.90 N 
# 
_pdbx_struct_special_symmetry.id              1 
_pdbx_struct_special_symmetry.PDB_model_num   1 
_pdbx_struct_special_symmetry.auth_asym_id    A 
_pdbx_struct_special_symmetry.auth_comp_id    HOH 
_pdbx_struct_special_symmetry.auth_seq_id     301 
_pdbx_struct_special_symmetry.PDB_ins_code    ? 
_pdbx_struct_special_symmetry.label_asym_id   C 
_pdbx_struct_special_symmetry.label_comp_id   HOH 
_pdbx_struct_special_symmetry.label_seq_id    . 
# 
_pdbx_entry_details.entry_id                 2FMB 
_pdbx_entry_details.compound_details         ? 
_pdbx_entry_details.source_details           ? 
_pdbx_entry_details.nonpolymer_details       'KI VALUE OF LP-130 FOR EIAV PR IS 2 NM' 
_pdbx_entry_details.sequence_details         ? 
_pdbx_entry_details.has_ligand_of_interest   ? 
# 
loop_
_chem_comp_atom.comp_id 
_chem_comp_atom.atom_id 
_chem_comp_atom.type_symbol 
_chem_comp_atom.pdbx_aromatic_flag 
_chem_comp_atom.pdbx_stereo_config 
_chem_comp_atom.pdbx_ordinal 
ALA N    N N N 1   
ALA CA   C N S 2   
ALA C    C N N 3   
ALA O    O N N 4   
ALA CB   C N N 5   
ALA OXT  O N N 6   
ALA H    H N N 7   
ALA H2   H N N 8   
ALA HA   H N N 9   
ALA HB1  H N N 10  
ALA HB2  H N N 11  
ALA HB3  H N N 12  
ALA HXT  H N N 13  
ARG N    N N N 14  
ARG CA   C N S 15  
ARG C    C N N 16  
ARG O    O N N 17  
ARG CB   C N N 18  
ARG CG   C N N 19  
ARG CD   C N N 20  
ARG NE   N N N 21  
ARG CZ   C N N 22  
ARG NH1  N N N 23  
ARG NH2  N N N 24  
ARG OXT  O N N 25  
ARG H    H N N 26  
ARG H2   H N N 27  
ARG HA   H N N 28  
ARG HB2  H N N 29  
ARG HB3  H N N 30  
ARG HG2  H N N 31  
ARG HG3  H N N 32  
ARG HD2  H N N 33  
ARG HD3  H N N 34  
ARG HE   H N N 35  
ARG HH11 H N N 36  
ARG HH12 H N N 37  
ARG HH21 H N N 38  
ARG HH22 H N N 39  
ARG HXT  H N N 40  
ASN N    N N N 41  
ASN CA   C N S 42  
ASN C    C N N 43  
ASN O    O N N 44  
ASN CB   C N N 45  
ASN CG   C N N 46  
ASN OD1  O N N 47  
ASN ND2  N N N 48  
ASN OXT  O N N 49  
ASN H    H N N 50  
ASN H2   H N N 51  
ASN HA   H N N 52  
ASN HB2  H N N 53  
ASN HB3  H N N 54  
ASN HD21 H N N 55  
ASN HD22 H N N 56  
ASN HXT  H N N 57  
ASP N    N N N 58  
ASP CA   C N S 59  
ASP C    C N N 60  
ASP O    O N N 61  
ASP CB   C N N 62  
ASP CG   C N N 63  
ASP OD1  O N N 64  
ASP OD2  O N N 65  
ASP OXT  O N N 66  
ASP H    H N N 67  
ASP H2   H N N 68  
ASP HA   H N N 69  
ASP HB2  H N N 70  
ASP HB3  H N N 71  
ASP HD2  H N N 72  
ASP HXT  H N N 73  
GLN N    N N N 74  
GLN CA   C N S 75  
GLN C    C N N 76  
GLN O    O N N 77  
GLN CB   C N N 78  
GLN CG   C N N 79  
GLN CD   C N N 80  
GLN OE1  O N N 81  
GLN NE2  N N N 82  
GLN OXT  O N N 83  
GLN H    H N N 84  
GLN H2   H N N 85  
GLN HA   H N N 86  
GLN HB2  H N N 87  
GLN HB3  H N N 88  
GLN HG2  H N N 89  
GLN HG3  H N N 90  
GLN HE21 H N N 91  
GLN HE22 H N N 92  
GLN HXT  H N N 93  
GLU N    N N N 94  
GLU CA   C N S 95  
GLU C    C N N 96  
GLU O    O N N 97  
GLU CB   C N N 98  
GLU CG   C N N 99  
GLU CD   C N N 100 
GLU OE1  O N N 101 
GLU OE2  O N N 102 
GLU OXT  O N N 103 
GLU H    H N N 104 
GLU H2   H N N 105 
GLU HA   H N N 106 
GLU HB2  H N N 107 
GLU HB3  H N N 108 
GLU HG2  H N N 109 
GLU HG3  H N N 110 
GLU HE2  H N N 111 
GLU HXT  H N N 112 
GLY N    N N N 113 
GLY CA   C N N 114 
GLY C    C N N 115 
GLY O    O N N 116 
GLY OXT  O N N 117 
GLY H    H N N 118 
GLY H2   H N N 119 
GLY HA2  H N N 120 
GLY HA3  H N N 121 
GLY HXT  H N N 122 
HIS N    N N N 123 
HIS CA   C N S 124 
HIS C    C N N 125 
HIS O    O N N 126 
HIS CB   C N N 127 
HIS CG   C Y N 128 
HIS ND1  N Y N 129 
HIS CD2  C Y N 130 
HIS CE1  C Y N 131 
HIS NE2  N Y N 132 
HIS OXT  O N N 133 
HIS H    H N N 134 
HIS H2   H N N 135 
HIS HA   H N N 136 
HIS HB2  H N N 137 
HIS HB3  H N N 138 
HIS HD1  H N N 139 
HIS HD2  H N N 140 
HIS HE1  H N N 141 
HIS HE2  H N N 142 
HIS HXT  H N N 143 
HOH O    O N N 144 
HOH H1   H N N 145 
HOH H2   H N N 146 
ILE N    N N N 147 
ILE CA   C N S 148 
ILE C    C N N 149 
ILE O    O N N 150 
ILE CB   C N S 151 
ILE CG1  C N N 152 
ILE CG2  C N N 153 
ILE CD1  C N N 154 
ILE OXT  O N N 155 
ILE H    H N N 156 
ILE H2   H N N 157 
ILE HA   H N N 158 
ILE HB   H N N 159 
ILE HG12 H N N 160 
ILE HG13 H N N 161 
ILE HG21 H N N 162 
ILE HG22 H N N 163 
ILE HG23 H N N 164 
ILE HD11 H N N 165 
ILE HD12 H N N 166 
ILE HD13 H N N 167 
ILE HXT  H N N 168 
LEU N    N N N 169 
LEU CA   C N S 170 
LEU C    C N N 171 
LEU O    O N N 172 
LEU CB   C N N 173 
LEU CG   C N N 174 
LEU CD1  C N N 175 
LEU CD2  C N N 176 
LEU OXT  O N N 177 
LEU H    H N N 178 
LEU H2   H N N 179 
LEU HA   H N N 180 
LEU HB2  H N N 181 
LEU HB3  H N N 182 
LEU HG   H N N 183 
LEU HD11 H N N 184 
LEU HD12 H N N 185 
LEU HD13 H N N 186 
LEU HD21 H N N 187 
LEU HD22 H N N 188 
LEU HD23 H N N 189 
LEU HXT  H N N 190 
LP1 C1   C N N 191 
LP1 C2   C N N 192 
LP1 C7   C Y N 193 
LP1 C8   C Y N 194 
LP1 C9   C Y N 195 
LP1 C10  C Y N 196 
LP1 C11  C Y N 197 
LP1 C12  C Y N 198 
LP1 C13  C Y N 199 
LP1 C14  C Y N 200 
LP1 C15  C Y N 201 
LP1 C16  C Y N 202 
LP1 C20  C N S 203 
LP1 C21  C N N 204 
LP1 C24  C N N 205 
LP1 N26  N N N 206 
LP1 C27  C N S 207 
LP1 C30  C N N 208 
LP1 C31  C N N 209 
LP1 C32  C N S 210 
LP1 C33  C N N 211 
LP1 C35  C N N 212 
LP1 O3   O N N 213 
LP1 N4   N N N 214 
LP1 C5   C N S 215 
LP1 C6   C N N 216 
LP1 C17  C N N 217 
LP1 O18  O N N 218 
LP1 N19  N N N 219 
LP1 O22  O N N 220 
LP1 C23  C N N 221 
LP1 C25  C N N 222 
LP1 C28  C N N 223 
LP1 C29  C N N 224 
LP1 O34  O N N 225 
LP1 O36  O N N 226 
LP1 N37  N N N 227 
LP1 C38  C N S 228 
LP1 C39  C N N 229 
LP1 C40  C N N 230 
LP1 C41  C N N 231 
LP1 O42  O N N 232 
LP1 N43  N N N 233 
LP1 C44  C N S 234 
LP1 C45  C N N 235 
LP1 C46  C Y N 236 
LP1 C47  C Y N 237 
LP1 C48  C Y N 238 
LP1 C49  C Y N 239 
LP1 C50  C Y N 240 
LP1 C51  C Y N 241 
LP1 C52  C Y N 242 
LP1 C53  C Y N 243 
LP1 C54  C Y N 244 
LP1 C55  C Y N 245 
LP1 C56  C N N 246 
LP1 O57  O N N 247 
LP1 N58  N N N 248 
LP1 H11  H N N 249 
LP1 H12  H N N 250 
LP1 H13A H N N 251 
LP1 H8   H N N 252 
LP1 H9   H N N 253 
LP1 H10  H N N 254 
LP1 H13  H N N 255 
LP1 H14  H N N 256 
LP1 H15  H N N 257 
LP1 H16  H N N 258 
LP1 H20  H N N 259 
LP1 H241 H N N 260 
LP1 H242 H N N 261 
LP1 H243 H N N 262 
LP1 HNQ  H N N 263 
LP1 H27  H N N 264 
LP1 H301 H N N 265 
LP1 H302 H N N 266 
LP1 H303 H N N 267 
LP1 H311 H N N 268 
LP1 H312 H N N 269 
LP1 H313 H N N 270 
LP1 H32  H N N 271 
LP1 H331 H N N 272 
LP1 H332 H N N 273 
LP1 HN4  H N N 274 
LP1 H5   H N N 275 
LP1 H61  H N N 276 
LP1 H62  H N N 277 
LP1 HNJ  H N N 278 
LP1 H23  H N N 279 
LP1 H251 H N N 280 
LP1 H252 H N N 281 
LP1 H253 H N N 282 
LP1 H281 H N N 283 
LP1 H282 H N N 284 
LP1 H29  H N N 285 
LP1 HOY  H N N 286 
LP1 HN7  H N N 287 
LP1 H38  H N N 288 
LP1 H391 H N N 289 
LP1 H392 H N N 290 
LP1 H401 H N N 291 
LP1 H402 H N N 292 
LP1 H403 H N N 293 
LP1 HN3  H N N 294 
LP1 H44  H N N 295 
LP1 H451 H N N 296 
LP1 H452 H N N 297 
LP1 H47  H N N 298 
LP1 H48  H N N 299 
LP1 H49  H N N 300 
LP1 H52  H N N 301 
LP1 H53  H N N 302 
LP1 H54  H N N 303 
LP1 H55  H N N 304 
LP1 HN1  H N N 305 
LP1 HN2  H N N 306 
LYS N    N N N 307 
LYS CA   C N S 308 
LYS C    C N N 309 
LYS O    O N N 310 
LYS CB   C N N 311 
LYS CG   C N N 312 
LYS CD   C N N 313 
LYS CE   C N N 314 
LYS NZ   N N N 315 
LYS OXT  O N N 316 
LYS H    H N N 317 
LYS H2   H N N 318 
LYS HA   H N N 319 
LYS HB2  H N N 320 
LYS HB3  H N N 321 
LYS HG2  H N N 322 
LYS HG3  H N N 323 
LYS HD2  H N N 324 
LYS HD3  H N N 325 
LYS HE2  H N N 326 
LYS HE3  H N N 327 
LYS HZ1  H N N 328 
LYS HZ2  H N N 329 
LYS HZ3  H N N 330 
LYS HXT  H N N 331 
MET N    N N N 332 
MET CA   C N S 333 
MET C    C N N 334 
MET O    O N N 335 
MET CB   C N N 336 
MET CG   C N N 337 
MET SD   S N N 338 
MET CE   C N N 339 
MET OXT  O N N 340 
MET H    H N N 341 
MET H2   H N N 342 
MET HA   H N N 343 
MET HB2  H N N 344 
MET HB3  H N N 345 
MET HG2  H N N 346 
MET HG3  H N N 347 
MET HE1  H N N 348 
MET HE2  H N N 349 
MET HE3  H N N 350 
MET HXT  H N N 351 
PHE N    N N N 352 
PHE CA   C N S 353 
PHE C    C N N 354 
PHE O    O N N 355 
PHE CB   C N N 356 
PHE CG   C Y N 357 
PHE CD1  C Y N 358 
PHE CD2  C Y N 359 
PHE CE1  C Y N 360 
PHE CE2  C Y N 361 
PHE CZ   C Y N 362 
PHE OXT  O N N 363 
PHE H    H N N 364 
PHE H2   H N N 365 
PHE HA   H N N 366 
PHE HB2  H N N 367 
PHE HB3  H N N 368 
PHE HD1  H N N 369 
PHE HD2  H N N 370 
PHE HE1  H N N 371 
PHE HE2  H N N 372 
PHE HZ   H N N 373 
PHE HXT  H N N 374 
PRO N    N N N 375 
PRO CA   C N S 376 
PRO C    C N N 377 
PRO O    O N N 378 
PRO CB   C N N 379 
PRO CG   C N N 380 
PRO CD   C N N 381 
PRO OXT  O N N 382 
PRO H    H N N 383 
PRO HA   H N N 384 
PRO HB2  H N N 385 
PRO HB3  H N N 386 
PRO HG2  H N N 387 
PRO HG3  H N N 388 
PRO HD2  H N N 389 
PRO HD3  H N N 390 
PRO HXT  H N N 391 
SER N    N N N 392 
SER CA   C N S 393 
SER C    C N N 394 
SER O    O N N 395 
SER CB   C N N 396 
SER OG   O N N 397 
SER OXT  O N N 398 
SER H    H N N 399 
SER H2   H N N 400 
SER HA   H N N 401 
SER HB2  H N N 402 
SER HB3  H N N 403 
SER HG   H N N 404 
SER HXT  H N N 405 
THR N    N N N 406 
THR CA   C N S 407 
THR C    C N N 408 
THR O    O N N 409 
THR CB   C N R 410 
THR OG1  O N N 411 
THR CG2  C N N 412 
THR OXT  O N N 413 
THR H    H N N 414 
THR H2   H N N 415 
THR HA   H N N 416 
THR HB   H N N 417 
THR HG1  H N N 418 
THR HG21 H N N 419 
THR HG22 H N N 420 
THR HG23 H N N 421 
THR HXT  H N N 422 
TYR N    N N N 423 
TYR CA   C N S 424 
TYR C    C N N 425 
TYR O    O N N 426 
TYR CB   C N N 427 
TYR CG   C Y N 428 
TYR CD1  C Y N 429 
TYR CD2  C Y N 430 
TYR CE1  C Y N 431 
TYR CE2  C Y N 432 
TYR CZ   C Y N 433 
TYR OH   O N N 434 
TYR OXT  O N N 435 
TYR H    H N N 436 
TYR H2   H N N 437 
TYR HA   H N N 438 
TYR HB2  H N N 439 
TYR HB3  H N N 440 
TYR HD1  H N N 441 
TYR HD2  H N N 442 
TYR HE1  H N N 443 
TYR HE2  H N N 444 
TYR HH   H N N 445 
TYR HXT  H N N 446 
VAL N    N N N 447 
VAL CA   C N S 448 
VAL C    C N N 449 
VAL O    O N N 450 
VAL CB   C N N 451 
VAL CG1  C N N 452 
VAL CG2  C N N 453 
VAL OXT  O N N 454 
VAL H    H N N 455 
VAL H2   H N N 456 
VAL HA   H N N 457 
VAL HB   H N N 458 
VAL HG11 H N N 459 
VAL HG12 H N N 460 
VAL HG13 H N N 461 
VAL HG21 H N N 462 
VAL HG22 H N N 463 
VAL HG23 H N N 464 
VAL HXT  H N N 465 
# 
loop_
_chem_comp_bond.comp_id 
_chem_comp_bond.atom_id_1 
_chem_comp_bond.atom_id_2 
_chem_comp_bond.value_order 
_chem_comp_bond.pdbx_aromatic_flag 
_chem_comp_bond.pdbx_stereo_config 
_chem_comp_bond.pdbx_ordinal 
ALA N   CA   sing N N 1   
ALA N   H    sing N N 2   
ALA N   H2   sing N N 3   
ALA CA  C    sing N N 4   
ALA CA  CB   sing N N 5   
ALA CA  HA   sing N N 6   
ALA C   O    doub N N 7   
ALA C   OXT  sing N N 8   
ALA CB  HB1  sing N N 9   
ALA CB  HB2  sing N N 10  
ALA CB  HB3  sing N N 11  
ALA OXT HXT  sing N N 12  
ARG N   CA   sing N N 13  
ARG N   H    sing N N 14  
ARG N   H2   sing N N 15  
ARG CA  C    sing N N 16  
ARG CA  CB   sing N N 17  
ARG CA  HA   sing N N 18  
ARG C   O    doub N N 19  
ARG C   OXT  sing N N 20  
ARG CB  CG   sing N N 21  
ARG CB  HB2  sing N N 22  
ARG CB  HB3  sing N N 23  
ARG CG  CD   sing N N 24  
ARG CG  HG2  sing N N 25  
ARG CG  HG3  sing N N 26  
ARG CD  NE   sing N N 27  
ARG CD  HD2  sing N N 28  
ARG CD  HD3  sing N N 29  
ARG NE  CZ   sing N N 30  
ARG NE  HE   sing N N 31  
ARG CZ  NH1  sing N N 32  
ARG CZ  NH2  doub N N 33  
ARG NH1 HH11 sing N N 34  
ARG NH1 HH12 sing N N 35  
ARG NH2 HH21 sing N N 36  
ARG NH2 HH22 sing N N 37  
ARG OXT HXT  sing N N 38  
ASN N   CA   sing N N 39  
ASN N   H    sing N N 40  
ASN N   H2   sing N N 41  
ASN CA  C    sing N N 42  
ASN CA  CB   sing N N 43  
ASN CA  HA   sing N N 44  
ASN C   O    doub N N 45  
ASN C   OXT  sing N N 46  
ASN CB  CG   sing N N 47  
ASN CB  HB2  sing N N 48  
ASN CB  HB3  sing N N 49  
ASN CG  OD1  doub N N 50  
ASN CG  ND2  sing N N 51  
ASN ND2 HD21 sing N N 52  
ASN ND2 HD22 sing N N 53  
ASN OXT HXT  sing N N 54  
ASP N   CA   sing N N 55  
ASP N   H    sing N N 56  
ASP N   H2   sing N N 57  
ASP CA  C    sing N N 58  
ASP CA  CB   sing N N 59  
ASP CA  HA   sing N N 60  
ASP C   O    doub N N 61  
ASP C   OXT  sing N N 62  
ASP CB  CG   sing N N 63  
ASP CB  HB2  sing N N 64  
ASP CB  HB3  sing N N 65  
ASP CG  OD1  doub N N 66  
ASP CG  OD2  sing N N 67  
ASP OD2 HD2  sing N N 68  
ASP OXT HXT  sing N N 69  
GLN N   CA   sing N N 70  
GLN N   H    sing N N 71  
GLN N   H2   sing N N 72  
GLN CA  C    sing N N 73  
GLN CA  CB   sing N N 74  
GLN CA  HA   sing N N 75  
GLN C   O    doub N N 76  
GLN C   OXT  sing N N 77  
GLN CB  CG   sing N N 78  
GLN CB  HB2  sing N N 79  
GLN CB  HB3  sing N N 80  
GLN CG  CD   sing N N 81  
GLN CG  HG2  sing N N 82  
GLN CG  HG3  sing N N 83  
GLN CD  OE1  doub N N 84  
GLN CD  NE2  sing N N 85  
GLN NE2 HE21 sing N N 86  
GLN NE2 HE22 sing N N 87  
GLN OXT HXT  sing N N 88  
GLU N   CA   sing N N 89  
GLU N   H    sing N N 90  
GLU N   H2   sing N N 91  
GLU CA  C    sing N N 92  
GLU CA  CB   sing N N 93  
GLU CA  HA   sing N N 94  
GLU C   O    doub N N 95  
GLU C   OXT  sing N N 96  
GLU CB  CG   sing N N 97  
GLU CB  HB2  sing N N 98  
GLU CB  HB3  sing N N 99  
GLU CG  CD   sing N N 100 
GLU CG  HG2  sing N N 101 
GLU CG  HG3  sing N N 102 
GLU CD  OE1  doub N N 103 
GLU CD  OE2  sing N N 104 
GLU OE2 HE2  sing N N 105 
GLU OXT HXT  sing N N 106 
GLY N   CA   sing N N 107 
GLY N   H    sing N N 108 
GLY N   H2   sing N N 109 
GLY CA  C    sing N N 110 
GLY CA  HA2  sing N N 111 
GLY CA  HA3  sing N N 112 
GLY C   O    doub N N 113 
GLY C   OXT  sing N N 114 
GLY OXT HXT  sing N N 115 
HIS N   CA   sing N N 116 
HIS N   H    sing N N 117 
HIS N   H2   sing N N 118 
HIS CA  C    sing N N 119 
HIS CA  CB   sing N N 120 
HIS CA  HA   sing N N 121 
HIS C   O    doub N N 122 
HIS C   OXT  sing N N 123 
HIS CB  CG   sing N N 124 
HIS CB  HB2  sing N N 125 
HIS CB  HB3  sing N N 126 
HIS CG  ND1  sing Y N 127 
HIS CG  CD2  doub Y N 128 
HIS ND1 CE1  doub Y N 129 
HIS ND1 HD1  sing N N 130 
HIS CD2 NE2  sing Y N 131 
HIS CD2 HD2  sing N N 132 
HIS CE1 NE2  sing Y N 133 
HIS CE1 HE1  sing N N 134 
HIS NE2 HE2  sing N N 135 
HIS OXT HXT  sing N N 136 
HOH O   H1   sing N N 137 
HOH O   H2   sing N N 138 
ILE N   CA   sing N N 139 
ILE N   H    sing N N 140 
ILE N   H2   sing N N 141 
ILE CA  C    sing N N 142 
ILE CA  CB   sing N N 143 
ILE CA  HA   sing N N 144 
ILE C   O    doub N N 145 
ILE C   OXT  sing N N 146 
ILE CB  CG1  sing N N 147 
ILE CB  CG2  sing N N 148 
ILE CB  HB   sing N N 149 
ILE CG1 CD1  sing N N 150 
ILE CG1 HG12 sing N N 151 
ILE CG1 HG13 sing N N 152 
ILE CG2 HG21 sing N N 153 
ILE CG2 HG22 sing N N 154 
ILE CG2 HG23 sing N N 155 
ILE CD1 HD11 sing N N 156 
ILE CD1 HD12 sing N N 157 
ILE CD1 HD13 sing N N 158 
ILE OXT HXT  sing N N 159 
LEU N   CA   sing N N 160 
LEU N   H    sing N N 161 
LEU N   H2   sing N N 162 
LEU CA  C    sing N N 163 
LEU CA  CB   sing N N 164 
LEU CA  HA   sing N N 165 
LEU C   O    doub N N 166 
LEU C   OXT  sing N N 167 
LEU CB  CG   sing N N 168 
LEU CB  HB2  sing N N 169 
LEU CB  HB3  sing N N 170 
LEU CG  CD1  sing N N 171 
LEU CG  CD2  sing N N 172 
LEU CG  HG   sing N N 173 
LEU CD1 HD11 sing N N 174 
LEU CD1 HD12 sing N N 175 
LEU CD1 HD13 sing N N 176 
LEU CD2 HD21 sing N N 177 
LEU CD2 HD22 sing N N 178 
LEU CD2 HD23 sing N N 179 
LEU OXT HXT  sing N N 180 
LP1 C1  C2   sing N N 181 
LP1 C1  H11  sing N N 182 
LP1 C1  H12  sing N N 183 
LP1 C1  H13A sing N N 184 
LP1 C2  O3   doub N N 185 
LP1 C2  N4   sing N N 186 
LP1 C7  C8   doub Y N 187 
LP1 C7  C11  sing Y N 188 
LP1 C7  C6   sing N N 189 
LP1 C8  C9   sing Y N 190 
LP1 C8  H8   sing N N 191 
LP1 C9  C10  doub Y N 192 
LP1 C9  H9   sing N N 193 
LP1 C10 C12  sing Y N 194 
LP1 C10 H10  sing N N 195 
LP1 C11 C12  doub Y N 196 
LP1 C11 C13  sing Y N 197 
LP1 C12 C14  sing Y N 198 
LP1 C13 C15  doub Y N 199 
LP1 C13 H13  sing N N 200 
LP1 C14 C16  doub Y N 201 
LP1 C14 H14  sing N N 202 
LP1 C15 C16  sing Y N 203 
LP1 C15 H15  sing N N 204 
LP1 C16 H16  sing N N 205 
LP1 C20 C21  sing N N 206 
LP1 C20 N19  sing N N 207 
LP1 C20 C23  sing N N 208 
LP1 C20 H20  sing N N 209 
LP1 C21 N26  sing N N 210 
LP1 C21 O22  doub N N 211 
LP1 C24 C23  sing N N 212 
LP1 C24 H241 sing N N 213 
LP1 C24 H242 sing N N 214 
LP1 C24 H243 sing N N 215 
LP1 N26 C27  sing N N 216 
LP1 N26 HNQ  sing N N 217 
LP1 C27 C32  sing N N 218 
LP1 C27 C28  sing N N 219 
LP1 C27 H27  sing N N 220 
LP1 C30 C29  sing N N 221 
LP1 C30 H301 sing N N 222 
LP1 C30 H302 sing N N 223 
LP1 C30 H303 sing N N 224 
LP1 C31 C29  sing N N 225 
LP1 C31 H311 sing N N 226 
LP1 C31 H312 sing N N 227 
LP1 C31 H313 sing N N 228 
LP1 C32 C33  sing N N 229 
LP1 C32 O34  sing N N 230 
LP1 C32 H32  sing N N 231 
LP1 C33 C35  sing N N 232 
LP1 C33 H331 sing N N 233 
LP1 C33 H332 sing N N 234 
LP1 C35 O36  doub N N 235 
LP1 C35 N37  sing N N 236 
LP1 N4  C5   sing N N 237 
LP1 N4  HN4  sing N N 238 
LP1 C5  C6   sing N N 239 
LP1 C5  C17  sing N N 240 
LP1 C5  H5   sing N N 241 
LP1 C6  H61  sing N N 242 
LP1 C6  H62  sing N N 243 
LP1 C17 O18  doub N N 244 
LP1 C17 N19  sing N N 245 
LP1 N19 HNJ  sing N N 246 
LP1 C23 C25  sing N N 247 
LP1 C23 H23  sing N N 248 
LP1 C25 H251 sing N N 249 
LP1 C25 H252 sing N N 250 
LP1 C25 H253 sing N N 251 
LP1 C28 C29  sing N N 252 
LP1 C28 H281 sing N N 253 
LP1 C28 H282 sing N N 254 
LP1 C29 H29  sing N N 255 
LP1 O34 HOY  sing N N 256 
LP1 N37 C38  sing N N 257 
LP1 N37 HN7  sing N N 258 
LP1 C38 C39  sing N N 259 
LP1 C38 C41  sing N N 260 
LP1 C38 H38  sing N N 261 
LP1 C39 C40  sing N N 262 
LP1 C39 H391 sing N N 263 
LP1 C39 H392 sing N N 264 
LP1 C40 H401 sing N N 265 
LP1 C40 H402 sing N N 266 
LP1 C40 H403 sing N N 267 
LP1 C41 O42  doub N N 268 
LP1 C41 N43  sing N N 269 
LP1 N43 C44  sing N N 270 
LP1 N43 HN3  sing N N 271 
LP1 C44 C45  sing N N 272 
LP1 C44 C56  sing N N 273 
LP1 C44 H44  sing N N 274 
LP1 C45 C46  sing N N 275 
LP1 C45 H451 sing N N 276 
LP1 C45 H452 sing N N 277 
LP1 C46 C47  doub Y N 278 
LP1 C46 C50  sing Y N 279 
LP1 C47 C48  sing Y N 280 
LP1 C47 H47  sing N N 281 
LP1 C48 C49  doub Y N 282 
LP1 C48 H48  sing N N 283 
LP1 C49 C51  sing Y N 284 
LP1 C49 H49  sing N N 285 
LP1 C50 C51  doub Y N 286 
LP1 C50 C52  sing Y N 287 
LP1 C51 C53  sing Y N 288 
LP1 C52 C54  doub Y N 289 
LP1 C52 H52  sing N N 290 
LP1 C53 C55  doub Y N 291 
LP1 C53 H53  sing N N 292 
LP1 C54 C55  sing Y N 293 
LP1 C54 H54  sing N N 294 
LP1 C55 H55  sing N N 295 
LP1 C56 O57  doub N N 296 
LP1 C56 N58  sing N N 297 
LP1 N58 HN1  sing N N 298 
LP1 N58 HN2  sing N N 299 
LYS N   CA   sing N N 300 
LYS N   H    sing N N 301 
LYS N   H2   sing N N 302 
LYS CA  C    sing N N 303 
LYS CA  CB   sing N N 304 
LYS CA  HA   sing N N 305 
LYS C   O    doub N N 306 
LYS C   OXT  sing N N 307 
LYS CB  CG   sing N N 308 
LYS CB  HB2  sing N N 309 
LYS CB  HB3  sing N N 310 
LYS CG  CD   sing N N 311 
LYS CG  HG2  sing N N 312 
LYS CG  HG3  sing N N 313 
LYS CD  CE   sing N N 314 
LYS CD  HD2  sing N N 315 
LYS CD  HD3  sing N N 316 
LYS CE  NZ   sing N N 317 
LYS CE  HE2  sing N N 318 
LYS CE  HE3  sing N N 319 
LYS NZ  HZ1  sing N N 320 
LYS NZ  HZ2  sing N N 321 
LYS NZ  HZ3  sing N N 322 
LYS OXT HXT  sing N N 323 
MET N   CA   sing N N 324 
MET N   H    sing N N 325 
MET N   H2   sing N N 326 
MET CA  C    sing N N 327 
MET CA  CB   sing N N 328 
MET CA  HA   sing N N 329 
MET C   O    doub N N 330 
MET C   OXT  sing N N 331 
MET CB  CG   sing N N 332 
MET CB  HB2  sing N N 333 
MET CB  HB3  sing N N 334 
MET CG  SD   sing N N 335 
MET CG  HG2  sing N N 336 
MET CG  HG3  sing N N 337 
MET SD  CE   sing N N 338 
MET CE  HE1  sing N N 339 
MET CE  HE2  sing N N 340 
MET CE  HE3  sing N N 341 
MET OXT HXT  sing N N 342 
PHE N   CA   sing N N 343 
PHE N   H    sing N N 344 
PHE N   H2   sing N N 345 
PHE CA  C    sing N N 346 
PHE CA  CB   sing N N 347 
PHE CA  HA   sing N N 348 
PHE C   O    doub N N 349 
PHE C   OXT  sing N N 350 
PHE CB  CG   sing N N 351 
PHE CB  HB2  sing N N 352 
PHE CB  HB3  sing N N 353 
PHE CG  CD1  doub Y N 354 
PHE CG  CD2  sing Y N 355 
PHE CD1 CE1  sing Y N 356 
PHE CD1 HD1  sing N N 357 
PHE CD2 CE2  doub Y N 358 
PHE CD2 HD2  sing N N 359 
PHE CE1 CZ   doub Y N 360 
PHE CE1 HE1  sing N N 361 
PHE CE2 CZ   sing Y N 362 
PHE CE2 HE2  sing N N 363 
PHE CZ  HZ   sing N N 364 
PHE OXT HXT  sing N N 365 
PRO N   CA   sing N N 366 
PRO N   CD   sing N N 367 
PRO N   H    sing N N 368 
PRO CA  C    sing N N 369 
PRO CA  CB   sing N N 370 
PRO CA  HA   sing N N 371 
PRO C   O    doub N N 372 
PRO C   OXT  sing N N 373 
PRO CB  CG   sing N N 374 
PRO CB  HB2  sing N N 375 
PRO CB  HB3  sing N N 376 
PRO CG  CD   sing N N 377 
PRO CG  HG2  sing N N 378 
PRO CG  HG3  sing N N 379 
PRO CD  HD2  sing N N 380 
PRO CD  HD3  sing N N 381 
PRO OXT HXT  sing N N 382 
SER N   CA   sing N N 383 
SER N   H    sing N N 384 
SER N   H2   sing N N 385 
SER CA  C    sing N N 386 
SER CA  CB   sing N N 387 
SER CA  HA   sing N N 388 
SER C   O    doub N N 389 
SER C   OXT  sing N N 390 
SER CB  OG   sing N N 391 
SER CB  HB2  sing N N 392 
SER CB  HB3  sing N N 393 
SER OG  HG   sing N N 394 
SER OXT HXT  sing N N 395 
THR N   CA   sing N N 396 
THR N   H    sing N N 397 
THR N   H2   sing N N 398 
THR CA  C    sing N N 399 
THR CA  CB   sing N N 400 
THR CA  HA   sing N N 401 
THR C   O    doub N N 402 
THR C   OXT  sing N N 403 
THR CB  OG1  sing N N 404 
THR CB  CG2  sing N N 405 
THR CB  HB   sing N N 406 
THR OG1 HG1  sing N N 407 
THR CG2 HG21 sing N N 408 
THR CG2 HG22 sing N N 409 
THR CG2 HG23 sing N N 410 
THR OXT HXT  sing N N 411 
TYR N   CA   sing N N 412 
TYR N   H    sing N N 413 
TYR N   H2   sing N N 414 
TYR CA  C    sing N N 415 
TYR CA  CB   sing N N 416 
TYR CA  HA   sing N N 417 
TYR C   O    doub N N 418 
TYR C   OXT  sing N N 419 
TYR CB  CG   sing N N 420 
TYR CB  HB2  sing N N 421 
TYR CB  HB3  sing N N 422 
TYR CG  CD1  doub Y N 423 
TYR CG  CD2  sing Y N 424 
TYR CD1 CE1  sing Y N 425 
TYR CD1 HD1  sing N N 426 
TYR CD2 CE2  doub Y N 427 
TYR CD2 HD2  sing N N 428 
TYR CE1 CZ   doub Y N 429 
TYR CE1 HE1  sing N N 430 
TYR CE2 CZ   sing Y N 431 
TYR CE2 HE2  sing N N 432 
TYR CZ  OH   sing N N 433 
TYR OH  HH   sing N N 434 
TYR OXT HXT  sing N N 435 
VAL N   CA   sing N N 436 
VAL N   H    sing N N 437 
VAL N   H2   sing N N 438 
VAL CA  C    sing N N 439 
VAL CA  CB   sing N N 440 
VAL CA  HA   sing N N 441 
VAL C   O    doub N N 442 
VAL C   OXT  sing N N 443 
VAL CB  CG1  sing N N 444 
VAL CB  CG2  sing N N 445 
VAL CB  HB   sing N N 446 
VAL CG1 HG11 sing N N 447 
VAL CG1 HG12 sing N N 448 
VAL CG1 HG13 sing N N 449 
VAL CG2 HG21 sing N N 450 
VAL CG2 HG22 sing N N 451 
VAL CG2 HG23 sing N N 452 
VAL OXT HXT  sing N N 453 
# 
_pdbx_initial_refinement_model.id               1 
_pdbx_initial_refinement_model.entity_id_list   ? 
_pdbx_initial_refinement_model.type             'experimental model' 
_pdbx_initial_refinement_model.source_name      PDB 
_pdbx_initial_refinement_model.accession_code   1FMB 
_pdbx_initial_refinement_model.details          'PDB ENTRY 1FMB' 
# 
_atom_sites.entry_id                    2FMB 
_atom_sites.fract_transf_matrix[1][1]   -0.00778321 
_atom_sites.fract_transf_matrix[1][2]   -0.01846209 
_atom_sites.fract_transf_matrix[1][3]   0.01496803 
_atom_sites.fract_transf_matrix[2][1]   0.01125383 
_atom_sites.fract_transf_matrix[2][2]   0.00884826 
_atom_sites.fract_transf_matrix[2][3]   0.01676561 
_atom_sites.fract_transf_matrix[3][1]   -0.01615734 
_atom_sites.fract_transf_matrix[3][2]   0.00472592 
_atom_sites.fract_transf_matrix[3][3]   0.00835137 
_atom_sites.fract_transf_vector[1]      0.002561 
_atom_sites.fract_transf_vector[2]      0.327223 
_atom_sites.fract_transf_vector[3]      0.201303 
# 
loop_
_atom_type.symbol 
C 
N 
O 
S 
# 
loop_
_atom_site.group_PDB 
_atom_site.id 
_atom_site.type_symbol 
_atom_site.label_atom_id 
_atom_site.label_alt_id 
_atom_site.label_comp_id 
_atom_site.label_asym_id 
_atom_site.label_entity_id 
_atom_site.label_seq_id 
_atom_site.pdbx_PDB_ins_code 
_atom_site.Cartn_x 
_atom_site.Cartn_y 
_atom_site.Cartn_z 
_atom_site.occupancy 
_atom_site.B_iso_or_equiv 
_atom_site.pdbx_formal_charge 
_atom_site.auth_seq_id 
_atom_site.auth_comp_id 
_atom_site.auth_asym_id 
_atom_site.auth_atom_id 
_atom_site.pdbx_PDB_model_num 
ATOM   1   N N   . VAL A 1 1   ? -3.676  -4.993  -17.180 1.00 28.55 ? 1   VAL A N   1 
ATOM   2   C CA  . VAL A 1 1   ? -2.432  -4.494  -17.844 1.00 26.67 ? 1   VAL A CA  1 
ATOM   3   C C   . VAL A 1 1   ? -1.316  -5.379  -17.281 1.00 22.88 ? 1   VAL A C   1 
ATOM   4   O O   . VAL A 1 1   ? -1.459  -5.946  -16.201 1.00 27.39 ? 1   VAL A O   1 
ATOM   5   C CB  . VAL A 1 1   ? -2.068  -3.016  -17.942 1.00 33.86 ? 1   VAL A CB  1 
ATOM   6   C CG1 . VAL A 1 1   ? -3.229  -2.017  -17.840 1.00 31.78 ? 1   VAL A CG1 1 
ATOM   7   C CG2 . VAL A 1 1   ? -1.023  -2.594  -16.926 1.00 33.10 ? 1   VAL A CG2 1 
ATOM   8   N N   . THR A 1 2   ? -0.294  -5.505  -18.074 1.00 23.48 ? 2   THR A N   1 
ATOM   9   C CA  . THR A 1 2   ? 0.860   -6.366  -17.819 1.00 22.50 ? 2   THR A CA  1 
ATOM   10  C C   . THR A 1 2   ? 2.083   -5.519  -17.560 1.00 23.03 ? 2   THR A C   1 
ATOM   11  O O   . THR A 1 2   ? 2.286   -4.557  -18.285 1.00 20.54 ? 2   THR A O   1 
ATOM   12  C CB  . THR A 1 2   ? 1.054   -7.324  -19.009 1.00 31.90 ? 2   THR A CB  1 
ATOM   13  O OG1 . THR A 1 2   ? -0.072  -8.242  -19.015 1.00 34.03 ? 2   THR A OG1 1 
ATOM   14  C CG2 . THR A 1 2   ? 2.274   -8.204  -18.833 1.00 30.03 ? 2   THR A CG2 1 
ATOM   15  N N   . TYR A 1 3   ? 2.830   -5.828  -16.490 1.00 18.69 ? 3   TYR A N   1 
ATOM   16  C CA  . TYR A 1 3   ? 4.025   -5.007  -16.215 1.00 20.57 ? 3   TYR A CA  1 
ATOM   17  C C   . TYR A 1 3   ? 5.187   -5.940  -16.533 1.00 20.60 ? 3   TYR A C   1 
ATOM   18  O O   . TYR A 1 3   ? 5.245   -7.031  -15.943 1.00 23.26 ? 3   TYR A O   1 
ATOM   19  C CB  . TYR A 1 3   ? 4.113   -4.647  -14.726 1.00 18.79 ? 3   TYR A CB  1 
ATOM   20  C CG  . TYR A 1 3   ? 2.913   -3.785  -14.402 1.00 17.90 ? 3   TYR A CG  1 
ATOM   21  C CD1 . TYR A 1 3   ? 1.679   -4.299  -14.078 1.00 21.39 ? 3   TYR A CD1 1 
ATOM   22  C CD2 . TYR A 1 3   ? 3.165   -2.408  -14.405 1.00 24.07 ? 3   TYR A CD2 1 
ATOM   23  C CE1 . TYR A 1 3   ? 0.606   -3.458  -13.823 1.00 26.01 ? 3   TYR A CE1 1 
ATOM   24  C CE2 . TYR A 1 3   ? 2.093   -1.583  -14.093 1.00 26.02 ? 3   TYR A CE2 1 
ATOM   25  C CZ  . TYR A 1 3   ? 0.852   -2.094  -13.836 1.00 27.30 ? 3   TYR A CZ  1 
ATOM   26  O OH  . TYR A 1 3   ? -0.156  -1.197  -13.547 1.00 29.20 ? 3   TYR A OH  1 
ATOM   27  N N   . ASN A 1 4   ? 6.050   -5.531  -17.428 1.00 19.57 ? 4   ASN A N   1 
ATOM   28  C CA  . ASN A 1 4   ? 7.191   -6.339  -17.848 1.00 17.80 ? 4   ASN A CA  1 
ATOM   29  C C   . ASN A 1 4   ? 8.454   -6.131  -17.029 1.00 17.87 ? 4   ASN A C   1 
ATOM   30  O O   . ASN A 1 4   ? 9.537   -6.677  -17.306 1.00 18.92 ? 4   ASN A O   1 
ATOM   31  C CB  . ASN A 1 4   ? 7.406   -6.088  -19.339 1.00 19.60 ? 4   ASN A CB  1 
ATOM   32  C CG  . ASN A 1 4   ? 7.964   -4.739  -19.735 1.00 23.85 ? 4   ASN A CG  1 
ATOM   33  O OD1 . ASN A 1 4   ? 8.281   -3.848  -18.944 1.00 24.79 ? 4   ASN A OD1 1 
ATOM   34  N ND2 . ASN A 1 4   ? 8.197   -4.550  -21.037 1.00 23.27 ? 4   ASN A ND2 1 
ATOM   35  N N   . LEU A 1 5   ? 8.334   -5.246  -16.040 1.00 16.41 ? 5   LEU A N   1 
ATOM   36  C CA  . LEU A 1 5   ? 9.392   -4.994  -15.067 1.00 16.96 ? 5   LEU A CA  1 
ATOM   37  C C   . LEU A 1 5   ? 10.630  -4.277  -15.529 1.00 19.50 ? 5   LEU A C   1 
ATOM   38  O O   . LEU A 1 5   ? 11.623  -4.196  -14.787 1.00 18.55 ? 5   LEU A O   1 
ATOM   39  C CB  . LEU A 1 5   ? 9.687   -6.306  -14.296 1.00 19.37 ? 5   LEU A CB  1 
ATOM   40  C CG  . LEU A 1 5   ? 8.481   -7.038  -13.689 1.00 20.42 ? 5   LEU A CG  1 
ATOM   41  C CD1 . LEU A 1 5   ? 8.829   -8.388  -13.061 1.00 19.44 ? 5   LEU A CD1 1 
ATOM   42  C CD2 . LEU A 1 5   ? 7.763   -6.167  -12.669 1.00 17.39 ? 5   LEU A CD2 1 
ATOM   43  N N   . GLU A 1 6   ? 10.528  -3.637  -16.714 1.00 16.89 ? 6   GLU A N   1 
ATOM   44  C CA  . GLU A 1 6   ? 11.606  -2.798  -17.184 1.00 17.45 ? 6   GLU A CA  1 
ATOM   45  C C   . GLU A 1 6   ? 11.672  -1.562  -16.283 1.00 18.92 ? 6   GLU A C   1 
ATOM   46  O O   . GLU A 1 6   ? 12.761  -1.021  -16.120 1.00 23.85 ? 6   GLU A O   1 
ATOM   47  C CB  . GLU A 1 6   ? 11.373  -2.234  -18.604 1.00 18.10 ? 6   GLU A CB  1 
ATOM   48  C CG  . GLU A 1 6   ? 11.648  -3.440  -19.524 1.00 33.71 ? 6   GLU A CG  1 
ATOM   49  C CD  . GLU A 1 6   ? 11.126  -3.019  -20.906 1.00 39.87 ? 6   GLU A CD  1 
ATOM   50  O OE1 . GLU A 1 6   ? 10.311  -2.058  -20.924 1.00 42.41 ? 6   GLU A OE1 1 
ATOM   51  O OE2 . GLU A 1 6   ? 11.647  -3.644  -21.825 1.00 33.82 ? 6   GLU A OE2 1 
ATOM   52  N N   . LYS A 1 7   ? 10.531  -1.154  -15.774 1.00 19.63 ? 7   LYS A N   1 
ATOM   53  C CA  . LYS A 1 7   ? 10.486  -0.005  -14.853 1.00 20.52 ? 7   LYS A CA  1 
ATOM   54  C C   . LYS A 1 7   ? 9.746   -0.474  -13.603 1.00 18.43 ? 7   LYS A C   1 
ATOM   55  O O   . LYS A 1 7   ? 9.178   -1.586  -13.551 1.00 17.57 ? 7   LYS A O   1 
ATOM   56  C CB  . LYS A 1 7   ? 9.661   1.125   -15.500 1.00 30.41 ? 7   LYS A CB  1 
ATOM   57  C CG  . LYS A 1 7   ? 10.198  1.716   -16.792 1.00 40.17 ? 7   LYS A CG  1 
ATOM   58  C CD  . LYS A 1 7   ? 11.149  2.885   -16.777 1.00 51.29 ? 7   LYS A CD  1 
ATOM   59  C CE  . LYS A 1 7   ? 12.623  2.511   -16.722 1.00 55.27 ? 7   LYS A CE  1 
ATOM   60  N NZ  . LYS A 1 7   ? 13.429  3.506   -17.494 1.00 61.95 ? 7   LYS A NZ  1 
ATOM   61  N N   . ARG A 1 8   ? 9.805   0.325   -12.521 1.00 14.92 ? 8   ARG A N   1 
ATOM   62  C CA  . ARG A 1 8   ? 9.083   -0.183  -11.347 1.00 14.81 ? 8   ARG A CA  1 
ATOM   63  C C   . ARG A 1 8   ? 7.588   -0.248  -11.682 1.00 17.16 ? 8   ARG A C   1 
ATOM   64  O O   . ARG A 1 8   ? 7.086   0.699   -12.330 1.00 18.50 ? 8   ARG A O   1 
ATOM   65  C CB  . ARG A 1 8   ? 9.216   0.830   -10.203 1.00 15.85 ? 8   ARG A CB  1 
ATOM   66  C CG  . ARG A 1 8   ? 10.685  1.038   -9.814  1.00 21.85 ? 8   ARG A CG  1 
ATOM   67  C CD  . ARG A 1 8   ? 10.779  1.774   -8.478  1.00 26.44 ? 8   ARG A CD  1 
ATOM   68  N NE  . ARG A 1 8   ? 12.170  2.037   -8.124  1.00 25.46 ? 8   ARG A NE  1 
ATOM   69  C CZ  . ARG A 1 8   ? 12.903  3.145   -8.268  1.00 34.94 ? 8   ARG A CZ  1 
ATOM   70  N NH1 . ARG A 1 8   ? 12.499  4.290   -8.862  1.00 32.09 ? 8   ARG A NH1 1 
ATOM   71  N NH2 . ARG A 1 8   ? 14.134  3.102   -7.753  1.00 28.59 ? 8   ARG A NH2 1 
ATOM   72  N N   . PRO A 1 9   ? 6.904   -1.290  -11.283 1.00 17.59 ? 9   PRO A N   1 
ATOM   73  C CA  . PRO A 1 9   ? 5.488   -1.413  -11.581 1.00 15.76 ? 9   PRO A CA  1 
ATOM   74  C C   . PRO A 1 9   ? 4.688   -0.500  -10.666 1.00 15.34 ? 9   PRO A C   1 
ATOM   75  O O   . PRO A 1 9   ? 4.435   -0.809  -9.513  1.00 16.59 ? 9   PRO A O   1 
ATOM   76  C CB  . PRO A 1 9   ? 5.261   -2.925  -11.384 1.00 17.46 ? 9   PRO A CB  1 
ATOM   77  C CG  . PRO A 1 9   ? 6.246   -3.301  -10.341 1.00 16.44 ? 9   PRO A CG  1 
ATOM   78  C CD  . PRO A 1 9   ? 7.491   -2.475  -10.580 1.00 17.61 ? 9   PRO A CD  1 
ATOM   79  N N   . THR A 1 10  ? 4.296   0.658   -11.202 1.00 15.60 ? 10  THR A N   1 
ATOM   80  C CA  . THR A 1 10  ? 3.500   1.607   -10.433 1.00 16.41 ? 10  THR A CA  1 
ATOM   81  C C   . THR A 1 10  ? 2.170   1.885   -11.143 1.00 18.76 ? 10  THR A C   1 
ATOM   82  O O   . THR A 1 10  ? 2.064   1.749   -12.369 1.00 18.89 ? 10  THR A O   1 
ATOM   83  C CB  . THR A 1 10  ? 4.192   2.965   -10.262 1.00 20.58 ? 10  THR A CB  1 
ATOM   84  O OG1 . THR A 1 10  ? 4.575   3.537   -11.520 1.00 20.69 ? 10  THR A OG1 1 
ATOM   85  C CG2 . THR A 1 10  ? 5.463   2.767   -9.447  1.00 22.60 ? 10  THR A CG2 1 
ATOM   86  N N   . THR A 1 11  ? 1.210   2.276   -10.333 1.00 15.89 ? 11  THR A N   1 
ATOM   87  C CA  . THR A 1 11  ? -0.099  2.587   -10.951 1.00 17.13 ? 11  THR A CA  1 
ATOM   88  C C   . THR A 1 11  ? -0.785  3.564   -10.012 1.00 21.84 ? 11  THR A C   1 
ATOM   89  O O   . THR A 1 11  ? -0.421  3.714   -8.833  1.00 20.38 ? 11  THR A O   1 
ATOM   90  C CB  . THR A 1 11  ? -0.902  1.267   -11.022 1.00 19.12 ? 11  THR A CB  1 
ATOM   91  O OG1 . THR A 1 11  ? -1.954  1.482   -11.984 1.00 22.59 ? 11  THR A OG1 1 
ATOM   92  C CG2 . THR A 1 11  ? -1.583  0.778   -9.754  1.00 18.36 ? 11  THR A CG2 1 
ATOM   93  N N   . ILE A 1 12  ? -1.807  4.252   -10.502 1.00 17.68 ? 12  ILE A N   1 
ATOM   94  C CA  . ILE A 1 12  ? -2.605  5.157   -9.685  1.00 14.77 ? 12  ILE A CA  1 
ATOM   95  C C   . ILE A 1 12  ? -3.807  4.412   -9.217  1.00 15.94 ? 12  ILE A C   1 
ATOM   96  O O   . ILE A 1 12  ? -4.531  3.639   -9.892  1.00 18.06 ? 12  ILE A O   1 
ATOM   97  C CB  . ILE A 1 12  ? -3.031  6.345   -10.614 1.00 16.47 ? 12  ILE A CB  1 
ATOM   98  C CG1 . ILE A 1 12  ? -1.733  7.112   -10.910 1.00 20.64 ? 12  ILE A CG1 1 
ATOM   99  C CG2 . ILE A 1 12  ? -4.002  7.204   -9.852  1.00 17.36 ? 12  ILE A CG2 1 
ATOM   100 C CD1 . ILE A 1 12  ? -1.795  8.169   -11.986 1.00 26.54 ? 12  ILE A CD1 1 
ATOM   101 N N   . VAL A 1 13  ? -4.104  4.536   -7.928  1.00 17.00 ? 13  VAL A N   1 
ATOM   102 C CA  . VAL A 1 13  ? -5.244  3.941   -7.255  1.00 19.38 ? 13  VAL A CA  1 
ATOM   103 C C   . VAL A 1 13  ? -5.861  5.104   -6.457  1.00 18.87 ? 13  VAL A C   1 
ATOM   104 O O   . VAL A 1 13  ? -5.225  6.100   -6.081  1.00 20.96 ? 13  VAL A O   1 
ATOM   105 C CB  . VAL A 1 13  ? -5.032  2.787   -6.252  1.00 22.31 ? 13  VAL A CB  1 
ATOM   106 C CG1 . VAL A 1 13  ? -4.463  1.518   -6.922  1.00 22.73 ? 13  VAL A CG1 1 
ATOM   107 C CG2 . VAL A 1 13  ? -4.138  3.068   -5.057  1.00 22.90 ? 13  VAL A CG2 1 
ATOM   108 N N   . LEU A 1 14  ? -7.152  4.930   -6.156  1.00 20.05 ? 14  LEU A N   1 
ATOM   109 C CA  . LEU A 1 14  ? -7.743  5.979   -5.338  1.00 20.70 ? 14  LEU A CA  1 
ATOM   110 C C   . LEU A 1 14  ? -7.782  5.375   -3.918  1.00 17.85 ? 14  LEU A C   1 
ATOM   111 O O   . LEU A 1 14  ? -8.303  4.286   -3.760  1.00 19.35 ? 14  LEU A O   1 
ATOM   112 C CB  . LEU A 1 14  ? -9.190  6.308   -5.740  1.00 24.98 ? 14  LEU A CB  1 
ATOM   113 C CG  . LEU A 1 14  ? -9.263  7.168   -7.021  1.00 27.93 ? 14  LEU A CG  1 
ATOM   114 C CD1 . LEU A 1 14  ? -10.716 7.175   -7.504  1.00 33.49 ? 14  LEU A CD1 1 
ATOM   115 C CD2 . LEU A 1 14  ? -8.847  8.618   -6.792  1.00 26.09 ? 14  LEU A CD2 1 
ATOM   116 N N   . ILE A 1 15  ? -7.210  6.095   -2.953  1.00 17.27 ? 15  ILE A N   1 
ATOM   117 C CA  . ILE A 1 15  ? -7.297  5.670   -1.563  1.00 14.95 ? 15  ILE A CA  1 
ATOM   118 C C   . ILE A 1 15  ? -8.109  6.738   -0.845  1.00 17.34 ? 15  ILE A C   1 
ATOM   119 O O   . ILE A 1 15  ? -7.690  7.891   -0.841  1.00 17.72 ? 15  ILE A O   1 
ATOM   120 C CB  . ILE A 1 15  ? -5.892  5.520   -0.950  1.00 14.80 ? 15  ILE A CB  1 
ATOM   121 C CG1 . ILE A 1 15  ? -5.182  4.479   -1.835  1.00 19.17 ? 15  ILE A CG1 1 
ATOM   122 C CG2 . ILE A 1 15  ? -6.055  5.067   0.499   1.00 17.51 ? 15  ILE A CG2 1 
ATOM   123 C CD1 . ILE A 1 15  ? -3.805  3.966   -1.427  1.00 26.05 ? 15  ILE A CD1 1 
ATOM   124 N N   . ASN A 1 16  ? -9.202  6.457   -0.218  1.00 17.94 ? 16  ASN A N   1 
ATOM   125 C CA  . ASN A 1 16  ? -10.020 7.451   0.490   1.00 22.11 ? 16  ASN A CA  1 
ATOM   126 C C   . ASN A 1 16  ? -10.222 8.639   -0.458  1.00 22.34 ? 16  ASN A C   1 
ATOM   127 O O   . ASN A 1 16  ? -10.000 9.796   -0.080  1.00 22.49 ? 16  ASN A O   1 
ATOM   128 C CB  . ASN A 1 16  ? -9.432  7.951   1.820   1.00 19.63 ? 16  ASN A CB  1 
ATOM   129 C CG  . ASN A 1 16  ? -9.453  6.839   2.852   1.00 18.61 ? 16  ASN A CG  1 
ATOM   130 O OD1 . ASN A 1 16  ? -9.942  5.731   2.563   1.00 22.44 ? 16  ASN A OD1 1 
ATOM   131 N ND2 . ASN A 1 16  ? -9.081  7.077   4.105   1.00 22.16 ? 16  ASN A ND2 1 
ATOM   132 N N   . ASP A 1 17  ? -10.589 8.361   -1.702  1.00 24.74 ? 17  ASP A N   1 
ATOM   133 C CA  . ASP A 1 17  ? -10.850 9.372   -2.714  1.00 28.30 ? 17  ASP A CA  1 
ATOM   134 C C   . ASP A 1 17  ? -9.713  10.263  -3.157  1.00 27.72 ? 17  ASP A C   1 
ATOM   135 O O   . ASP A 1 17  ? -9.881  11.360  -3.701  1.00 28.62 ? 17  ASP A O   1 
ATOM   136 C CB  . ASP A 1 17  ? -11.804 10.418  -2.091  1.00 33.23 ? 17  ASP A CB  1 
ATOM   137 C CG  . ASP A 1 17  ? -13.252 10.028  -2.285  1.00 44.05 ? 17  ASP A CG  1 
ATOM   138 O OD1 . ASP A 1 17  ? -13.591 8.834   -2.385  1.00 45.61 ? 17  ASP A OD1 1 
ATOM   139 O OD2 . ASP A 1 17  ? -14.052 11.000  -2.332  1.00 56.78 ? 17  ASP A OD2 1 
ATOM   140 N N   . THR A 1 18  ? -8.485  9.839   -2.943  1.00 22.03 ? 18  THR A N   1 
ATOM   141 C CA  . THR A 1 18  ? -7.298  10.615  -3.284  1.00 19.94 ? 18  THR A CA  1 
ATOM   142 C C   . THR A 1 18  ? -6.475  9.767   -4.240  1.00 22.46 ? 18  THR A C   1 
ATOM   143 O O   . THR A 1 18  ? -6.169  8.654   -3.812  1.00 21.68 ? 18  THR A O   1 
ATOM   144 C CB  . THR A 1 18  ? -6.466  10.744  -1.992  1.00 20.02 ? 18  THR A CB  1 
ATOM   145 O OG1 . THR A 1 18  ? -7.324  11.142  -0.931  1.00 23.50 ? 18  THR A OG1 1 
ATOM   146 C CG2 . THR A 1 18  ? -5.307  11.691  -2.124  1.00 18.93 ? 18  THR A CG2 1 
ATOM   147 N N   . PRO A 1 19  ? -6.188  10.186  -5.443  1.00 22.80 ? 19  PRO A N   1 
ATOM   148 C CA  . PRO A 1 19  ? -5.404  9.394   -6.386  1.00 20.46 ? 19  PRO A CA  1 
ATOM   149 C C   . PRO A 1 19  ? -3.942  9.467   -5.949  1.00 21.05 ? 19  PRO A C   1 
ATOM   150 O O   . PRO A 1 19  ? -3.344  10.525  -5.641  1.00 18.91 ? 19  PRO A O   1 
ATOM   151 C CB  . PRO A 1 19  ? -5.747  10.015  -7.743  1.00 22.67 ? 19  PRO A CB  1 
ATOM   152 C CG  . PRO A 1 19  ? -6.152  11.405  -7.400  1.00 25.00 ? 19  PRO A CG  1 
ATOM   153 C CD  . PRO A 1 19  ? -6.567  11.504  -5.958  1.00 23.03 ? 19  PRO A CD  1 
ATOM   154 N N   . LEU A 1 20  ? -3.351  8.255   -5.783  1.00 19.06 ? 20  LEU A N   1 
ATOM   155 C CA  . LEU A 1 20  ? -1.951  8.180   -5.364  1.00 18.30 ? 20  LEU A CA  1 
ATOM   156 C C   . LEU A 1 20  ? -1.159  7.235   -6.273  1.00 16.36 ? 20  LEU A C   1 
ATOM   157 O O   . LEU A 1 20  ? -1.737  6.225   -6.632  1.00 20.65 ? 20  LEU A O   1 
ATOM   158 C CB  . LEU A 1 20  ? -1.884  7.659   -3.901  1.00 17.42 ? 20  LEU A CB  1 
ATOM   159 C CG  . LEU A 1 20  ? -2.542  8.531   -2.801  1.00 21.07 ? 20  LEU A CG  1 
ATOM   160 C CD1 . LEU A 1 20  ? -2.534  7.781   -1.455  1.00 24.53 ? 20  LEU A CD1 1 
ATOM   161 C CD2 . LEU A 1 20  ? -1.669  9.758   -2.654  1.00 20.21 ? 20  LEU A CD2 1 
ATOM   162 N N   . ASN A 1 21  ? 0.102   7.494   -6.580  1.00 18.50 ? 21  ASN A N   1 
ATOM   163 C CA  . ASN A 1 21  ? 0.895   6.555   -7.388  1.00 20.25 ? 21  ASN A CA  1 
ATOM   164 C C   . ASN A 1 21  ? 1.464   5.557   -6.356  1.00 19.66 ? 21  ASN A C   1 
ATOM   165 O O   . ASN A 1 21  ? 2.049   6.019   -5.363  1.00 21.74 ? 21  ASN A O   1 
ATOM   166 C CB  . ASN A 1 21  ? 2.118   7.130   -8.054  1.00 29.65 ? 21  ASN A CB  1 
ATOM   167 C CG  . ASN A 1 21  ? 2.712   6.459   -9.281  1.00 43.89 ? 21  ASN A CG  1 
ATOM   168 O OD1 . ASN A 1 21  ? 3.870   6.028   -9.427  1.00 46.93 ? 21  ASN A OD1 1 
ATOM   169 N ND2 . ASN A 1 21  ? 1.842   6.280   -10.285 1.00 51.23 ? 21  ASN A ND2 1 
ATOM   170 N N   . VAL A 1 22  ? 1.225   4.271   -6.593  1.00 16.73 ? 22  VAL A N   1 
ATOM   171 C CA  . VAL A 1 22  ? 1.694   3.251   -5.615  1.00 15.57 ? 22  VAL A CA  1 
ATOM   172 C C   . VAL A 1 22  ? 2.570   2.215   -6.298  1.00 15.66 ? 22  VAL A C   1 
ATOM   173 O O   . VAL A 1 22  ? 2.455   2.026   -7.516  1.00 15.10 ? 22  VAL A O   1 
ATOM   174 C CB  . VAL A 1 22  ? 0.483   2.558   -4.964  1.00 16.60 ? 22  VAL A CB  1 
ATOM   175 C CG1 . VAL A 1 22  ? -0.407  3.539   -4.212  1.00 18.09 ? 22  VAL A CG1 1 
ATOM   176 C CG2 . VAL A 1 22  ? -0.426  1.839   -5.942  1.00 17.78 ? 22  VAL A CG2 1 
ATOM   177 N N   . LEU A 1 23  ? 3.440   1.567   -5.520  1.00 13.73 ? 23  LEU A N   1 
ATOM   178 C CA  . LEU A 1 23  ? 4.338   0.559   -6.088  1.00 14.40 ? 23  LEU A CA  1 
ATOM   179 C C   . LEU A 1 23  ? 3.640   -0.791  -5.931  1.00 14.06 ? 23  LEU A C   1 
ATOM   180 O O   . LEU A 1 23  ? 3.143   -1.021  -4.821  1.00 14.98 ? 23  LEU A O   1 
ATOM   181 C CB  . LEU A 1 23  ? 5.682   0.490   -5.361  1.00 13.14 ? 23  LEU A CB  1 
ATOM   182 C CG  . LEU A 1 23  ? 6.679   -0.604  -5.731  1.00 14.81 ? 23  LEU A CG  1 
ATOM   183 C CD1 . LEU A 1 23  ? 7.135   -0.446  -7.155  1.00 18.67 ? 23  LEU A CD1 1 
ATOM   184 C CD2 . LEU A 1 23  ? 7.889   -0.540  -4.800  1.00 18.61 ? 23  LEU A CD2 1 
ATOM   185 N N   . LEU A 1 24  ? 3.639   -1.708  -6.935  1.00 13.09 ? 24  LEU A N   1 
ATOM   186 C CA  . LEU A 1 24  ? 2.972   -3.034  -6.733  1.00 12.02 ? 24  LEU A CA  1 
ATOM   187 C C   . LEU A 1 24  ? 4.157   -3.973  -6.401  1.00 12.26 ? 24  LEU A C   1 
ATOM   188 O O   . LEU A 1 24  ? 5.062   -4.189  -7.200  1.00 13.78 ? 24  LEU A O   1 
ATOM   189 C CB  . LEU A 1 24  ? 2.385   -3.415  -8.082  1.00 15.78 ? 24  LEU A CB  1 
ATOM   190 C CG  . LEU A 1 24  ? 1.381   -2.307  -8.550  1.00 16.79 ? 24  LEU A CG  1 
ATOM   191 C CD1 . LEU A 1 24  ? 0.915   -2.709  -9.956  1.00 16.87 ? 24  LEU A CD1 1 
ATOM   192 C CD2 . LEU A 1 24  ? 0.192   -2.253  -7.650  1.00 14.26 ? 24  LEU A CD2 1 
ATOM   193 N N   . ASP A 1 25  ? 4.073   -4.430  -5.164  1.00 10.38 ? 25  ASP A N   1 
ATOM   194 C CA  . ASP A 1 25  ? 5.201   -5.155  -4.597  1.00 11.59 ? 25  ASP A CA  1 
ATOM   195 C C   . ASP A 1 25  ? 4.955   -6.556  -4.088  1.00 12.43 ? 25  ASP A C   1 
ATOM   196 O O   . ASP A 1 25  ? 4.391   -6.709  -2.991  1.00 14.14 ? 25  ASP A O   1 
ATOM   197 C CB  . ASP A 1 25  ? 5.750   -4.256  -3.461  1.00 11.91 ? 25  ASP A CB  1 
ATOM   198 C CG  . ASP A 1 25  ? 7.031   -4.730  -2.804  1.00 18.77 ? 25  ASP A CG  1 
ATOM   199 O OD1 . ASP A 1 25  ? 7.605   -5.729  -3.238  1.00 16.26 ? 25  ASP A OD1 1 
ATOM   200 O OD2 . ASP A 1 25  ? 7.382   -4.084  -1.817  1.00 23.64 ? 25  ASP A OD2 1 
ATOM   201 N N   . THR A 1 26  ? 5.336   -7.511  -4.949  1.00 12.43 ? 26  THR A N   1 
ATOM   202 C CA  . THR A 1 26  ? 5.082   -8.919  -4.551  1.00 13.21 ? 26  THR A CA  1 
ATOM   203 C C   . THR A 1 26  ? 5.953   -9.324  -3.363  1.00 14.19 ? 26  THR A C   1 
ATOM   204 O O   . THR A 1 26  ? 5.603   -10.344 -2.769  1.00 15.82 ? 26  THR A O   1 
ATOM   205 C CB  . THR A 1 26  ? 5.315   -9.906  -5.685  1.00 11.91 ? 26  THR A CB  1 
ATOM   206 O OG1 . THR A 1 26  ? 6.668   -9.685  -6.117  1.00 11.16 ? 26  THR A OG1 1 
ATOM   207 C CG2 . THR A 1 26  ? 4.420   -9.545  -6.881  1.00 14.06 ? 26  THR A CG2 1 
ATOM   208 N N   . GLY A 1 27  ? 7.028   -8.639  -3.052  1.00 12.33 ? 27  GLY A N   1 
ATOM   209 C CA  . GLY A 1 27  ? 7.905   -8.877  -1.903  1.00 11.03 ? 27  GLY A CA  1 
ATOM   210 C C   . GLY A 1 27  ? 7.348   -8.242  -0.656  1.00 12.72 ? 27  GLY A C   1 
ATOM   211 O O   . GLY A 1 27  ? 8.107   -8.261  0.324   1.00 15.84 ? 27  GLY A O   1 
ATOM   212 N N   . ALA A 1 28  ? 6.157   -7.632  -0.592  1.00 13.32 ? 28  ALA A N   1 
ATOM   213 C CA  . ALA A 1 28  ? 5.673   -6.989  0.623   1.00 14.89 ? 28  ALA A CA  1 
ATOM   214 C C   . ALA A 1 28  ? 4.494   -7.837  1.039   1.00 16.29 ? 28  ALA A C   1 
ATOM   215 O O   . ALA A 1 28  ? 3.519   -8.102  0.330   1.00 16.40 ? 28  ALA A O   1 
ATOM   216 C CB  . ALA A 1 28  ? 5.213   -5.533  0.347   1.00 15.08 ? 28  ALA A CB  1 
ATOM   217 N N   . ASP A 1 29  ? 4.576   -8.304  2.310   1.00 14.69 ? 29  ASP A N   1 
ATOM   218 C CA  . ASP A 1 29  ? 3.512   -9.125  2.859   1.00 17.59 ? 29  ASP A CA  1 
ATOM   219 C C   . ASP A 1 29  ? 2.196   -8.372  3.081   1.00 16.71 ? 29  ASP A C   1 
ATOM   220 O O   . ASP A 1 29  ? 1.107   -8.955  3.024   1.00 20.52 ? 29  ASP A O   1 
ATOM   221 C CB  . ASP A 1 29  ? 3.862   -9.641  4.273   1.00 15.11 ? 29  ASP A CB  1 
ATOM   222 C CG  . ASP A 1 29  ? 4.966   -10.683 4.196   1.00 18.82 ? 29  ASP A CG  1 
ATOM   223 O OD1 . ASP A 1 29  ? 5.262   -11.354 3.190   1.00 18.90 ? 29  ASP A OD1 1 
ATOM   224 O OD2 . ASP A 1 29  ? 5.572   -10.871 5.248   1.00 21.90 ? 29  ASP A OD2 1 
ATOM   225 N N   . THR A 1 30  ? 2.379   -7.089  3.331   1.00 17.42 ? 30  THR A N   1 
ATOM   226 C CA  . THR A 1 30  ? 1.246   -6.228  3.645   1.00 17.20 ? 30  THR A CA  1 
ATOM   227 C C   . THR A 1 30  ? 1.477   -4.844  3.035   1.00 18.70 ? 30  THR A C   1 
ATOM   228 O O   . THR A 1 30  ? 2.588   -4.466  2.677   1.00 18.39 ? 30  THR A O   1 
ATOM   229 C CB  . THR A 1 30  ? 1.136   -6.214  5.196   1.00 23.62 ? 30  THR A CB  1 
ATOM   230 O OG1 . THR A 1 30  ? -0.103  -5.573  5.484   1.00 32.00 ? 30  THR A OG1 1 
ATOM   231 C CG2 . THR A 1 30  ? 2.185   -5.320  5.814   1.00 26.78 ? 30  THR A CG2 1 
ATOM   232 N N   . SER A 1 31  ? 0.400   -4.082  2.856   1.00 15.97 ? 31  SER A N   1 
ATOM   233 C CA  . SER A 1 31  ? 0.445   -2.759  2.208   1.00 14.21 ? 31  SER A CA  1 
ATOM   234 C C   . SER A 1 31  ? 0.753   -1.635  3.198   1.00 14.26 ? 31  SER A C   1 
ATOM   235 O O   . SER A 1 31  ? 0.232   -1.713  4.325   1.00 17.23 ? 31  SER A O   1 
ATOM   236 C CB  . SER A 1 31  ? -0.896  -2.546  1.554   1.00 14.82 ? 31  SER A CB  1 
ATOM   237 O OG  . SER A 1 31  ? -1.114  -3.560  0.570   1.00 17.52 ? 31  SER A OG  1 
ATOM   238 N N   . VAL A 1 32  ? 1.546   -0.671  2.769   1.00 13.37 ? 32  VAL A N   1 
ATOM   239 C CA  . VAL A 1 32  ? 1.907   0.404   3.687   1.00 13.13 ? 32  VAL A CA  1 
ATOM   240 C C   . VAL A 1 32  ? 1.835   1.747   2.975   1.00 14.79 ? 32  VAL A C   1 
ATOM   241 O O   . VAL A 1 32  ? 2.390   1.975   1.914   1.00 13.63 ? 32  VAL A O   1 
ATOM   242 C CB  . VAL A 1 32  ? 3.401   0.206   4.094   1.00 18.56 ? 32  VAL A CB  1 
ATOM   243 C CG1 . VAL A 1 32  ? 3.840   1.175   5.197   1.00 17.56 ? 32  VAL A CG1 1 
ATOM   244 C CG2 . VAL A 1 32  ? 3.574   -1.221  4.653   1.00 22.91 ? 32  VAL A CG2 1 
ATOM   245 N N   . LEU A 1 33  ? 1.088   2.635   3.618   1.00 14.78 ? 33  LEU A N   1 
ATOM   246 C CA  . LEU A 1 33  ? 1.039   4.016   3.051   1.00 15.25 ? 33  LEU A CA  1 
ATOM   247 C C   . LEU A 1 33  ? 2.128   4.853   3.749   1.00 17.57 ? 33  LEU A C   1 
ATOM   248 O O   . LEU A 1 33  ? 2.335   4.727   4.982   1.00 16.65 ? 33  LEU A O   1 
ATOM   249 C CB  . LEU A 1 33  ? -0.272  4.461   3.641   1.00 21.25 ? 33  LEU A CB  1 
ATOM   250 C CG  . LEU A 1 33  ? -1.242  5.529   3.237   1.00 34.21 ? 33  LEU A CG  1 
ATOM   251 C CD1 . LEU A 1 33  ? -1.451  5.491   1.718   1.00 27.88 ? 33  LEU A CD1 1 
ATOM   252 C CD2 . LEU A 1 33  ? -2.518  5.323   4.050   1.00 30.46 ? 33  LEU A CD2 1 
ATOM   253 N N   . THR A 1 34  ? 2.803   5.687   2.998   1.00 16.50 ? 34  THR A N   1 
ATOM   254 C CA  . THR A 1 34  ? 3.806   6.576   3.605   1.00 17.92 ? 34  THR A CA  1 
ATOM   255 C C   . THR A 1 34  ? 3.068   7.601   4.465   1.00 21.54 ? 34  THR A C   1 
ATOM   256 O O   . THR A 1 34  ? 1.891   7.912   4.237   1.00 15.78 ? 34  THR A O   1 
ATOM   257 C CB  . THR A 1 34  ? 4.655   7.396   2.658   1.00 19.86 ? 34  THR A CB  1 
ATOM   258 O OG1 . THR A 1 34  ? 3.842   8.320   1.889   1.00 23.57 ? 34  THR A OG1 1 
ATOM   259 C CG2 . THR A 1 34  ? 5.230   6.500   1.591   1.00 18.35 ? 34  THR A CG2 1 
ATOM   260 N N   . THR A 1 35  ? 3.777   8.114   5.476   1.00 19.07 ? 35  THR A N   1 
ATOM   261 C CA  . THR A 1 35  ? 3.134   9.097   6.346   1.00 19.14 ? 35  THR A CA  1 
ATOM   262 C C   . THR A 1 35  ? 2.700   10.343  5.554   1.00 17.91 ? 35  THR A C   1 
ATOM   263 O O   . THR A 1 35  ? 1.633   10.866  5.881   1.00 19.93 ? 35  THR A O   1 
ATOM   264 C CB  . THR A 1 35  ? 4.074   9.530   7.483   1.00 26.11 ? 35  THR A CB  1 
ATOM   265 O OG1 . THR A 1 35  ? 4.393   8.292   8.152   1.00 22.64 ? 35  THR A OG1 1 
ATOM   266 C CG2 . THR A 1 35  ? 3.261   10.363  8.475   1.00 30.93 ? 35  THR A CG2 1 
ATOM   267 N N   . ALA A 1 36  ? 3.454   10.743  4.579   1.00 20.32 ? 36  ALA A N   1 
ATOM   268 C CA  . ALA A 1 36  ? 3.266   11.912  3.736   1.00 23.59 ? 36  ALA A CA  1 
ATOM   269 C C   . ALA A 1 36  ? 1.947   11.693  3.005   1.00 25.45 ? 36  ALA A C   1 
ATOM   270 O O   . ALA A 1 36  ? 1.133   12.625  2.997   1.00 23.62 ? 36  ALA A O   1 
ATOM   271 C CB  . ALA A 1 36  ? 4.408   12.133  2.745   1.00 21.71 ? 36  ALA A CB  1 
ATOM   272 N N   . HIS A 1 37  ? 1.770   10.471  2.439   1.00 20.00 ? 37  HIS A N   1 
ATOM   273 C CA  . HIS A 1 37  ? 0.518   10.194  1.768   1.00 20.78 ? 37  HIS A CA  1 
ATOM   274 C C   . HIS A 1 37  ? -0.672  10.192  2.707   1.00 19.72 ? 37  HIS A C   1 
ATOM   275 O O   . HIS A 1 37  ? -1.734  10.697  2.324   1.00 21.25 ? 37  HIS A O   1 
ATOM   276 C CB  . HIS A 1 37  ? 0.513   8.843   1.021   1.00 11.86 ? 37  HIS A CB  1 
ATOM   277 C CG  . HIS A 1 37  ? 1.294   9.031   -0.247  1.00 17.39 ? 37  HIS A CG  1 
ATOM   278 N ND1 . HIS A 1 37  ? 1.658   7.971   -1.050  1.00 27.01 ? 37  HIS A ND1 1 
ATOM   279 C CD2 . HIS A 1 37  ? 1.815   10.118  -0.874  1.00 21.66 ? 37  HIS A CD2 1 
ATOM   280 C CE1 . HIS A 1 37  ? 2.314   8.382   -2.126  1.00 27.70 ? 37  HIS A CE1 1 
ATOM   281 N NE2 . HIS A 1 37  ? 2.408   9.682   -2.031  1.00 22.66 ? 37  HIS A NE2 1 
ATOM   282 N N   . TYR A 1 38  ? -0.566  9.616   3.905   1.00 17.29 ? 38  TYR A N   1 
ATOM   283 C CA  . TYR A 1 38  ? -1.657  9.531   4.876   1.00 17.30 ? 38  TYR A CA  1 
ATOM   284 C C   . TYR A 1 38  ? -2.133  10.957  5.228   1.00 20.64 ? 38  TYR A C   1 
ATOM   285 O O   . TYR A 1 38  ? -3.324  11.342  5.286   1.00 19.72 ? 38  TYR A O   1 
ATOM   286 C CB  . TYR A 1 38  ? -1.092  8.801   6.111   1.00 19.16 ? 38  TYR A CB  1 
ATOM   287 C CG  . TYR A 1 38  ? -2.060  8.905   7.267   1.00 20.18 ? 38  TYR A CG  1 
ATOM   288 C CD1 . TYR A 1 38  ? -3.177  8.084   7.276   1.00 20.57 ? 38  TYR A CD1 1 
ATOM   289 C CD2 . TYR A 1 38  ? -1.842  9.871   8.251   1.00 21.48 ? 38  TYR A CD2 1 
ATOM   290 C CE1 . TYR A 1 38  ? -4.095  8.240   8.294   1.00 25.71 ? 38  TYR A CE1 1 
ATOM   291 C CE2 . TYR A 1 38  ? -2.738  9.995   9.304   1.00 20.92 ? 38  TYR A CE2 1 
ATOM   292 C CZ  . TYR A 1 38  ? -3.839  9.174   9.295   1.00 24.23 ? 38  TYR A CZ  1 
ATOM   293 O OH  . TYR A 1 38  ? -4.807  9.271   10.284  1.00 32.91 ? 38  TYR A OH  1 
ATOM   294 N N   . ASN A 1 39  ? -1.201  11.890  5.344   1.00 21.13 ? 39  ASN A N   1 
ATOM   295 C CA  . ASN A 1 39  ? -1.496  13.278  5.673   1.00 25.99 ? 39  ASN A CA  1 
ATOM   296 C C   . ASN A 1 39  ? -2.152  14.008  4.506   1.00 27.87 ? 39  ASN A C   1 
ATOM   297 O O   . ASN A 1 39  ? -2.760  15.054  4.692   1.00 30.60 ? 39  ASN A O   1 
ATOM   298 C CB  . ASN A 1 39  ? -0.235  14.031  6.085   1.00 28.48 ? 39  ASN A CB  1 
ATOM   299 C CG  . ASN A 1 39  ? 0.315   13.581  7.445   1.00 27.07 ? 39  ASN A CG  1 
ATOM   300 O OD1 . ASN A 1 39  ? 1.522   13.770  7.659   1.00 37.65 ? 39  ASN A OD1 1 
ATOM   301 N ND2 . ASN A 1 39  ? -0.460  13.019  8.343   1.00 24.41 ? 39  ASN A ND2 1 
ATOM   302 N N   . ARG A 1 40  ? -2.046  13.530  3.280   1.00 25.53 ? 40  ARG A N   1 
ATOM   303 C CA  . ARG A 1 40  ? -2.688  14.208  2.163   1.00 25.70 ? 40  ARG A CA  1 
ATOM   304 C C   . ARG A 1 40  ? -4.043  13.601  1.811   1.00 25.00 ? 40  ARG A C   1 
ATOM   305 O O   . ARG A 1 40  ? -4.691  14.125  0.905   1.00 27.17 ? 40  ARG A O   1 
ATOM   306 C CB  . ARG A 1 40  ? -1.882  13.951  0.882   1.00 35.75 ? 40  ARG A CB  1 
ATOM   307 C CG  . ARG A 1 40  ? -0.673  14.871  0.854   1.00 45.20 ? 40  ARG A CG  1 
ATOM   308 C CD  . ARG A 1 40  ? 0.204   14.296  -0.252  1.00 54.57 ? 40  ARG A CD  1 
ATOM   309 N NE  . ARG A 1 40  ? -0.624  13.932  -1.413  1.00 60.11 ? 40  ARG A NE  1 
ATOM   310 C CZ  . ARG A 1 40  ? 0.048   13.632  -2.534  1.00 64.56 ? 40  ARG A CZ  1 
ATOM   311 N NH1 . ARG A 1 40  ? 1.380   13.659  -2.488  1.00 64.83 ? 40  ARG A NH1 1 
ATOM   312 N NH2 . ARG A 1 40  ? -0.586  13.315  -3.654  1.00 67.33 ? 40  ARG A NH2 1 
ATOM   313 N N   . LEU A 1 41  ? -4.449  12.515  2.441   1.00 21.23 ? 41  LEU A N   1 
ATOM   314 C CA  . LEU A 1 41  ? -5.737  11.919  2.129   1.00 23.57 ? 41  LEU A CA  1 
ATOM   315 C C   . LEU A 1 41  ? -6.863  12.927  2.342   1.00 25.12 ? 41  LEU A C   1 
ATOM   316 O O   . LEU A 1 41  ? -6.858  13.666  3.330   1.00 24.22 ? 41  LEU A O   1 
ATOM   317 C CB  . LEU A 1 41  ? -5.982  10.738  3.077   1.00 22.96 ? 41  LEU A CB  1 
ATOM   318 C CG  . LEU A 1 41  ? -5.024  9.543   2.895   1.00 21.90 ? 41  LEU A CG  1 
ATOM   319 C CD1 . LEU A 1 41  ? -5.426  8.368   3.759   1.00 22.96 ? 41  LEU A CD1 1 
ATOM   320 C CD2 . LEU A 1 41  ? -4.942  9.090   1.428   1.00 23.60 ? 41  LEU A CD2 1 
ATOM   321 N N   . LYS A 1 42  ? -7.871  12.914  1.470   1.00 25.54 ? 42  LYS A N   1 
ATOM   322 C CA  . LYS A 1 42  ? -9.032  13.811  1.622   1.00 23.65 ? 42  LYS A CA  1 
ATOM   323 C C   . LYS A 1 42  ? -9.786  13.408  2.863   1.00 23.22 ? 42  LYS A C   1 
ATOM   324 O O   . LYS A 1 42  ? -10.275 14.312  3.554   1.00 23.63 ? 42  LYS A O   1 
ATOM   325 C CB  . LYS A 1 42  ? -9.955  13.618  0.398   1.00 27.05 ? 42  LYS A CB  1 
ATOM   326 C CG  . LYS A 1 42  ? -9.145  14.060  -0.832  1.00 38.05 ? 42  LYS A CG  1 
ATOM   327 C CD  . LYS A 1 42  ? -9.965  14.054  -2.114  1.00 48.07 ? 42  LYS A CD  1 
ATOM   328 C CE  . LYS A 1 42  ? -11.298 14.761  -1.923  1.00 52.93 ? 42  LYS A CE  1 
ATOM   329 N NZ  . LYS A 1 42  ? -12.006 14.348  -0.668  1.00 57.32 ? 42  LYS A NZ  1 
ATOM   330 N N   . TYR A 1 43  ? -9.889  12.115  3.188   1.00 18.98 ? 43  TYR A N   1 
ATOM   331 C CA  . TYR A 1 43  ? -10.567 11.658  4.383   1.00 21.12 ? 43  TYR A CA  1 
ATOM   332 C C   . TYR A 1 43  ? -9.631  10.670  5.125   1.00 20.65 ? 43  TYR A C   1 
ATOM   333 O O   . TYR A 1 43  ? -9.012  9.959   4.362   1.00 22.69 ? 43  TYR A O   1 
ATOM   334 C CB  . TYR A 1 43  ? -11.881 10.860  4.197   1.00 24.31 ? 43  TYR A CB  1 
ATOM   335 C CG  . TYR A 1 43  ? -12.832 11.673  3.345   1.00 33.54 ? 43  TYR A CG  1 
ATOM   336 C CD1 . TYR A 1 43  ? -13.450 12.826  3.856   1.00 38.97 ? 43  TYR A CD1 1 
ATOM   337 C CD2 . TYR A 1 43  ? -13.089 11.326  2.029   1.00 36.14 ? 43  TYR A CD2 1 
ATOM   338 C CE1 . TYR A 1 43  ? -14.331 13.614  3.131   1.00 38.13 ? 43  TYR A CE1 1 
ATOM   339 C CE2 . TYR A 1 43  ? -13.963 12.123  1.288   1.00 46.94 ? 43  TYR A CE2 1 
ATOM   340 C CZ  . TYR A 1 43  ? -14.582 13.239  1.825   1.00 46.94 ? 43  TYR A CZ  1 
ATOM   341 O OH  . TYR A 1 43  ? -15.412 13.956  0.988   1.00 56.37 ? 43  TYR A OH  1 
ATOM   342 N N   . ARG A 1 44  ? -9.688  10.705  6.433   1.00 21.20 ? 44  ARG A N   1 
ATOM   343 C CA  . ARG A 1 44  ? -8.856  9.785   7.217   1.00 22.48 ? 44  ARG A CA  1 
ATOM   344 C C   . ARG A 1 44  ? -9.740  9.186   8.288   1.00 23.32 ? 44  ARG A C   1 
ATOM   345 O O   . ARG A 1 44  ? -10.611 9.892   8.841   1.00 22.01 ? 44  ARG A O   1 
ATOM   346 C CB  . ARG A 1 44  ? -7.707  10.506  7.939   1.00 24.91 ? 44  ARG A CB  1 
ATOM   347 C CG  . ARG A 1 44  ? -6.443  10.795  7.196   1.00 32.53 ? 44  ARG A CG  1 
ATOM   348 C CD  . ARG A 1 44  ? -5.514  11.753  7.962   1.00 32.01 ? 44  ARG A CD  1 
ATOM   349 N NE  . ARG A 1 44  ? -6.144  13.067  7.879   1.00 38.85 ? 44  ARG A NE  1 
ATOM   350 C CZ  . ARG A 1 44  ? -6.360  13.687  6.715   1.00 50.35 ? 44  ARG A CZ  1 
ATOM   351 N NH1 . ARG A 1 44  ? -5.730  13.285  5.607   1.00 49.20 ? 44  ARG A NH1 1 
ATOM   352 N NH2 . ARG A 1 44  ? -7.132  14.773  6.639   1.00 53.16 ? 44  ARG A NH2 1 
ATOM   353 N N   . GLY A 1 45  ? -9.513  7.921   8.617   1.00 20.44 ? 45  GLY A N   1 
ATOM   354 C CA  . GLY A 1 45  ? -10.230 7.258   9.688   1.00 23.08 ? 45  GLY A CA  1 
ATOM   355 C C   . GLY A 1 45  ? -9.233  7.267   10.885  1.00 25.20 ? 45  GLY A C   1 
ATOM   356 O O   . GLY A 1 45  ? -8.158  7.834   10.766  1.00 27.62 ? 45  GLY A O   1 
ATOM   357 N N   . ARG A 1 46  ? -9.644  6.592   11.943  1.00 28.89 ? 46  ARG A N   1 
ATOM   358 C CA  . ARG A 1 46  ? -8.863  6.504   13.171  1.00 35.42 ? 46  ARG A CA  1 
ATOM   359 C C   . ARG A 1 46  ? -7.508  5.836   12.957  1.00 35.45 ? 46  ARG A C   1 
ATOM   360 O O   . ARG A 1 46  ? -7.275  5.195   11.918  1.00 33.82 ? 46  ARG A O   1 
ATOM   361 C CB  . ARG A 1 46  ? -9.734  5.751   14.163  1.00 35.11 ? 46  ARG A CB  1 
ATOM   362 N N   . LYS A 1 47  ? -6.577  6.074   13.880  1.00 37.62 ? 47  LYS A N   1 
ATOM   363 C CA  . LYS A 1 47  ? -5.241  5.465   13.805  1.00 38.38 ? 47  LYS A CA  1 
ATOM   364 C C   . LYS A 1 47  ? -5.217  4.366   14.879  1.00 39.52 ? 47  LYS A C   1 
ATOM   365 O O   . LYS A 1 47  ? -5.582  4.674   16.019  1.00 41.93 ? 47  LYS A O   1 
ATOM   366 C CB  . LYS A 1 47  ? -4.137  6.413   14.227  1.00 42.53 ? 47  LYS A CB  1 
ATOM   367 C CG  . LYS A 1 47  ? -3.465  7.358   13.256  1.00 47.81 ? 47  LYS A CG  1 
ATOM   368 C CD  . LYS A 1 47  ? -3.016  8.601   14.008  1.00 54.15 ? 47  LYS A CD  1 
ATOM   369 C CE  . LYS A 1 47  ? -1.818  9.371   13.503  1.00 57.79 ? 47  LYS A CE  1 
ATOM   370 N NZ  . LYS A 1 47  ? -0.633  9.190   14.396  1.00 59.77 ? 47  LYS A NZ  1 
ATOM   371 N N   . TYR A 1 48  ? -4.881  3.136   14.596  1.00 33.78 ? 48  TYR A N   1 
ATOM   372 C CA  . TYR A 1 48  ? -4.790  2.034   15.564  1.00 34.94 ? 48  TYR A CA  1 
ATOM   373 C C   . TYR A 1 48  ? -3.281  1.795   15.675  1.00 33.61 ? 48  TYR A C   1 
ATOM   374 O O   . TYR A 1 48  ? -2.553  1.949   14.687  1.00 30.21 ? 48  TYR A O   1 
ATOM   375 C CB  . TYR A 1 48  ? -5.553  0.815   15.094  1.00 39.86 ? 48  TYR A CB  1 
ATOM   376 C CG  . TYR A 1 48  ? -7.014  1.190   14.894  1.00 50.00 ? 48  TYR A CG  1 
ATOM   377 C CD1 . TYR A 1 48  ? -7.501  1.718   13.707  1.00 53.31 ? 48  TYR A CD1 1 
ATOM   378 C CD2 . TYR A 1 48  ? -7.894  0.998   15.957  1.00 57.26 ? 48  TYR A CD2 1 
ATOM   379 C CE1 . TYR A 1 48  ? -8.842  2.051   13.593  1.00 63.53 ? 48  TYR A CE1 1 
ATOM   380 C CE2 . TYR A 1 48  ? -9.237  1.319   15.855  1.00 64.34 ? 48  TYR A CE2 1 
ATOM   381 C CZ  . TYR A 1 48  ? -9.708  1.858   14.663  1.00 69.18 ? 48  TYR A CZ  1 
ATOM   382 O OH  . TYR A 1 48  ? -11.056 2.180   14.578  1.00 69.61 ? 48  TYR A OH  1 
ATOM   383 N N   . GLN A 1 49  ? -2.739  1.579   16.869  1.00 36.49 ? 49  GLN A N   1 
ATOM   384 C CA  . GLN A 1 49  ? -1.276  1.422   17.049  1.00 34.83 ? 49  GLN A CA  1 
ATOM   385 C C   . GLN A 1 49  ? -0.939  0.071   16.420  1.00 30.72 ? 49  GLN A C   1 
ATOM   386 O O   . GLN A 1 49  ? -1.777  -0.815  16.521  1.00 30.92 ? 49  GLN A O   1 
ATOM   387 C CB  . GLN A 1 49  ? -0.895  1.486   18.526  1.00 45.49 ? 49  GLN A CB  1 
ATOM   388 C CG  . GLN A 1 49  ? 0.544   1.371   18.954  1.00 53.53 ? 49  GLN A CG  1 
ATOM   389 C CD  . GLN A 1 49  ? 1.510   2.510   18.764  1.00 61.12 ? 49  GLN A CD  1 
ATOM   390 O OE1 . GLN A 1 49  ? 1.817   3.251   19.713  1.00 64.38 ? 49  GLN A OE1 1 
ATOM   391 N NE2 . GLN A 1 49  ? 2.031   2.661   17.543  1.00 62.81 ? 49  GLN A NE2 1 
ATOM   392 N N   . GLY A 1 50  ? 0.215   -0.055  15.775  1.00 28.86 ? 50  GLY A N   1 
ATOM   393 C CA  . GLY A 1 50  ? 0.552   -1.351  15.151  1.00 26.17 ? 50  GLY A CA  1 
ATOM   394 C C   . GLY A 1 50  ? 1.850   -1.796  15.850  1.00 28.22 ? 50  GLY A C   1 
ATOM   395 O O   . GLY A 1 50  ? 2.385   -1.098  16.717  1.00 28.49 ? 50  GLY A O   1 
ATOM   396 N N   . THR A 1 51  ? 2.344   -2.931  15.373  1.00 27.97 ? 51  THR A N   1 
ATOM   397 C CA  . THR A 1 51  ? 3.569   -3.565  15.879  1.00 30.30 ? 51  THR A CA  1 
ATOM   398 C C   . THR A 1 51  ? 4.720   -3.734  14.879  1.00 29.92 ? 51  THR A C   1 
ATOM   399 O O   . THR A 1 51  ? 5.462   -4.709  14.971  1.00 32.66 ? 51  THR A O   1 
ATOM   400 C CB  . THR A 1 51  ? 3.290   -4.999  16.350  1.00 34.08 ? 51  THR A CB  1 
ATOM   401 O OG1 . THR A 1 51  ? 2.800   -5.746  15.209  1.00 37.20 ? 51  THR A OG1 1 
ATOM   402 C CG2 . THR A 1 51  ? 2.229   -5.004  17.449  1.00 30.95 ? 51  THR A CG2 1 
ATOM   403 N N   . GLY A 1 52  ? 4.952   -2.818  13.969  1.00 20.45 ? 52  GLY A N   1 
ATOM   404 C CA  . GLY A 1 52  ? 5.998   -2.674  13.039  1.00 19.93 ? 52  GLY A CA  1 
ATOM   405 C C   . GLY A 1 52  ? 6.061   -3.611  11.876  1.00 16.96 ? 52  GLY A C   1 
ATOM   406 O O   . GLY A 1 52  ? 5.271   -4.534  11.695  1.00 22.02 ? 52  GLY A O   1 
ATOM   407 N N   . ILE A 1 53  ? 7.013   -3.266  11.026  1.00 18.66 ? 53  ILE A N   1 
ATOM   408 C CA  . ILE A 1 53  ? 7.286   -4.078  9.846   1.00 17.68 ? 53  ILE A CA  1 
ATOM   409 C C   . ILE A 1 53  ? 8.799   -4.079  9.704   1.00 19.43 ? 53  ILE A C   1 
ATOM   410 O O   . ILE A 1 53  ? 9.465   -3.154  10.197  1.00 20.41 ? 53  ILE A O   1 
ATOM   411 C CB  . ILE A 1 53  ? 6.679   -3.521  8.523   1.00 22.58 ? 53  ILE A CB  1 
ATOM   412 C CG1 . ILE A 1 53  ? 7.136   -2.087  8.398   1.00 20.63 ? 53  ILE A CG1 1 
ATOM   413 C CG2 . ILE A 1 53  ? 5.202   -3.778  8.416   1.00 28.69 ? 53  ILE A CG2 1 
ATOM   414 C CD1 . ILE A 1 53  ? 6.900   -1.468  7.059   1.00 28.92 ? 53  ILE A CD1 1 
ATOM   415 N N   . GLY A 1 54  ? 9.342   -5.012  8.938   1.00 17.54 ? 54  GLY A N   1 
ATOM   416 C CA  . GLY A 1 54  ? 10.763  -5.111  8.708   1.00 17.43 ? 54  GLY A CA  1 
ATOM   417 C C   . GLY A 1 54  ? 11.035  -5.186  7.223   1.00 18.93 ? 54  GLY A C   1 
ATOM   418 O O   . GLY A 1 54  ? 10.164  -5.527  6.419   1.00 20.02 ? 54  GLY A O   1 
ATOM   419 N N   . GLY A 1 55  ? 12.272  -4.813  6.949   1.00 18.57 ? 55  GLY A N   1 
ATOM   420 C CA  . GLY A 1 55  ? 12.724  -4.794  5.547   1.00 18.03 ? 55  GLY A CA  1 
ATOM   421 C C   . GLY A 1 55  ? 14.257  -4.828  5.634   1.00 21.29 ? 55  GLY A C   1 
ATOM   422 O O   . GLY A 1 55  ? 14.894  -5.199  6.667   1.00 20.88 ? 55  GLY A O   1 
ATOM   423 N N   A VAL A 1 56  ? 14.837  -4.477  4.497   0.50 18.09 ? 56  VAL A N   1 
ATOM   424 N N   B VAL A 1 56  ? 14.782  -4.377  4.504   0.50 17.62 ? 56  VAL A N   1 
ATOM   425 C CA  A VAL A 1 56  ? 16.285  -4.486  4.302   0.50 20.42 ? 56  VAL A CA  1 
ATOM   426 C CA  B VAL A 1 56  ? 16.245  -4.305  4.374   0.50 20.34 ? 56  VAL A CA  1 
ATOM   427 C C   A VAL A 1 56  ? 17.031  -3.713  5.382   0.50 21.51 ? 56  VAL A C   1 
ATOM   428 C C   B VAL A 1 56  ? 16.534  -3.074  5.239   0.50 22.18 ? 56  VAL A C   1 
ATOM   429 O O   A VAL A 1 56  ? 18.072  -4.190  5.855   0.50 22.47 ? 56  VAL A O   1 
ATOM   430 O O   B VAL A 1 56  ? 15.781  -2.106  5.044   0.50 19.79 ? 56  VAL A O   1 
ATOM   431 C CB  A VAL A 1 56  ? 16.521  -3.962  2.869   0.50 21.77 ? 56  VAL A CB  1 
ATOM   432 C CB  B VAL A 1 56  ? 16.530  -4.023  2.889   0.50 19.13 ? 56  VAL A CB  1 
ATOM   433 C CG1 A VAL A 1 56  ? 17.769  -3.129  2.682   0.50 23.69 ? 56  VAL A CG1 1 
ATOM   434 C CG1 B VAL A 1 56  ? 17.976  -3.703  2.596   0.50 21.96 ? 56  VAL A CG1 1 
ATOM   435 C CG2 A VAL A 1 56  ? 16.527  -5.120  1.873   0.50 20.78 ? 56  VAL A CG2 1 
ATOM   436 C CG2 B VAL A 1 56  ? 16.024  -5.205  2.072   0.50 12.94 ? 56  VAL A CG2 1 
ATOM   437 N N   A GLY A 1 57  ? 16.553  -2.545  5.817   0.50 23.64 ? 57  GLY A N   1 
ATOM   438 N N   B GLY A 1 57  ? 17.491  -3.060  6.159   0.50 23.92 ? 57  GLY A N   1 
ATOM   439 C CA  A GLY A 1 57  ? 17.250  -1.751  6.821   0.50 23.87 ? 57  GLY A CA  1 
ATOM   440 C CA  B GLY A 1 57  ? 17.675  -1.824  6.932   0.50 23.58 ? 57  GLY A CA  1 
ATOM   441 C C   A GLY A 1 57  ? 16.875  -1.947  8.278   0.50 25.41 ? 57  GLY A C   1 
ATOM   442 C C   B GLY A 1 57  ? 17.247  -1.973  8.387   0.50 25.61 ? 57  GLY A C   1 
ATOM   443 O O   A GLY A 1 57  ? 17.367  -1.187  9.133   0.50 28.40 ? 57  GLY A O   1 
ATOM   444 O O   B GLY A 1 57  ? 17.890  -1.359  9.251   0.50 26.48 ? 57  GLY A O   1 
ATOM   445 N N   A GLY A 1 58  ? 16.064  -2.929  8.634   0.50 24.09 ? 58  GLY A N   1 
ATOM   446 N N   B GLY A 1 58  ? 16.206  -2.732  8.685   0.50 23.41 ? 58  GLY A N   1 
ATOM   447 C CA  A GLY A 1 58  ? 15.664  -3.158  10.004  0.50 23.96 ? 58  GLY A CA  1 
ATOM   448 C CA  B GLY A 1 58  ? 15.714  -2.931  10.029  0.50 24.06 ? 58  GLY A CA  1 
ATOM   449 C C   A GLY A 1 58  ? 14.140  -3.003  10.128  0.50 22.72 ? 58  GLY A C   1 
ATOM   450 C C   B GLY A 1 58  ? 14.187  -2.793  10.103  0.50 22.47 ? 58  GLY A C   1 
ATOM   451 O O   A GLY A 1 58  ? 13.422  -3.195  9.152   0.50 22.79 ? 58  GLY A O   1 
ATOM   452 O O   B GLY A 1 58  ? 13.481  -2.817  9.100   0.50 21.91 ? 58  GLY A O   1 
ATOM   453 N N   . ASN A 1 59  ? 13.678  -2.644  11.319  1.00 19.47 ? 59  ASN A N   1 
ATOM   454 C CA  . ASN A 1 59  ? 12.264  -2.538  11.586  1.00 21.18 ? 59  ASN A CA  1 
ATOM   455 C C   . ASN A 1 59  ? 11.809  -1.097  11.709  1.00 23.89 ? 59  ASN A C   1 
ATOM   456 O O   . ASN A 1 59  ? 12.712  -0.353  12.068  1.00 24.12 ? 59  ASN A O   1 
ATOM   457 C CB  . ASN A 1 59  ? 12.011  -3.163  12.971  1.00 24.28 ? 59  ASN A CB  1 
ATOM   458 C CG  . ASN A 1 59  ? 12.345  -4.657  13.000  1.00 27.82 ? 59  ASN A CG  1 
ATOM   459 O OD1 . ASN A 1 59  ? 11.962  -5.420  12.117  1.00 33.24 ? 59  ASN A OD1 1 
ATOM   460 N ND2 . ASN A 1 59  ? 13.104  -5.062  14.016  1.00 31.68 ? 59  ASN A ND2 1 
ATOM   461 N N   . VAL A 1 60  ? 10.502  -0.896  11.427  1.00 18.92 ? 60  VAL A N   1 
ATOM   462 C CA  . VAL A 1 60  ? 10.035  0.489   11.519  1.00 18.11 ? 60  VAL A CA  1 
ATOM   463 C C   . VAL A 1 60  ? 8.668   0.381   12.162  1.00 20.01 ? 60  VAL A C   1 
ATOM   464 O O   . VAL A 1 60  ? 7.937   -0.569  11.942  1.00 18.91 ? 60  VAL A O   1 
ATOM   465 C CB  . VAL A 1 60  ? 10.192  0.928   10.057  1.00 28.75 ? 60  VAL A CB  1 
ATOM   466 C CG1 . VAL A 1 60  ? 8.888   0.838   9.333   1.00 29.07 ? 60  VAL A CG1 1 
ATOM   467 C CG2 . VAL A 1 60  ? 10.907  2.235   9.861   1.00 37.60 ? 60  VAL A CG2 1 
ATOM   468 N N   . GLU A 1 61  ? 8.357   1.380   13.018  1.00 18.88 ? 61  GLU A N   1 
ATOM   469 C CA  . GLU A 1 61  ? 7.088   1.421   13.710  1.00 21.07 ? 61  GLU A CA  1 
ATOM   470 C C   . GLU A 1 61  ? 5.933   1.713   12.763  1.00 18.27 ? 61  GLU A C   1 
ATOM   471 O O   . GLU A 1 61  ? 6.143   2.418   11.788  1.00 20.61 ? 61  GLU A O   1 
ATOM   472 C CB  . GLU A 1 61  ? 7.096   2.579   14.731  1.00 25.06 ? 61  GLU A CB  1 
ATOM   473 C CG  . GLU A 1 61  ? 7.821   2.135   16.003  1.00 36.59 ? 61  GLU A CG  1 
ATOM   474 C CD  . GLU A 1 61  ? 7.916   3.251   17.040  1.00 48.71 ? 61  GLU A CD  1 
ATOM   475 O OE1 . GLU A 1 61  ? 6.912   3.991   17.205  1.00 46.82 ? 61  GLU A OE1 1 
ATOM   476 O OE2 . GLU A 1 61  ? 9.004   3.314   17.664  1.00 53.04 ? 61  GLU A OE2 1 
ATOM   477 N N   . THR A 1 62  ? 4.775   1.168   13.047  1.00 18.53 ? 62  THR A N   1 
ATOM   478 C CA  . THR A 1 62  ? 3.653   1.480   12.151  1.00 18.63 ? 62  THR A CA  1 
ATOM   479 C C   . THR A 1 62  ? 2.395   1.748   12.952  1.00 20.21 ? 62  THR A C   1 
ATOM   480 O O   . THR A 1 62  ? 2.329   1.471   14.162  1.00 20.32 ? 62  THR A O   1 
ATOM   481 C CB  . THR A 1 62  ? 3.216   0.189   11.408  1.00 15.80 ? 62  THR A CB  1 
ATOM   482 O OG1 . THR A 1 62  ? 3.086   -0.910  12.317  1.00 21.01 ? 62  THR A OG1 1 
ATOM   483 C CG2 . THR A 1 62  ? 4.289   -0.136  10.399  1.00 19.62 ? 62  THR A CG2 1 
ATOM   484 N N   . PHE A 1 63  ? 1.399   2.332   12.250  1.00 18.65 ? 63  PHE A N   1 
ATOM   485 C CA  . PHE A 1 63  ? 0.080   2.379   12.894  1.00 18.51 ? 63  PHE A CA  1 
ATOM   486 C C   . PHE A 1 63  ? -0.828  1.864   11.769  1.00 18.66 ? 63  PHE A C   1 
ATOM   487 O O   . PHE A 1 63  ? -0.366  1.738   10.623  1.00 20.44 ? 63  PHE A O   1 
ATOM   488 C CB  . PHE A 1 63  ? -0.373  3.686   13.476  1.00 24.19 ? 63  PHE A CB  1 
ATOM   489 C CG  . PHE A 1 63  ? -0.501  4.846   12.560  1.00 25.92 ? 63  PHE A CG  1 
ATOM   490 C CD1 . PHE A 1 63  ? -1.658  5.028   11.814  1.00 26.28 ? 63  PHE A CD1 1 
ATOM   491 C CD2 . PHE A 1 63  ? 0.525   5.748   12.486  1.00 29.91 ? 63  PHE A CD2 1 
ATOM   492 C CE1 . PHE A 1 63  ? -1.771  6.109   10.963  1.00 31.73 ? 63  PHE A CE1 1 
ATOM   493 C CE2 . PHE A 1 63  ? 0.396   6.858   11.649  1.00 34.34 ? 63  PHE A CE2 1 
ATOM   494 C CZ  . PHE A 1 63  ? -0.742  7.022   10.887  1.00 31.65 ? 63  PHE A CZ  1 
ATOM   495 N N   . SER A 1 64  ? -2.060  1.502   12.069  1.00 17.48 ? 64  SER A N   1 
ATOM   496 C CA  . SER A 1 64  ? -2.943  1.057   11.000  1.00 20.17 ? 64  SER A CA  1 
ATOM   497 C C   . SER A 1 64  ? -4.121  2.055   10.943  1.00 21.89 ? 64  SER A C   1 
ATOM   498 O O   . SER A 1 64  ? -4.455  2.809   11.876  1.00 20.70 ? 64  SER A O   1 
ATOM   499 C CB  . SER A 1 64  ? -3.415  -0.375  11.103  1.00 22.33 ? 64  SER A CB  1 
ATOM   500 O OG  . SER A 1 64  ? -4.342  -0.598  12.102  1.00 31.63 ? 64  SER A OG  1 
ATOM   501 N N   . THR A 1 65  ? -4.718  2.097   9.756   1.00 20.01 ? 65  THR A N   1 
ATOM   502 C CA  . THR A 1 65  ? -5.837  3.062   9.535   1.00 18.35 ? 65  THR A CA  1 
ATOM   503 C C   . THR A 1 65  ? -6.797  2.469   8.515   1.00 18.88 ? 65  THR A C   1 
ATOM   504 O O   . THR A 1 65  ? -6.380  1.778   7.567   1.00 18.75 ? 65  THR A O   1 
ATOM   505 C CB  . THR A 1 65  ? -5.172  4.362   9.050   1.00 17.51 ? 65  THR A CB  1 
ATOM   506 O OG1 . THR A 1 65  ? -6.206  5.358   9.172   1.00 21.38 ? 65  THR A OG1 1 
ATOM   507 C CG2 . THR A 1 65  ? -4.696  4.405   7.593   1.00 15.35 ? 65  THR A CG2 1 
ATOM   508 N N   . PRO A 1 66  ? -8.118  2.656   8.664   1.00 21.40 ? 66  PRO A N   1 
ATOM   509 C CA  . PRO A 1 66  ? -9.107  2.093   7.720   1.00 20.39 ? 66  PRO A CA  1 
ATOM   510 C C   . PRO A 1 66  ? -9.125  2.931   6.454   1.00 18.93 ? 66  PRO A C   1 
ATOM   511 O O   . PRO A 1 66  ? -8.978  4.166   6.436   1.00 19.76 ? 66  PRO A O   1 
ATOM   512 C CB  . PRO A 1 66  ? -10.407 2.067   8.557   1.00 23.09 ? 66  PRO A CB  1 
ATOM   513 C CG  . PRO A 1 66  ? -10.246 3.129   9.599   1.00 24.48 ? 66  PRO A CG  1 
ATOM   514 C CD  . PRO A 1 66  ? -8.787  3.444   9.711   1.00 21.80 ? 66  PRO A CD  1 
ATOM   515 N N   . VAL A 1 67  ? -9.176  2.255   5.317   1.00 18.62 ? 67  VAL A N   1 
ATOM   516 C CA  . VAL A 1 67  ? -9.180  2.914   4.034   1.00 16.62 ? 67  VAL A CA  1 
ATOM   517 C C   . VAL A 1 67  ? -10.133 2.153   3.104   1.00 18.76 ? 67  VAL A C   1 
ATOM   518 O O   . VAL A 1 67  ? -10.569 1.044   3.261   1.00 18.85 ? 67  VAL A O   1 
ATOM   519 C CB  . VAL A 1 67  ? -7.800  2.937   3.294   1.00 19.72 ? 67  VAL A CB  1 
ATOM   520 C CG1 . VAL A 1 67  ? -6.673  3.672   4.034   1.00 18.92 ? 67  VAL A CG1 1 
ATOM   521 C CG2 . VAL A 1 67  ? -7.377  1.499   2.967   1.00 20.41 ? 67  VAL A CG2 1 
ATOM   522 N N   . THR A 1 68  ? -10.548 2.849   2.045   1.00 21.51 ? 68  THR A N   1 
ATOM   523 C CA  . THR A 1 68  ? -11.326 2.367   0.924   1.00 21.43 ? 68  THR A CA  1 
ATOM   524 C C   . THR A 1 68  ? -10.435 2.609   -0.314  1.00 17.58 ? 68  THR A C   1 
ATOM   525 O O   . THR A 1 68  ? -9.951  3.701   -0.649  1.00 19.47 ? 68  THR A O   1 
ATOM   526 C CB  . THR A 1 68  ? -12.630 3.166   0.689   1.00 22.98 ? 68  THR A CB  1 
ATOM   527 O OG1 . THR A 1 68  ? -13.355 2.828   1.867   1.00 28.73 ? 68  THR A OG1 1 
ATOM   528 C CG2 . THR A 1 68  ? -13.399 2.566   -0.484  1.00 26.03 ? 68  THR A CG2 1 
ATOM   529 N N   . ILE A 1 69  ? -10.218 1.496   -1.030  1.00 17.96 ? 69  ILE A N   1 
ATOM   530 C CA  . ILE A 1 69  ? -9.394  1.606   -2.229  1.00 20.06 ? 69  ILE A CA  1 
ATOM   531 C C   . ILE A 1 69  ? -10.273 1.306   -3.461  1.00 19.85 ? 69  ILE A C   1 
ATOM   532 O O   . ILE A 1 69  ? -11.046 0.381   -3.400  1.00 20.78 ? 69  ILE A O   1 
ATOM   533 C CB  . ILE A 1 69  ? -8.272  0.550   -2.163  1.00 28.13 ? 69  ILE A CB  1 
ATOM   534 C CG1 . ILE A 1 69  ? -7.241  0.975   -1.103  1.00 29.41 ? 69  ILE A CG1 1 
ATOM   535 C CG2 . ILE A 1 69  ? -7.533  0.427   -3.471  1.00 25.57 ? 69  ILE A CG2 1 
ATOM   536 C CD1 . ILE A 1 69  ? -6.892  -0.243  -0.288  1.00 31.63 ? 69  ILE A CD1 1 
ATOM   537 N N   . LYS A 1 70  ? -10.160 2.134   -4.464  1.00 21.15 ? 70  LYS A N   1 
ATOM   538 C CA  . LYS A 1 70  ? -10.900 1.914   -5.692  1.00 27.00 ? 70  LYS A CA  1 
ATOM   539 C C   . LYS A 1 70  ? -9.886  1.741   -6.831  1.00 23.73 ? 70  LYS A C   1 
ATOM   540 O O   . LYS A 1 70  ? -8.978  2.530   -7.096  1.00 23.20 ? 70  LYS A O   1 
ATOM   541 C CB  . LYS A 1 70  ? -11.786 3.126   -6.035  1.00 25.42 ? 70  LYS A CB  1 
ATOM   542 N N   . LYS A 1 71  ? -10.060 0.686   -7.633  1.00 25.96 ? 71  LYS A N   1 
ATOM   543 C CA  . LYS A 1 71  ? -9.202  0.398   -8.796  1.00 28.00 ? 71  LYS A CA  1 
ATOM   544 C C   . LYS A 1 71  ? -9.871  -0.806  -9.499  1.00 32.13 ? 71  LYS A C   1 
ATOM   545 O O   . LYS A 1 71  ? -10.507 -1.581  -8.773  1.00 31.65 ? 71  LYS A O   1 
ATOM   546 C CB  . LYS A 1 71  ? -7.837  -0.127  -8.351  1.00 24.97 ? 71  LYS A CB  1 
ATOM   547 C CG  . LYS A 1 71  ? -6.814  -0.425  -9.435  1.00 23.13 ? 71  LYS A CG  1 
ATOM   548 C CD  . LYS A 1 71  ? -6.570  0.790   -10.298 1.00 21.48 ? 71  LYS A CD  1 
ATOM   549 C CE  . LYS A 1 71  ? -5.431  0.591   -11.277 1.00 26.04 ? 71  LYS A CE  1 
ATOM   550 N NZ  . LYS A 1 71  ? -5.030  1.863   -11.949 1.00 21.20 ? 71  LYS A NZ  1 
ATOM   551 N N   . LYS A 1 72  ? -9.657  -0.930  -10.810 1.00 36.68 ? 72  LYS A N   1 
ATOM   552 C CA  . LYS A 1 72  ? -10.226 -2.084  -11.539 1.00 41.47 ? 72  LYS A CA  1 
ATOM   553 C C   . LYS A 1 72  ? -11.715 -2.301  -11.229 1.00 42.87 ? 72  LYS A C   1 
ATOM   554 O O   . LYS A 1 72  ? -12.183 -3.446  -11.164 1.00 45.32 ? 72  LYS A O   1 
ATOM   555 C CB  . LYS A 1 72  ? -9.534  -3.347  -11.011 1.00 42.26 ? 72  LYS A CB  1 
ATOM   556 C CG  . LYS A 1 72  ? -8.385  -4.006  -11.738 1.00 48.04 ? 72  LYS A CG  1 
ATOM   557 C CD  . LYS A 1 72  ? -8.231  -5.403  -11.111 1.00 54.29 ? 72  LYS A CD  1 
ATOM   558 C CE  . LYS A 1 72  ? -7.681  -6.421  -12.100 1.00 55.94 ? 72  LYS A CE  1 
ATOM   559 N NZ  . LYS A 1 72  ? -7.796  -7.850  -11.719 1.00 53.71 ? 72  LYS A NZ  1 
ATOM   560 N N   . GLY A 1 73  ? -12.448 -1.206  -11.001 1.00 43.32 ? 73  GLY A N   1 
ATOM   561 C CA  . GLY A 1 73  ? -13.855 -1.253  -10.653 1.00 44.47 ? 73  GLY A CA  1 
ATOM   562 C C   . GLY A 1 73  ? -14.126 -1.983  -9.348  1.00 45.88 ? 73  GLY A C   1 
ATOM   563 O O   . GLY A 1 73  ? -15.287 -2.376  -9.120  1.00 49.30 ? 73  GLY A O   1 
ATOM   564 N N   . ARG A 1 74  ? -13.120 -2.220  -8.503  1.00 42.93 ? 74  ARG A N   1 
ATOM   565 C CA  . ARG A 1 74  ? -13.390 -2.901  -7.237  1.00 40.93 ? 74  ARG A CA  1 
ATOM   566 C C   . ARG A 1 74  ? -13.407 -1.820  -6.169  1.00 37.93 ? 74  ARG A C   1 
ATOM   567 O O   . ARG A 1 74  ? -12.791 -0.771  -6.332  1.00 37.03 ? 74  ARG A O   1 
ATOM   568 C CB  . ARG A 1 74  ? -12.347 -3.931  -6.847  1.00 48.04 ? 74  ARG A CB  1 
ATOM   569 C CG  . ARG A 1 74  ? -12.221 -5.076  -7.854  1.00 54.59 ? 74  ARG A CG  1 
ATOM   570 C CD  . ARG A 1 74  ? -11.003 -5.900  -7.497  1.00 64.91 ? 74  ARG A CD  1 
ATOM   571 N NE  . ARG A 1 74  ? -10.978 -7.271  -7.978  1.00 70.25 ? 74  ARG A NE  1 
ATOM   572 C CZ  . ARG A 1 74  ? -11.011 -7.652  -9.248  1.00 74.81 ? 74  ARG A CZ  1 
ATOM   573 N NH1 . ARG A 1 74  ? -11.103 -6.740  -10.208 1.00 78.39 ? 74  ARG A NH1 1 
ATOM   574 N NH2 . ARG A 1 74  ? -10.969 -8.956  -9.495  1.00 78.58 ? 74  ARG A NH2 1 
ATOM   575 N N   . HIS A 1 75  ? -14.110 -2.041  -5.085  1.00 37.60 ? 75  HIS A N   1 
ATOM   576 C CA  A HIS A 1 75  ? -14.183 -1.066  -4.000  0.50 37.07 ? 75  HIS A CA  1 
ATOM   577 C CA  B HIS A 1 75  ? -14.188 -1.072  -3.999  0.50 37.06 ? 75  HIS A CA  1 
ATOM   578 C C   . HIS A 1 75  ? -13.654 -1.886  -2.831  1.00 37.15 ? 75  HIS A C   1 
ATOM   579 O O   . HIS A 1 75  ? -14.436 -2.701  -2.326  1.00 39.15 ? 75  HIS A O   1 
ATOM   580 C CB  A HIS A 1 75  ? -15.638 -0.702  -3.754  0.50 42.70 ? 75  HIS A CB  1 
ATOM   581 C CB  B HIS A 1 75  ? -15.644 -0.674  -3.750  0.50 42.55 ? 75  HIS A CB  1 
ATOM   582 C CG  A HIS A 1 75  ? -15.958 0.328   -2.725  0.50 44.56 ? 75  HIS A CG  1 
ATOM   583 C CG  B HIS A 1 75  ? -16.147 0.291   -4.785  0.50 44.33 ? 75  HIS A CG  1 
ATOM   584 N ND1 A HIS A 1 75  ? -16.276 1.635   -3.043  0.50 46.89 ? 75  HIS A ND1 1 
ATOM   585 N ND1 B HIS A 1 75  ? -16.360 -0.080  -6.095  0.50 46.42 ? 75  HIS A ND1 1 
ATOM   586 C CD2 A HIS A 1 75  ? -16.025 0.244   -1.374  0.50 45.67 ? 75  HIS A CD2 1 
ATOM   587 C CD2 B HIS A 1 75  ? -16.470 1.603   -4.703  0.50 44.17 ? 75  HIS A CD2 1 
ATOM   588 C CE1 A HIS A 1 75  ? -16.526 2.309   -1.933  0.50 45.12 ? 75  HIS A CE1 1 
ATOM   589 C CE1 B HIS A 1 75  ? -16.782 0.966   -6.780  0.50 47.24 ? 75  HIS A CE1 1 
ATOM   590 N NE2 A HIS A 1 75  ? -16.373 1.491   -0.912  0.50 45.52 ? 75  HIS A NE2 1 
ATOM   591 N NE2 B HIS A 1 75  ? -16.859 1.998   -5.960  0.50 46.33 ? 75  HIS A NE2 1 
ATOM   592 N N   . ILE A 1 76  ? -12.394 -1.715  -2.440  1.00 33.13 ? 76  ILE A N   1 
ATOM   593 C CA  . ILE A 1 76  ? -11.908 -2.543  -1.324  1.00 28.96 ? 76  ILE A CA  1 
ATOM   594 C C   . ILE A 1 76  ? -11.852 -1.770  -0.011  1.00 27.73 ? 76  ILE A C   1 
ATOM   595 O O   . ILE A 1 76  ? -11.314 -0.662  0.013   1.00 25.83 ? 76  ILE A O   1 
ATOM   596 C CB  . ILE A 1 76  ? -10.520 -3.066  -1.748  1.00 32.70 ? 76  ILE A CB  1 
ATOM   597 C CG1 . ILE A 1 76  ? -10.703 -4.147  -2.826  1.00 35.60 ? 76  ILE A CG1 1 
ATOM   598 C CG2 . ILE A 1 76  ? -9.750  -3.685  -0.598  1.00 33.14 ? 76  ILE A CG2 1 
ATOM   599 C CD1 . ILE A 1 76  ? -9.577  -4.132  -3.826  1.00 38.20 ? 76  ILE A CD1 1 
ATOM   600 N N   . LYS A 1 77  ? -12.454 -2.366  1.018   1.00 24.80 ? 77  LYS A N   1 
ATOM   601 C CA  . LYS A 1 77  ? -12.506 -1.744  2.321   1.00 28.92 ? 77  LYS A CA  1 
ATOM   602 C C   . LYS A 1 77  ? -11.593 -2.552  3.239   1.00 30.72 ? 77  LYS A C   1 
ATOM   603 O O   . LYS A 1 77  ? -11.824 -3.742  3.507   1.00 31.65 ? 77  LYS A O   1 
ATOM   604 C CB  . LYS A 1 77  ? -13.854 -1.678  3.020   1.00 31.84 ? 77  LYS A CB  1 
ATOM   605 C CG  . LYS A 1 77  ? -14.891 -0.692  2.551   1.00 39.94 ? 77  LYS A CG  1 
ATOM   606 C CD  . LYS A 1 77  ? -15.836 -1.261  1.508   1.00 38.77 ? 77  LYS A CD  1 
ATOM   607 C CE  . LYS A 1 77  ? -17.165 -0.520  1.540   1.00 39.38 ? 77  LYS A CE  1 
ATOM   608 N NZ  . LYS A 1 77  ? -16.977 0.957   1.506   1.00 39.59 ? 77  LYS A NZ  1 
ATOM   609 N N   . THR A 1 78  ? -10.498 -1.899  3.625   1.00 25.51 ? 78  THR A N   1 
ATOM   610 C CA  . THR A 1 78  ? -9.594  -2.675  4.493   1.00 29.08 ? 78  THR A CA  1 
ATOM   611 C C   . THR A 1 78  ? -8.811  -1.733  5.393   1.00 30.22 ? 78  THR A C   1 
ATOM   612 O O   . THR A 1 78  ? -9.153  -0.554  5.597   1.00 30.68 ? 78  THR A O   1 
ATOM   613 C CB  . THR A 1 78  ? -8.730  -3.533  3.536   1.00 30.29 ? 78  THR A CB  1 
ATOM   614 O OG1 . THR A 1 78  ? -7.847  -4.367  4.285   1.00 32.11 ? 78  THR A OG1 1 
ATOM   615 C CG2 . THR A 1 78  ? -7.917  -2.645  2.616   1.00 28.49 ? 78  THR A CG2 1 
ATOM   616 N N   . ARG A 1 79  ? -7.792  -2.219  6.073   1.00 29.35 ? 79  ARG A N   1 
ATOM   617 C CA  . ARG A 1 79  ? -6.880  -1.486  6.920   1.00 29.44 ? 79  ARG A CA  1 
ATOM   618 C C   . ARG A 1 79  ? -5.533  -1.511  6.191   1.00 28.31 ? 79  ARG A C   1 
ATOM   619 O O   . ARG A 1 79  ? -5.192  -2.482  5.495   1.00 29.49 ? 79  ARG A O   1 
ATOM   620 C CB  . ARG A 1 79  ? -6.645  -2.024  8.331   1.00 30.73 ? 79  ARG A CB  1 
ATOM   621 C CG  . ARG A 1 79  ? -7.777  -1.594  9.258   1.00 40.34 ? 79  ARG A CG  1 
ATOM   622 C CD  . ARG A 1 79  ? -7.373  -1.433  10.706  1.00 48.81 ? 79  ARG A CD  1 
ATOM   623 N NE  . ARG A 1 79  ? -8.525  -1.202  11.569  1.00 52.41 ? 79  ARG A NE  1 
ATOM   624 C CZ  . ARG A 1 79  ? -8.550  -1.461  12.872  1.00 51.52 ? 79  ARG A CZ  1 
ATOM   625 N NH1 . ARG A 1 79  ? -7.485  -1.979  13.468  1.00 51.62 ? 79  ARG A NH1 1 
ATOM   626 N NH2 . ARG A 1 79  ? -9.644  -1.209  13.577  1.00 51.62 ? 79  ARG A NH2 1 
ATOM   627 N N   . MET A 1 80  ? -4.775  -0.415  6.245   1.00 23.47 ? 80  MET A N   1 
ATOM   628 C CA  . MET A 1 80  ? -3.462  -0.359  5.674   1.00 16.10 ? 80  MET A CA  1 
ATOM   629 C C   . MET A 1 80  ? -2.592  0.199   6.801   1.00 17.37 ? 80  MET A C   1 
ATOM   630 O O   . MET A 1 80  ? -2.985  1.026   7.614   1.00 17.77 ? 80  MET A O   1 
ATOM   631 C CB  . MET A 1 80  ? -3.237  0.665   4.557   1.00 20.49 ? 80  MET A CB  1 
ATOM   632 C CG  . MET A 1 80  ? -3.688  0.232   3.192   1.00 25.36 ? 80  MET A CG  1 
ATOM   633 S SD  . MET A 1 80  ? -3.383  1.498   1.951   1.00 24.22 ? 80  MET A SD  1 
ATOM   634 C CE  . MET A 1 80  ? -1.674  1.403   1.466   1.00 27.78 ? 80  MET A CE  1 
ATOM   635 N N   . LEU A 1 81  ? -1.337  -0.233  6.783   1.00 17.01 ? 81  LEU A N   1 
ATOM   636 C CA  . LEU A 1 81  ? -0.378  0.329   7.737   1.00 17.89 ? 81  LEU A CA  1 
ATOM   637 C C   . LEU A 1 81  ? 0.129   1.661   7.201   1.00 15.80 ? 81  LEU A C   1 
ATOM   638 O O   . LEU A 1 81  ? 0.050   2.071   6.019   1.00 16.72 ? 81  LEU A O   1 
ATOM   639 C CB  . LEU A 1 81  ? 0.866   -0.578  7.807   1.00 17.39 ? 81  LEU A CB  1 
ATOM   640 C CG  . LEU A 1 81  ? 0.493   -2.009  8.229   1.00 20.86 ? 81  LEU A CG  1 
ATOM   641 C CD1 . LEU A 1 81  ? 1.798   -2.800  8.261   1.00 25.08 ? 81  LEU A CD1 1 
ATOM   642 C CD2 . LEU A 1 81  ? -0.311  -2.064  9.522   1.00 22.16 ? 81  LEU A CD2 1 
ATOM   643 N N   . VAL A 1 82  ? 0.625   2.486   8.109   1.00 16.61 ? 82  VAL A N   1 
ATOM   644 C CA  . VAL A 1 82  ? 1.196   3.796   7.840   1.00 14.10 ? 82  VAL A CA  1 
ATOM   645 C C   . VAL A 1 82  ? 2.605   3.839   8.452   1.00 17.65 ? 82  VAL A C   1 
ATOM   646 O O   . VAL A 1 82  ? 2.747   3.475   9.652   1.00 18.47 ? 82  VAL A O   1 
ATOM   647 C CB  . VAL A 1 82  ? 0.341   4.955   8.410   1.00 15.20 ? 82  VAL A CB  1 
ATOM   648 C CG1 . VAL A 1 82  ? 0.999   6.242   7.971   1.00 15.72 ? 82  VAL A CG1 1 
ATOM   649 C CG2 . VAL A 1 82  ? -1.117  4.856   7.877   1.00 17.84 ? 82  VAL A CG2 1 
ATOM   650 N N   . ALA A 1 83  ? 3.570   4.270   7.656   1.00 16.86 ? 83  ALA A N   1 
ATOM   651 C CA  . ALA A 1 83  ? 4.941   4.332   8.193   1.00 18.10 ? 83  ALA A CA  1 
ATOM   652 C C   . ALA A 1 83  ? 5.846   5.246   7.444   1.00 17.25 ? 83  ALA A C   1 
ATOM   653 O O   . ALA A 1 83  ? 5.588   5.615   6.287   1.00 19.57 ? 83  ALA A O   1 
ATOM   654 C CB  . ALA A 1 83  ? 5.623   2.934   8.172   1.00 19.21 ? 83  ALA A CB  1 
ATOM   655 N N   . ASP A 1 84  ? 6.974   5.739   8.044   1.00 17.64 ? 84  ASP A N   1 
ATOM   656 C CA  . ASP A 1 84  ? 7.859   6.619   7.293   1.00 18.62 ? 84  ASP A CA  1 
ATOM   657 C C   . ASP A 1 84  ? 8.779   5.801   6.391   1.00 26.22 ? 84  ASP A C   1 
ATOM   658 O O   . ASP A 1 84  ? 9.950   5.570   6.764   1.00 28.15 ? 84  ASP A O   1 
ATOM   659 C CB  . ASP A 1 84  ? 8.811   7.495   8.135   1.00 24.64 ? 84  ASP A CB  1 
ATOM   660 C CG  . ASP A 1 84  ? 8.022   8.489   8.954   1.00 30.82 ? 84  ASP A CG  1 
ATOM   661 O OD1 . ASP A 1 84  ? 6.998   9.049   8.520   1.00 28.78 ? 84  ASP A OD1 1 
ATOM   662 O OD2 . ASP A 1 84  ? 8.461   8.752   10.097  1.00 37.38 ? 84  ASP A OD2 1 
ATOM   663 N N   . ILE A 1 85  ? 8.187   5.404   5.266   1.00 23.44 ? 85  ILE A N   1 
ATOM   664 C CA  . ILE A 1 85  ? 8.906   4.613   4.269   1.00 22.32 ? 85  ILE A CA  1 
ATOM   665 C C   . ILE A 1 85  ? 8.961   5.477   3.018   1.00 23.69 ? 85  ILE A C   1 
ATOM   666 O O   . ILE A 1 85  ? 8.221   6.427   2.859   1.00 20.54 ? 85  ILE A O   1 
ATOM   667 C CB  . ILE A 1 85  ? 8.345   3.213   4.075   1.00 21.88 ? 85  ILE A CB  1 
ATOM   668 C CG1 . ILE A 1 85  ? 6.918   3.284   3.516   1.00 24.52 ? 85  ILE A CG1 1 
ATOM   669 C CG2 . ILE A 1 85  ? 8.337   2.484   5.435   1.00 23.95 ? 85  ILE A CG2 1 
ATOM   670 C CD1 . ILE A 1 85  ? 6.450   1.955   2.935   1.00 21.76 ? 85  ILE A CD1 1 
ATOM   671 N N   . PRO A 1 86  ? 9.857   5.151   2.092   1.00 24.84 ? 86  PRO A N   1 
ATOM   672 C CA  . PRO A 1 86  ? 10.041  5.974   0.915   1.00 26.21 ? 86  PRO A CA  1 
ATOM   673 C C   . PRO A 1 86  ? 8.933   6.064   -0.106  1.00 24.70 ? 86  PRO A C   1 
ATOM   674 O O   . PRO A 1 86  ? 8.977   7.044   -0.803  1.00 27.77 ? 86  PRO A O   1 
ATOM   675 C CB  . PRO A 1 86  ? 11.223  5.313   0.194   1.00 26.68 ? 86  PRO A CB  1 
ATOM   676 C CG  . PRO A 1 86  ? 11.750  4.316   1.153   1.00 30.24 ? 86  PRO A CG  1 
ATOM   677 C CD  . PRO A 1 86  ? 10.753  3.988   2.220   1.00 27.94 ? 86  PRO A CD  1 
ATOM   678 N N   . VAL A 1 87  ? 8.070   5.052   -0.226  1.00 22.11 ? 87  VAL A N   1 
ATOM   679 C CA  . VAL A 1 87  ? 7.004   5.060   -1.230  1.00 20.89 ? 87  VAL A CA  1 
ATOM   680 C C   . VAL A 1 87  ? 5.801   4.262   -0.724  1.00 17.19 ? 87  VAL A C   1 
ATOM   681 O O   . VAL A 1 87  ? 5.898   3.492   0.244   1.00 17.60 ? 87  VAL A O   1 
ATOM   682 C CB  . VAL A 1 87  ? 7.631   4.446   -2.496  1.00 27.30 ? 87  VAL A CB  1 
ATOM   683 C CG1 . VAL A 1 87  ? 7.925   2.970   -2.224  1.00 22.80 ? 87  VAL A CG1 1 
ATOM   684 C CG2 . VAL A 1 87  ? 6.786   4.603   -3.733  1.00 30.81 ? 87  VAL A CG2 1 
ATOM   685 N N   . THR A 1 88  ? 4.615   4.471   -1.268  1.00 14.92 ? 88  THR A N   1 
ATOM   686 C CA  . THR A 1 88  ? 3.445   3.735   -0.766  1.00 13.32 ? 88  THR A CA  1 
ATOM   687 C C   . THR A 1 88  ? 3.465   2.428   -1.583  1.00 14.98 ? 88  THR A C   1 
ATOM   688 O O   . THR A 1 88  ? 3.672   2.494   -2.811  1.00 15.73 ? 88  THR A O   1 
ATOM   689 C CB  . THR A 1 88  ? 2.147   4.461   -1.087  1.00 16.91 ? 88  THR A CB  1 
ATOM   690 O OG1 . THR A 1 88  ? 2.106   5.509   -0.074  1.00 16.09 ? 88  THR A OG1 1 
ATOM   691 C CG2 . THR A 1 88  ? 0.901   3.600   -0.921  1.00 12.93 ? 88  THR A CG2 1 
ATOM   692 N N   . ILE A 1 89  ? 3.289   1.373   -0.785  1.00 14.19 ? 89  ILE A N   1 
ATOM   693 C CA  . ILE A 1 89  ? 3.362   0.035   -1.456  1.00 14.14 ? 89  ILE A CA  1 
ATOM   694 C C   . ILE A 1 89  ? 2.091   -0.741  -1.257  1.00 11.22 ? 89  ILE A C   1 
ATOM   695 O O   . ILE A 1 89  ? 1.491   -0.784  -0.176  1.00 14.97 ? 89  ILE A O   1 
ATOM   696 C CB  . ILE A 1 89  ? 4.508   -0.677  -0.663  1.00 19.94 ? 89  ILE A CB  1 
ATOM   697 C CG1 . ILE A 1 89  ? 5.829   0.009   -1.081  1.00 20.52 ? 89  ILE A CG1 1 
ATOM   698 C CG2 . ILE A 1 89  ? 4.613   -2.133  -1.065  1.00 26.54 ? 89  ILE A CG2 1 
ATOM   699 C CD1 . ILE A 1 89  ? 7.000   -0.623  -0.377  1.00 32.10 ? 89  ILE A CD1 1 
ATOM   700 N N   . LEU A 1 90  ? 1.642   -1.358  -2.350  1.00 12.95 ? 90  LEU A N   1 
ATOM   701 C CA  . LEU A 1 90  ? 0.529   -2.272  -2.276  1.00 13.41 ? 90  LEU A CA  1 
ATOM   702 C C   . LEU A 1 90  ? 1.199   -3.683  -2.240  1.00 13.95 ? 90  LEU A C   1 
ATOM   703 O O   . LEU A 1 90  ? 1.864   -4.042  -3.203  1.00 15.21 ? 90  LEU A O   1 
ATOM   704 C CB  . LEU A 1 90  ? -0.295  -2.184  -3.549  1.00 17.46 ? 90  LEU A CB  1 
ATOM   705 C CG  . LEU A 1 90  ? -1.635  -1.466  -3.383  1.00 27.73 ? 90  LEU A CG  1 
ATOM   706 C CD1 . LEU A 1 90  ? -1.490  -0.268  -2.473  1.00 26.38 ? 90  LEU A CD1 1 
ATOM   707 C CD2 . LEU A 1 90  ? -2.300  -1.116  -4.706  1.00 24.62 ? 90  LEU A CD2 1 
ATOM   708 N N   . GLY A 1 91  ? 1.004   -4.368  -1.143  1.00 12.60 ? 91  GLY A N   1 
ATOM   709 C CA  . GLY A 1 91  ? 1.598   -5.696  -0.959  1.00 15.74 ? 91  GLY A CA  1 
ATOM   710 C C   . GLY A 1 91  ? 0.589   -6.787  -1.322  1.00 15.55 ? 91  GLY A C   1 
ATOM   711 O O   . GLY A 1 91  ? -0.506  -6.539  -1.806  1.00 13.80 ? 91  GLY A O   1 
ATOM   712 N N   . ARG A 1 92  ? 0.922   -8.016  -0.937  1.00 12.02 ? 92  ARG A N   1 
ATOM   713 C CA  . ARG A 1 92  ? 0.141   -9.182  -1.296  1.00 14.23 ? 92  ARG A CA  1 
ATOM   714 C C   . ARG A 1 92  ? -1.289  -9.188  -0.844  1.00 16.17 ? 92  ARG A C   1 
ATOM   715 O O   . ARG A 1 92  ? -2.165  -9.801  -1.514  1.00 18.04 ? 92  ARG A O   1 
ATOM   716 C CB  . ARG A 1 92  ? 0.908   -10.467 -0.871  1.00 15.25 ? 92  ARG A CB  1 
ATOM   717 C CG  . ARG A 1 92  ? 2.230   -10.652 -1.650  1.00 12.51 ? 92  ARG A CG  1 
ATOM   718 C CD  . ARG A 1 92  ? 2.797   -12.084 -1.356  1.00 11.63 ? 92  ARG A CD  1 
ATOM   719 N NE  . ARG A 1 92  ? 3.213   -12.221 0.045   1.00 15.13 ? 92  ARG A NE  1 
ATOM   720 C CZ  . ARG A 1 92  ? 2.507   -12.782 1.009   1.00 20.74 ? 92  ARG A CZ  1 
ATOM   721 N NH1 . ARG A 1 92  ? 1.300   -13.351 0.838   1.00 17.92 ? 92  ARG A NH1 1 
ATOM   722 N NH2 . ARG A 1 92  ? 2.924   -12.810 2.275   1.00 20.74 ? 92  ARG A NH2 1 
ATOM   723 N N   . ASP A 1 93  ? -1.560  -8.639  0.331   1.00 16.53 ? 93  ASP A N   1 
ATOM   724 C CA  . ASP A 1 93  ? -2.919  -8.585  0.876   1.00 20.50 ? 93  ASP A CA  1 
ATOM   725 C C   . ASP A 1 93  ? -3.823  -7.844  -0.102  1.00 20.10 ? 93  ASP A C   1 
ATOM   726 O O   . ASP A 1 93  ? -4.842  -8.438  -0.492  1.00 22.72 ? 93  ASP A O   1 
ATOM   727 C CB  . ASP A 1 93  ? -2.965  -7.880  2.240   1.00 21.04 ? 93  ASP A CB  1 
ATOM   728 C CG  . ASP A 1 93  ? -2.316  -6.511  2.377   1.00 21.98 ? 93  ASP A CG  1 
ATOM   729 O OD1 . ASP A 1 93  ? -1.613  -5.990  1.500   1.00 18.93 ? 93  ASP A OD1 1 
ATOM   730 O OD2 . ASP A 1 93  ? -2.279  -5.829  3.435   1.00 31.81 ? 93  ASP A OD2 1 
ATOM   731 N N   . ILE A 1 94  ? -3.453  -6.644  -0.538  1.00 18.11 ? 94  ILE A N   1 
ATOM   732 C CA  . ILE A 1 94  ? -4.339  -5.950  -1.486  1.00 20.32 ? 94  ILE A CA  1 
ATOM   733 C C   . ILE A 1 94  ? -4.201  -6.476  -2.889  1.00 19.60 ? 94  ILE A C   1 
ATOM   734 O O   . ILE A 1 94  ? -5.107  -6.553  -3.749  1.00 21.09 ? 94  ILE A O   1 
ATOM   735 C CB  . ILE A 1 94  ? -4.053  -4.430  -1.318  1.00 17.20 ? 94  ILE A CB  1 
ATOM   736 C CG1 . ILE A 1 94  ? -4.682  -4.002  0.006   1.00 20.52 ? 94  ILE A CG1 1 
ATOM   737 C CG2 . ILE A 1 94  ? -4.753  -3.711  -2.470  1.00 18.76 ? 94  ILE A CG2 1 
ATOM   738 C CD1 . ILE A 1 94  ? -4.401  -2.551  0.375   1.00 29.90 ? 94  ILE A CD1 1 
ATOM   739 N N   . LEU A 1 95  ? -3.003  -6.868  -3.319  1.00 17.50 ? 95  LEU A N   1 
ATOM   740 C CA  . LEU A 1 95  ? -2.748  -7.429  -4.636  1.00 16.01 ? 95  LEU A CA  1 
ATOM   741 C C   . LEU A 1 95  ? -3.645  -8.655  -4.887  1.00 17.82 ? 95  LEU A C   1 
ATOM   742 O O   . LEU A 1 95  ? -4.161  -8.912  -5.980  1.00 20.44 ? 95  LEU A O   1 
ATOM   743 C CB  . LEU A 1 95  ? -1.283  -7.796  -4.869  1.00 14.02 ? 95  LEU A CB  1 
ATOM   744 C CG  . LEU A 1 95  ? -0.344  -6.577  -5.043  1.00 14.97 ? 95  LEU A CG  1 
ATOM   745 C CD1 . LEU A 1 95  ? 1.093   -7.049  -5.244  1.00 16.57 ? 95  LEU A CD1 1 
ATOM   746 C CD2 . LEU A 1 95  ? -0.670  -5.760  -6.282  1.00 20.42 ? 95  LEU A CD2 1 
ATOM   747 N N   . GLN A 1 96  ? -3.834  -9.512  -3.897  1.00 20.29 ? 96  GLN A N   1 
ATOM   748 C CA  . GLN A 1 96  ? -4.635  -10.741 -3.974  1.00 25.10 ? 96  GLN A CA  1 
ATOM   749 C C   . GLN A 1 96  ? -6.082  -10.294 -4.178  1.00 27.42 ? 96  GLN A C   1 
ATOM   750 O O   . GLN A 1 96  ? -6.839  -10.820 -5.011  1.00 26.55 ? 96  GLN A O   1 
ATOM   751 C CB  . GLN A 1 96  ? -4.509  -11.559 -2.686  1.00 26.71 ? 96  GLN A CB  1 
ATOM   752 C CG  . GLN A 1 96  ? -4.915  -13.012 -2.779  1.00 44.05 ? 96  GLN A CG  1 
ATOM   753 C CD  . GLN A 1 96  ? -5.101  -13.658 -1.415  1.00 47.11 ? 96  GLN A CD  1 
ATOM   754 O OE1 . GLN A 1 96  ? -4.675  -13.188 -0.360  1.00 52.70 ? 96  GLN A OE1 1 
ATOM   755 N NE2 . GLN A 1 96  ? -5.742  -14.819 -1.439  1.00 47.51 ? 96  GLN A NE2 1 
ATOM   756 N N   . ASP A 1 97  ? -6.478  -9.279  -3.407  1.00 26.08 ? 97  ASP A N   1 
ATOM   757 C CA  . ASP A 1 97  ? -7.841  -8.754  -3.522  1.00 28.51 ? 97  ASP A CA  1 
ATOM   758 C C   . ASP A 1 97  ? -8.128  -8.200  -4.916  1.00 28.99 ? 97  ASP A C   1 
ATOM   759 O O   . ASP A 1 97  ? -9.282  -8.309  -5.342  1.00 30.13 ? 97  ASP A O   1 
ATOM   760 C CB  . ASP A 1 97  ? -8.075  -7.541  -2.609  1.00 33.86 ? 97  ASP A CB  1 
ATOM   761 C CG  . ASP A 1 97  ? -8.308  -8.003  -1.184  1.00 42.13 ? 97  ASP A CG  1 
ATOM   762 O OD1 . ASP A 1 97  ? -8.626  -9.197  -1.009  1.00 41.37 ? 97  ASP A OD1 1 
ATOM   763 O OD2 . ASP A 1 97  ? -8.139  -7.149  -0.285  1.00 47.52 ? 97  ASP A OD2 1 
ATOM   764 N N   . LEU A 1 98  ? -7.173  -7.542  -5.553  1.00 26.52 ? 98  LEU A N   1 
ATOM   765 C CA  . LEU A 1 98  ? -7.368  -6.968  -6.852  1.00 25.88 ? 98  LEU A CA  1 
ATOM   766 C C   . LEU A 1 98  ? -7.194  -8.036  -7.913  1.00 26.58 ? 98  LEU A C   1 
ATOM   767 O O   . LEU A 1 98  ? -7.432  -7.696  -9.076  1.00 28.63 ? 98  LEU A O   1 
ATOM   768 C CB  . LEU A 1 98  ? -6.357  -5.862  -7.172  1.00 25.68 ? 98  LEU A CB  1 
ATOM   769 C CG  . LEU A 1 98  ? -6.565  -4.528  -6.451  1.00 28.84 ? 98  LEU A CG  1 
ATOM   770 C CD1 . LEU A 1 98  ? -5.408  -3.577  -6.703  1.00 27.92 ? 98  LEU A CD1 1 
ATOM   771 C CD2 . LEU A 1 98  ? -7.853  -3.826  -6.875  1.00 29.60 ? 98  LEU A CD2 1 
ATOM   772 N N   . GLY A 1 99  ? -6.776  -9.248  -7.604  1.00 26.64 ? 99  GLY A N   1 
ATOM   773 C CA  . GLY A 1 99  ? -6.615  -10.216 -8.688  1.00 25.45 ? 99  GLY A CA  1 
ATOM   774 C C   . GLY A 1 99  ? -5.293  -10.225 -9.385  1.00 26.22 ? 99  GLY A C   1 
ATOM   775 O O   . GLY A 1 99  ? -5.192  -10.800 -10.473 1.00 24.69 ? 99  GLY A O   1 
ATOM   776 N N   . ALA A 1 100 ? -4.262  -9.574  -8.869  1.00 23.19 ? 100 ALA A N   1 
ATOM   777 C CA  . ALA A 1 100 ? -2.969  -9.516  -9.518  1.00 24.27 ? 100 ALA A CA  1 
ATOM   778 C C   . ALA A 1 100 ? -2.280  -10.878 -9.452  1.00 24.19 ? 100 ALA A C   1 
ATOM   779 O O   . ALA A 1 100 ? -2.475  -11.713 -8.570  1.00 27.16 ? 100 ALA A O   1 
ATOM   780 C CB  . ALA A 1 100 ? -2.012  -8.533  -8.828  1.00 24.91 ? 100 ALA A CB  1 
ATOM   781 N N   . LYS A 1 101 ? -1.497  -11.134 -10.459 1.00 19.82 ? 101 LYS A N   1 
ATOM   782 C CA  . LYS A 1 101 ? -0.775  -12.405 -10.477 1.00 19.55 ? 101 LYS A CA  1 
ATOM   783 C C   . LYS A 1 101 ? 0.627   -12.197 -11.040 1.00 16.51 ? 101 LYS A C   1 
ATOM   784 O O   . LYS A 1 101 ? 0.892   -11.414 -11.944 1.00 20.20 ? 101 LYS A O   1 
ATOM   785 C CB  . LYS A 1 101 ? -1.548  -13.435 -11.310 1.00 25.67 ? 101 LYS A CB  1 
ATOM   786 C CG  . LYS A 1 101 ? -1.162  -13.295 -12.790 1.00 37.99 ? 101 LYS A CG  1 
ATOM   787 C CD  . LYS A 1 101 ? -1.953  -14.297 -13.624 1.00 51.67 ? 101 LYS A CD  1 
ATOM   788 C CE  . LYS A 1 101 ? -3.432  -14.294 -13.236 1.00 57.71 ? 101 LYS A CE  1 
ATOM   789 N NZ  . LYS A 1 101 ? -4.279  -14.553 -14.448 1.00 63.98 ? 101 LYS A NZ  1 
ATOM   790 N N   . LEU A 1 102 ? 1.584   -12.993 -10.497 1.00 14.11 ? 102 LEU A N   1 
ATOM   791 C CA  . LEU A 1 102 ? 2.916   -12.883 -11.059 1.00 13.46 ? 102 LEU A CA  1 
ATOM   792 C C   . LEU A 1 102 ? 3.176   -14.187 -11.882 1.00 19.39 ? 102 LEU A C   1 
ATOM   793 O O   . LEU A 1 102 ? 2.820   -15.258 -11.398 1.00 19.43 ? 102 LEU A O   1 
ATOM   794 C CB  . LEU A 1 102 ? 3.877   -13.025 -9.835  1.00 13.86 ? 102 LEU A CB  1 
ATOM   795 C CG  . LEU A 1 102 ? 5.330   -12.873 -10.242 1.00 19.40 ? 102 LEU A CG  1 
ATOM   796 C CD1 . LEU A 1 102 ? 5.681   -11.549 -10.939 1.00 19.52 ? 102 LEU A CD1 1 
ATOM   797 C CD2 . LEU A 1 102 ? 6.169   -12.933 -8.942  1.00 22.97 ? 102 LEU A CD2 1 
ATOM   798 N N   . VAL A 1 103 ? 3.610   -14.049 -13.109 1.00 17.62 ? 103 VAL A N   1 
ATOM   799 C CA  . VAL A 1 103 ? 3.798   -15.211 -13.960 1.00 22.45 ? 103 VAL A CA  1 
ATOM   800 C C   . VAL A 1 103 ? 5.276   -15.350 -14.287 1.00 24.17 ? 103 VAL A C   1 
ATOM   801 O O   . VAL A 1 103 ? 5.894   -14.417 -14.795 1.00 27.73 ? 103 VAL A O   1 
ATOM   802 C CB  . VAL A 1 103 ? 3.089   -14.926 -15.296 1.00 22.89 ? 103 VAL A CB  1 
ATOM   803 C CG1 . VAL A 1 103 ? 3.098   -16.159 -16.187 1.00 29.95 ? 103 VAL A CG1 1 
ATOM   804 C CG2 . VAL A 1 103 ? 1.649   -14.518 -15.077 1.00 28.42 ? 103 VAL A CG2 1 
ATOM   805 N N   . LEU A 1 104 ? 5.792   -16.547 -14.051 1.00 24.51 ? 104 LEU A N   1 
ATOM   806 C CA  . LEU A 1 104 ? 7.204   -16.823 -14.365 1.00 28.38 ? 104 LEU A CA  1 
ATOM   807 C C   . LEU A 1 104 ? 7.162   -17.985 -15.363 1.00 33.07 ? 104 LEU A C   1 
ATOM   808 O O   . LEU A 1 104 ? 7.422   -17.846 -16.572 1.00 35.57 ? 104 LEU A O   1 
ATOM   809 C CB  . LEU A 1 104 ? 7.952   -17.259 -13.117 1.00 34.72 ? 104 LEU A CB  1 
ATOM   810 C CG  . LEU A 1 104 ? 9.452   -16.972 -12.975 1.00 38.55 ? 104 LEU A CG  1 
ATOM   811 C CD1 . LEU A 1 104 ? 10.103  -18.170 -12.291 1.00 46.63 ? 104 LEU A CD1 1 
ATOM   812 C CD2 . LEU A 1 104 ? 10.229  -16.642 -14.238 1.00 39.64 ? 104 LEU A CD2 1 
ATOM   813 O OXT . LEU A 1 104 ? 6.767   -19.041 -14.831 1.00 35.28 ? 104 LEU A OXT 1 
HETATM 814 C C1  . LP1 B 2 .   ? 5.906   -8.703  8.344   0.50 11.29 ? 201 LP1 A C1  1 
HETATM 815 C C2  . LP1 B 2 .   ? 7.139   -8.195  7.611   0.50 10.70 ? 201 LP1 A C2  1 
HETATM 816 C C7  . LP1 B 2 .   ? 10.078  -10.001 5.673   0.50 16.02 ? 201 LP1 A C7  1 
HETATM 817 C C8  . LP1 B 2 .   ? 10.492  -9.421  6.854   0.50 23.17 ? 201 LP1 A C8  1 
HETATM 818 C C9  . LP1 B 2 .   ? 11.380  -10.083 7.696   0.50 24.23 ? 201 LP1 A C9  1 
HETATM 819 C C10 . LP1 B 2 .   ? 11.864  -11.342 7.368   0.50 25.61 ? 201 LP1 A C10 1 
HETATM 820 C C11 . LP1 B 2 .   ? 10.538  -11.268 5.320   0.50 22.11 ? 201 LP1 A C11 1 
HETATM 821 C C12 . LP1 B 2 .   ? 11.443  -11.952 6.170   0.50 26.16 ? 201 LP1 A C12 1 
HETATM 822 C C13 . LP1 B 2 .   ? 10.104  -11.892 4.148   0.50 18.78 ? 201 LP1 A C13 1 
HETATM 823 C C14 . LP1 B 2 .   ? 11.887  -13.238 5.832   0.50 25.03 ? 201 LP1 A C14 1 
HETATM 824 C C15 . LP1 B 2 .   ? 10.583  -13.133 3.818   0.50 23.78 ? 201 LP1 A C15 1 
HETATM 825 C C16 . LP1 B 2 .   ? 11.458  -13.784 4.650   0.50 18.44 ? 201 LP1 A C16 1 
HETATM 826 C C20 . LP1 B 2 .   ? 8.361   -5.409  2.913   0.50 12.77 ? 201 LP1 A C20 1 
HETATM 827 C C21 . LP1 B 2 .   ? 9.753   -5.229  2.294   0.50 14.32 ? 201 LP1 A C21 1 
HETATM 828 C C24 . LP1 B 2 .   ? 7.680   -3.177  1.991   0.50 14.46 ? 201 LP1 A C24 1 
HETATM 829 N N26 . LP1 B 2 .   ? 9.929   -5.853  1.150   0.50 8.99  ? 201 LP1 A N26 1 
HETATM 830 C C27 . LP1 B 2 .   ? 11.098  -5.885  0.325   0.50 11.65 ? 201 LP1 A C27 1 
HETATM 831 C C30 . LP1 B 2 .   ? 11.711  -9.427  1.734   0.50 14.30 ? 201 LP1 A C30 1 
HETATM 832 C C31 . LP1 B 2 .   ? 12.891  -7.323  2.427   0.50 13.13 ? 201 LP1 A C31 1 
HETATM 833 C C32 . LP1 B 2 .   ? 10.948  -5.192  -1.078  0.50 17.97 ? 201 LP1 A C32 1 
HETATM 834 C C33 . LP1 B 2 .   ? 11.179  -3.675  -1.029  0.50 13.19 ? 201 LP1 A C33 1 
HETATM 835 C C35 . LP1 B 2 .   ? 12.625  -3.237  -0.776  0.50 14.42 ? 201 LP1 A C35 1 
HETATM 836 O O3  . LP1 B 2 .   ? 7.979   -7.457  8.147   0.50 10.88 ? 201 LP1 A O3  1 
HETATM 837 N N4  . LP1 B 2 .   ? 7.209   -8.596  6.341   0.50 11.25 ? 201 LP1 A N4  1 
HETATM 838 C C5  . LP1 B 2 .   ? 8.342   -8.152  5.517   0.50 14.03 ? 201 LP1 A C5  1 
HETATM 839 C C6  . LP1 B 2 .   ? 9.090   -9.293  4.802   0.50 13.74 ? 201 LP1 A C6  1 
HETATM 840 C C17 . LP1 B 2 .   ? 7.817   -7.345  4.315   0.50 12.11 ? 201 LP1 A C17 1 
HETATM 841 O O18 . LP1 B 2 .   ? 6.883   -7.793  3.680   0.50 10.22 ? 201 LP1 A O18 1 
HETATM 842 N N19 . LP1 B 2 .   ? 8.518   -6.300  4.013   0.50 9.02  ? 201 LP1 A N19 1 
HETATM 843 O O22 . LP1 B 2 .   ? 10.645  -4.537  2.782   0.50 16.78 ? 201 LP1 A O22 1 
HETATM 844 C C23 . LP1 B 2 .   ? 7.691   -4.047  3.234   0.50 11.19 ? 201 LP1 A C23 1 
HETATM 845 C C25 . LP1 B 2 .   ? 6.209   -4.253  3.521   0.50 20.79 ? 201 LP1 A C25 1 
HETATM 846 C C28 . LP1 B 2 .   ? 11.602  -7.359  0.290   0.50 13.55 ? 201 LP1 A C28 1 
HETATM 847 C C29 . LP1 B 2 .   ? 11.709  -7.948  1.748   0.50 10.86 ? 201 LP1 A C29 1 
HETATM 848 O O34 . LP1 B 2 .   ? 9.641   -5.404  -1.623  0.50 20.32 ? 201 LP1 A O34 1 
HETATM 849 O O36 . LP1 B 2 .   ? 13.215  -3.190  0.319   0.50 15.04 ? 201 LP1 A O36 1 
HETATM 850 N N37 . LP1 B 2 .   ? 13.217  -2.937  -1.927  0.50 14.62 ? 201 LP1 A N37 1 
HETATM 851 C C38 . LP1 B 2 .   ? 14.613  -2.575  -2.066  0.50 18.35 ? 201 LP1 A C38 1 
HETATM 852 C C39 . LP1 B 2 .   ? 15.393  -3.874  -2.358  0.50 16.65 ? 201 LP1 A C39 1 
HETATM 853 C C40 . LP1 B 2 .   ? 16.896  -3.805  -2.403  0.50 13.94 ? 201 LP1 A C40 1 
HETATM 854 C C41 A LP1 B 2 .   ? 14.804  -1.597  -3.212  0.30 17.20 ? 201 LP1 A C41 1 
HETATM 855 C C41 B LP1 B 2 .   ? 14.777  -1.626  -3.238  0.20 18.44 ? 201 LP1 A C41 1 
HETATM 856 O O42 A LP1 B 2 .   ? 14.228  -1.835  -4.292  0.30 17.28 ? 201 LP1 A O42 1 
HETATM 857 O O42 B LP1 B 2 .   ? 14.181  -1.848  -4.306  0.20 18.39 ? 201 LP1 A O42 1 
HETATM 858 N N43 A LP1 B 2 .   ? 15.531  -0.492  -2.985  0.30 18.79 ? 201 LP1 A N43 1 
HETATM 859 N N43 B LP1 B 2 .   ? 15.563  -0.579  -2.970  0.20 20.89 ? 201 LP1 A N43 1 
HETATM 860 C C44 A LP1 B 2 .   ? 15.744  0.504   -4.016  0.30 20.28 ? 201 LP1 A C44 1 
HETATM 861 C C44 B LP1 B 2 .   ? 15.788  0.430   -3.974  0.20 23.07 ? 201 LP1 A C44 1 
HETATM 862 C C45 A LP1 B 2 .   ? 14.899  1.794   -3.903  0.30 16.85 ? 201 LP1 A C45 1 
HETATM 863 C C45 B LP1 B 2 .   ? 14.528  1.234   -4.272  0.20 25.22 ? 201 LP1 A C45 1 
HETATM 864 C C46 A LP1 B 2 .   ? 14.512  2.105   -2.459  0.30 19.25 ? 201 LP1 A C46 1 
HETATM 865 C C46 B LP1 B 2 .   ? 14.291  2.438   -3.364  0.20 27.70 ? 201 LP1 A C46 1 
HETATM 866 C C47 A LP1 B 2 .   ? 15.300  2.961   -1.699  0.30 23.57 ? 201 LP1 A C47 1 
HETATM 867 C C47 B LP1 B 2 .   ? 15.013  2.594   -2.188  0.20 30.57 ? 201 LP1 A C47 1 
HETATM 868 C C48 A LP1 B 2 .   ? 14.978  3.241   -0.363  0.30 21.82 ? 201 LP1 A C48 1 
HETATM 869 C C48 B LP1 B 2 .   ? 14.816  3.708   -1.359  0.20 32.71 ? 201 LP1 A C48 1 
HETATM 870 C C49 A LP1 B 2 .   ? 13.884  2.648   0.231   0.30 21.14 ? 201 LP1 A C49 1 
HETATM 871 C C49 B LP1 B 2 .   ? 13.897  4.689   -1.690  0.20 31.47 ? 201 LP1 A C49 1 
HETATM 872 C C50 A LP1 B 2 .   ? 13.406  1.495   -1.857  0.30 19.74 ? 201 LP1 A C50 1 
HETATM 873 C C50 B LP1 B 2 .   ? 13.350  3.419   -3.706  0.20 30.63 ? 201 LP1 A C50 1 
HETATM 874 C C51 A LP1 B 2 .   ? 13.074  1.769   -0.494  0.30 20.69 ? 201 LP1 A C51 1 
HETATM 875 C C51 B LP1 B 2 .   ? 13.147  4.561   -2.866  0.20 31.60 ? 201 LP1 A C51 1 
HETATM 876 C C52 A LP1 B 2 .   ? 12.609  0.604   -2.593  0.30 20.71 ? 201 LP1 A C52 1 
HETATM 877 C C52 B LP1 B 2 .   ? 12.600  3.301   -4.892  0.20 28.90 ? 201 LP1 A C52 1 
HETATM 878 C C53 A LP1 B 2 .   ? 11.970  1.142   0.097   0.30 18.39 ? 201 LP1 A C53 1 
HETATM 879 C C53 B LP1 B 2 .   ? 12.212  5.536   -3.233  0.20 30.85 ? 201 LP1 A C53 1 
HETATM 880 C C54 A LP1 B 2 .   ? 11.524  -0.010  -1.986  0.30 19.13 ? 201 LP1 A C54 1 
HETATM 881 C C54 B LP1 B 2 .   ? 11.684  4.284   -5.218  0.20 30.06 ? 201 LP1 A C54 1 
HETATM 882 C C55 A LP1 B 2 .   ? 11.219  0.258   -0.667  0.30 19.22 ? 201 LP1 A C55 1 
HETATM 883 C C55 B LP1 B 2 .   ? 11.487  5.389   -4.408  0.20 29.90 ? 201 LP1 A C55 1 
HETATM 884 C C56 . LP1 B 2 .   ? 17.214  0.787   -4.281  0.50 21.24 ? 201 LP1 A C56 1 
HETATM 885 O O57 . LP1 B 2 .   ? 18.058  0.703   -3.372  0.50 25.04 ? 201 LP1 A O57 1 
HETATM 886 N N58 . LP1 B 2 .   ? 17.589  1.155   -5.488  0.50 18.88 ? 201 LP1 A N58 1 
HETATM 887 O O   . HOH C 3 .   ? 12.864  -3.082  2.616   0.50 10.26 ? 301 HOH A O   1 
HETATM 888 O O   . HOH C 3 .   ? 5.795   -11.524 -0.291  1.00 17.02 ? 302 HOH A O   1 
HETATM 889 O O   . HOH C 3 .   ? 7.665   -10.709 1.740   1.00 16.93 ? 303 HOH A O   1 
HETATM 890 O O   . HOH C 3 .   ? -11.339 5.660   -2.423  1.00 22.36 ? 304 HOH A O   1 
HETATM 891 O O   . HOH C 3 .   ? -7.964  6.418   7.265   1.00 21.72 ? 305 HOH A O   1 
HETATM 892 O O   . HOH C 3 .   ? 4.132   5.932   -3.824  1.00 32.69 ? 306 HOH A O   1 
HETATM 893 O O   . HOH C 3 .   ? -4.287  -13.023 -7.003  1.00 31.45 ? 307 HOH A O   1 
HETATM 894 O O   . HOH C 3 .   ? 7.351   4.772   10.866  1.00 26.43 ? 308 HOH A O   1 
HETATM 895 O O   . HOH C 3 .   ? 5.375   9.645   -0.055  1.00 28.31 ? 309 HOH A O   1 
HETATM 896 O O   . HOH C 3 .   ? -1.667  -3.452  5.503   1.00 34.80 ? 310 HOH A O   1 
HETATM 897 O O   . HOH C 3 .   ? -8.914  1.023   -13.001 1.00 38.74 ? 311 HOH A O   1 
HETATM 898 O O   . HOH C 3 .   ? 10.446  3.123   13.646  1.00 37.84 ? 312 HOH A O   1 
HETATM 899 O O   . HOH C 3 .   ? 1.796   15.296  3.083   1.00 32.11 ? 313 HOH A O   1 
HETATM 900 O O   . HOH C 3 .   ? -13.991 -4.834  0.882   1.00 36.63 ? 314 HOH A O   1 
HETATM 901 O O   . HOH C 3 .   ? -9.874  16.976  3.929   1.00 33.67 ? 315 HOH A O   1 
HETATM 902 O O   . HOH C 3 .   ? 8.317   -1.562  -18.245 1.00 36.56 ? 316 HOH A O   1 
HETATM 903 O O   . HOH C 3 .   ? 6.874   -2.718  -14.968 1.00 22.42 ? 317 HOH A O   1 
HETATM 904 O O   . HOH C 3 .   ? -3.701  -1.978  14.657  1.00 48.31 ? 318 HOH A O   1 
HETATM 905 O O   . HOH C 3 .   ? -6.803  -13.100 -6.302  1.00 36.72 ? 319 HOH A O   1 
HETATM 906 O O   . HOH C 3 .   ? -2.593  -4.287  7.737   1.00 51.53 ? 320 HOH A O   1 
HETATM 907 O O   . HOH C 3 .   ? 2.596   -1.297  -17.466 1.00 44.90 ? 321 HOH A O   1 
HETATM 908 O O   . HOH C 3 .   ? 8.580   -7.846  10.756  1.00 46.74 ? 322 HOH A O   1 
HETATM 909 O O   . HOH C 3 .   ? -4.003  -16.619 -10.818 1.00 61.42 ? 323 HOH A O   1 
HETATM 910 O O   . HOH C 3 .   ? 3.460   -11.370 7.303   1.00 59.57 ? 324 HOH A O   1 
HETATM 911 O O   . HOH C 3 .   ? -0.321  -11.073 3.383   1.00 38.91 ? 325 HOH A O   1 
HETATM 912 O O   . HOH C 3 .   ? -3.558  13.211  -5.011  1.00 49.90 ? 326 HOH A O   1 
HETATM 913 O O   . HOH C 3 .   ? 4.244   5.004   11.891  1.00 44.23 ? 327 HOH A O   1 
HETATM 914 O O   . HOH C 3 .   ? 9.446   9.213   -2.475  1.00 49.18 ? 328 HOH A O   1 
HETATM 915 O O   . HOH C 3 .   ? 3.932   11.270  -4.805  1.00 36.74 ? 329 HOH A O   1 
HETATM 916 O O   . HOH C 3 .   ? -9.569  10.494  14.554  1.00 69.85 ? 330 HOH A O   1 
HETATM 917 O O   . HOH C 3 .   ? 4.138   1.792   -14.414 1.00 37.18 ? 331 HOH A O   1 
HETATM 918 O O   . HOH C 3 .   ? 2.679   15.755  0.941   1.00 43.57 ? 332 HOH A O   1 
HETATM 919 O O   . HOH C 3 .   ? 3.727   7.945   11.027  1.00 50.94 ? 333 HOH A O   1 
HETATM 920 O O   . HOH C 3 .   ? -6.406  -10.487 1.513   1.00 51.86 ? 334 HOH A O   1 
HETATM 921 O O   . HOH C 3 .   ? -7.796  -7.072  2.152   1.00 59.42 ? 335 HOH A O   1 
HETATM 922 O O   . HOH C 3 .   ? 7.451   3.270   -12.724 1.00 36.47 ? 336 HOH A O   1 
HETATM 923 O O   . HOH C 3 .   ? 2.992   15.510  5.292   1.00 40.35 ? 337 HOH A O   1 
HETATM 924 O O   . HOH C 3 .   ? 1.422   9.918   -5.745  1.00 40.36 ? 338 HOH A O   1 
HETATM 925 O O   . HOH C 3 .   ? 10.962  -7.760  12.405  1.00 51.10 ? 339 HOH A O   1 
HETATM 926 O O   . HOH C 3 .   ? 3.602   13.250  -0.716  1.00 53.64 ? 340 HOH A O   1 
HETATM 927 O O   . HOH C 3 .   ? 3.263   5.557   14.424  1.00 58.77 ? 341 HOH A O   1 
HETATM 928 O O   . HOH C 3 .   ? 13.304  -7.549  10.740  1.00 52.66 ? 342 HOH A O   1 
HETATM 929 O O   . HOH C 3 .   ? 11.401  2.667   -12.669 1.00 31.59 ? 343 HOH A O   1 
HETATM 930 O O   . HOH C 3 .   ? 2.023   -3.254  12.347  1.00 41.66 ? 344 HOH A O   1 
HETATM 931 O O   . HOH C 3 .   ? -18.124 5.106   -3.336  0.50 56.16 ? 345 HOH A O   1 
HETATM 932 O O   . HOH C 3 .   ? -9.433  -4.823  8.511   1.00 72.77 ? 346 HOH A O   1 
HETATM 933 O O   . HOH C 3 .   ? -11.058 -0.981  10.009  1.00 68.80 ? 347 HOH A O   1 
HETATM 934 O O   . HOH C 3 .   ? -17.453 5.919   -6.004  1.00 83.57 ? 348 HOH A O   1 
HETATM 935 O O   . HOH C 3 .   ? 4.814   3.294   16.970  1.00 56.70 ? 349 HOH A O   1 
HETATM 936 O O   . HOH C 3 .   ? 1.438   6.081   15.649  1.00 49.69 ? 350 HOH A O   1 
HETATM 937 O O   . HOH C 3 .   ? 19.058  -5.729  6.735   1.00 50.21 ? 351 HOH A O   1 
HETATM 938 O O   . HOH C 3 .   ? -0.088  -4.741  13.813  1.00 47.79 ? 352 HOH A O   1 
HETATM 939 O O   . HOH C 3 .   ? 8.920   5.098   -9.656  1.00 51.34 ? 353 HOH A O   1 
HETATM 940 O O   . HOH C 3 .   ? 4.367   0.533   16.228  1.00 44.18 ? 354 HOH A O   1 
HETATM 941 O O   . HOH C 3 .   ? -6.851  -7.948  5.419   1.00 69.48 ? 355 HOH A O   1 
HETATM 942 O O   . HOH C 3 .   ? 1.495   -12.816 5.158   1.00 64.17 ? 356 HOH A O   1 
HETATM 943 O O   . HOH C 3 .   ? -0.177  17.289  4.137   1.00 53.21 ? 357 HOH A O   1 
HETATM 944 O O   . HOH C 3 .   ? 0.977   8.709   -9.307  1.00 45.15 ? 358 HOH A O   1 
HETATM 945 O O   . HOH C 3 .   ? 11.338  8.077   -0.069  1.00 46.40 ? 359 HOH A O   1 
HETATM 946 O O   . HOH C 3 .   ? 15.399  -6.655  8.618   1.00 42.92 ? 360 HOH A O   1 
HETATM 947 O O   . HOH C 3 .   ? 17.651  -6.419  8.950   1.00 53.51 ? 361 HOH A O   1 
HETATM 948 O O   . HOH C 3 .   ? 8.561   -5.631  13.575  1.00 38.26 ? 362 HOH A O   1 
HETATM 949 O O   . HOH C 3 .   ? -11.624 1.930   -10.926 1.00 49.80 ? 363 HOH A O   1 
HETATM 950 O O   . HOH C 3 .   ? -13.120 2.773   12.137  1.00 82.72 ? 364 HOH A O   1 
HETATM 951 O O   . HOH C 3 .   ? 5.982   -1.738  -17.216 1.00 48.66 ? 365 HOH A O   1 
HETATM 952 O O   . HOH C 3 .   ? -12.949 7.973   2.427   1.00 41.18 ? 366 HOH A O   1 
HETATM 953 O O   . HOH C 3 .   ? -14.029 0.980   9.076   1.00 75.72 ? 367 HOH A O   1 
HETATM 954 O O   . HOH C 3 .   ? -16.285 -3.847  -5.534  1.00 57.14 ? 368 HOH A O   1 
HETATM 955 O O   . HOH C 3 .   ? -11.148 13.967  -4.500  1.00 79.02 ? 369 HOH A O   1 
HETATM 956 O O   . HOH C 3 .   ? 5.398   4.661   -6.408  1.00 43.69 ? 370 HOH A O   1 
HETATM 957 O O   . HOH C 3 .   ? 0.373   -11.111 -20.097 1.00 72.58 ? 371 HOH A O   1 
HETATM 958 O O   . HOH C 3 .   ? 15.988  -2.644  13.639  1.00 50.70 ? 372 HOH A O   1 
HETATM 959 O O   . HOH C 3 .   ? 7.805   4.079   -7.441  1.00 55.37 ? 373 HOH A O   1 
HETATM 960 O O   . HOH C 3 .   ? 10.431  5.571   11.769  1.00 47.66 ? 374 HOH A O   1 
HETATM 961 O O   . HOH C 3 .   ? 5.407   4.431   -15.024 1.00 61.47 ? 375 HOH A O   1 
HETATM 962 O O   . HOH C 3 .   ? -3.635  -3.809  11.168  1.00 71.42 ? 376 HOH A O   1 
HETATM 963 O O   . HOH C 3 .   ? 7.470   -9.641  -19.948 1.00 63.92 ? 377 HOH A O   1 
HETATM 964 O O   . HOH C 3 .   ? 14.793  1.515   11.655  1.00 70.47 ? 378 HOH A O   1 
HETATM 965 O O   . HOH C 3 .   ? -16.827 8.214   -3.491  1.00 64.77 ? 379 HOH A O   1 
HETATM 966 O O   . HOH C 3 .   ? -2.872  13.518  9.743   1.00 70.23 ? 380 HOH A O   1 
HETATM 967 O O   . HOH C 3 .   ? -10.024 10.835  11.752  1.00 39.01 ? 381 HOH A O   1 
HETATM 968 O O   . HOH C 3 .   ? 6.613   11.223  9.415   1.00 58.63 ? 382 HOH A O   1 
HETATM 969 O O   . HOH C 3 .   ? 4.725   8.126   -5.101  1.00 63.59 ? 383 HOH A O   1 
HETATM 970 O O   . HOH C 3 .   ? -3.297  -2.285  -13.662 1.00 69.90 ? 384 HOH A O   1 
HETATM 971 O O   . HOH C 3 .   ? -6.746  16.334  4.672   1.00 68.05 ? 385 HOH A O   1 
HETATM 972 O O   . HOH C 3 .   ? -4.979  15.825  -1.709  1.00 67.41 ? 386 HOH A O   1 
HETATM 973 O O   . HOH C 3 .   ? -5.903  -5.039  -18.182 1.00 77.66 ? 387 HOH A O   1 
HETATM 974 O O   . HOH C 3 .   ? -7.434  8.709   15.538  1.00 80.56 ? 388 HOH A O   1 
HETATM 975 O O   . HOH C 3 .   ? 7.354   6.543   13.434  1.00 66.59 ? 389 HOH A O   1 
HETATM 976 O O   . HOH C 3 .   ? 10.850  4.931   -18.984 1.00 60.81 ? 390 HOH A O   1 
HETATM 977 O O   . HOH C 3 .   ? -6.150  -6.149  7.773   1.00 73.23 ? 391 HOH A O   1 
HETATM 978 O O   . HOH C 3 .   ? -16.223 5.294   -1.074  1.00 84.32 ? 392 HOH A O   1 
HETATM 979 O O   . HOH C 3 .   ? -1.395  -8.335  6.589   1.00 84.99 ? 393 HOH A O   1 
HETATM 980 O O   . HOH C 3 .   ? -12.184 0.499   5.418   1.00 70.45 ? 394 HOH A O   1 
HETATM 981 O O   . HOH C 3 .   ? 6.755   8.961   -1.713  1.00 50.87 ? 395 HOH A O   1 
HETATM 982 O O   . HOH C 3 .   ? 9.546   7.901   -9.364  1.00 83.20 ? 396 HOH A O   1 
HETATM 983 O O   . HOH C 3 .   ? 15.459  -2.120  -16.054 1.00 56.41 ? 397 HOH A O   1 
HETATM 984 O O   . HOH C 3 .   ? -4.286  12.216  12.208  1.00 77.94 ? 400 HOH A O   1 
HETATM 985 O O   . HOH C 3 .   ? -3.587  -3.706  3.771   1.00 73.74 ? 498 HOH A O   1 
HETATM 986 O O   . HOH C 3 .   ? -4.553  -10.293 -13.139 1.00 78.96 ? 499 HOH A O   1 
# 
